data_5YE5
#
_entry.id   5YE5
#
loop_
_entity.id
_entity.type
_entity.pdbx_description
1 polymer 'mammalian endo-lysosomal TRPML1 channel'
2 non-polymer 2-acetamido-2-deoxy-beta-D-glucopyranose
#
_entity_poly.entity_id   1
_entity_poly.type   'polypeptide(L)'
_entity_poly.pdbx_seq_one_letter_code
;MATPAGRRASETERLLTPNPGYGTQVGTSPAPTTPTEEEDLRRRLKYFFMSPCDKFRAKGRKPCKLMLQVVKILVVTVQL
ILFGLSNQLVVTFREENTIAFRHLFLLGYSDGSDDTFAAYTQEQLYQAIFYAVDQYLILPEISLGRYAYVRGGGGPWANG
SALALCQRYYHRGHVDPANDTFDIDPRVVTDCIQVDPPDRPPDIPSEDLDFLDGSASYKNLTLKFHKLINVTIHFQLKTI
NLQSLINNEIPDCYTFSILITFDNKAHSGRIPIRLETKTHIQECKHPSVSRHGDNSFRLLFDVVVILTCSLSFLLCARSL
LRGFLLQNEFVVFMWRRRGREISLWERLEFVNGWYILLVTSDVLTISGTVMKIGIEAKNLASYDVCSILLGTSTLLVWVG
VIRYLTFFHKYNILIATLRVALPSVMRFCCCVAVIYLGYCFCGWIVLGPYHVKFRSLSMVSECLFSLINGDDMFVTFAAM
QAQQGHSSLVWLFSQLYLYSFISLFIYMVLSLFIALITGAYDTIKHPGGTGTEKSELQAYIEQCQDSPTSGKFRRGSGSA
CSLFCCCGRDSPEDHSLLVN
;
_entity_poly.pdbx_strand_id   A,B,C,D
#
# COMPACT_ATOMS: atom_id res chain seq x y z
N THR A 36 25.80 10.09 55.38
CA THR A 36 25.07 10.24 54.13
C THR A 36 25.88 9.72 52.96
N GLU A 37 27.18 9.54 53.18
CA GLU A 37 28.07 9.09 52.13
C GLU A 37 27.62 7.73 51.65
N GLU A 38 27.21 6.90 52.60
CA GLU A 38 26.71 5.58 52.28
C GLU A 38 25.47 5.71 51.40
N GLU A 39 24.63 6.67 51.73
CA GLU A 39 23.42 6.91 50.95
C GLU A 39 23.75 7.32 49.51
N ASP A 40 24.77 8.15 49.37
CA ASP A 40 25.21 8.58 48.04
C ASP A 40 25.73 7.37 47.27
N LEU A 41 26.43 6.50 47.98
CA LEU A 41 26.98 5.29 47.38
C LEU A 41 25.84 4.40 46.89
N ARG A 42 24.77 4.35 47.69
CA ARG A 42 23.58 3.58 47.35
C ARG A 42 22.93 4.14 46.11
N ARG A 43 22.87 5.46 46.01
CA ARG A 43 22.30 6.11 44.85
C ARG A 43 23.13 5.74 43.63
N ARG A 44 24.44 5.72 43.82
CA ARG A 44 25.37 5.37 42.75
C ARG A 44 25.18 3.93 42.26
N LEU A 45 24.95 3.03 43.21
CA LEU A 45 24.79 1.62 42.88
C LEU A 45 25.86 1.16 41.89
N PRO A 52 27.91 -2.81 38.72
CA PRO A 52 29.23 -2.27 39.02
C PRO A 52 29.52 -2.28 40.51
N CYS A 53 28.54 -1.86 41.30
CA CYS A 53 28.71 -1.77 42.74
C CYS A 53 28.99 -3.15 43.33
N ASP A 54 28.30 -4.16 42.81
CA ASP A 54 28.50 -5.51 43.28
C ASP A 54 29.94 -5.94 42.99
N LYS A 55 30.44 -5.52 41.85
CA LYS A 55 31.80 -5.80 41.43
C LYS A 55 32.75 -5.18 42.44
N PHE A 56 32.37 -4.02 42.94
CA PHE A 56 33.12 -3.34 43.98
C PHE A 56 33.07 -4.20 45.24
N ARG A 57 32.13 -5.12 45.28
CA ARG A 57 31.81 -5.89 46.47
C ARG A 57 32.99 -6.68 47.02
N ARG A 61 23.24 -11.37 43.72
CA ARG A 61 22.56 -11.28 45.01
C ARG A 61 21.24 -10.52 44.87
N LYS A 62 21.23 -9.28 45.32
CA LYS A 62 20.04 -8.46 45.22
C LYS A 62 19.76 -8.37 43.72
N PRO A 63 20.84 -8.23 42.97
CA PRO A 63 20.76 -8.16 41.51
C PRO A 63 20.21 -9.48 40.99
N CYS A 64 20.62 -10.57 41.62
CA CYS A 64 20.17 -11.90 41.19
C CYS A 64 18.66 -11.97 41.33
N LYS A 65 18.14 -11.43 42.42
CA LYS A 65 16.69 -11.41 42.62
C LYS A 65 16.16 -10.62 41.43
N LEU A 66 16.57 -9.36 41.36
CA LEU A 66 16.17 -8.53 40.25
C LEU A 66 16.43 -9.33 38.97
N MET A 67 17.60 -9.99 38.94
CA MET A 67 17.95 -10.82 37.81
C MET A 67 16.99 -11.98 37.66
N LEU A 68 16.64 -12.60 38.79
CA LEU A 68 15.75 -13.74 38.78
C LEU A 68 14.39 -13.35 38.24
N GLN A 69 13.92 -12.17 38.64
CA GLN A 69 12.58 -11.76 38.32
C GLN A 69 12.38 -11.64 36.82
N VAL A 70 13.35 -11.07 36.12
CA VAL A 70 13.22 -10.96 34.67
C VAL A 70 13.18 -12.37 34.12
N VAL A 71 14.10 -13.21 34.59
CA VAL A 71 14.06 -14.62 34.27
C VAL A 71 12.81 -15.20 34.92
N LYS A 72 12.59 -14.80 36.16
CA LYS A 72 11.39 -15.22 36.86
C LYS A 72 10.29 -14.53 36.09
N ILE A 73 10.44 -13.22 35.95
CA ILE A 73 9.47 -12.46 35.18
C ILE A 73 9.53 -12.92 33.72
N LEU A 74 10.74 -13.14 33.22
CA LEU A 74 10.89 -13.58 31.84
C LEU A 74 10.23 -14.95 31.69
N VAL A 75 10.41 -15.82 32.67
CA VAL A 75 9.81 -17.14 32.63
C VAL A 75 8.30 -17.08 32.64
N VAL A 76 7.74 -16.20 33.47
CA VAL A 76 6.30 -16.07 33.56
C VAL A 76 5.81 -15.62 32.20
N THR A 77 6.56 -14.70 31.62
CA THR A 77 6.29 -14.25 30.26
C THR A 77 6.33 -15.49 29.40
N VAL A 78 7.40 -16.28 29.54
CA VAL A 78 7.47 -17.49 28.78
C VAL A 78 6.22 -18.32 29.01
N GLN A 79 5.77 -18.37 30.26
CA GLN A 79 4.58 -19.12 30.59
C GLN A 79 3.38 -18.51 29.88
N LEU A 80 3.33 -17.19 29.85
CA LEU A 80 2.23 -16.51 29.19
C LEU A 80 2.23 -16.83 27.70
N ILE A 81 3.41 -16.83 27.08
CA ILE A 81 3.51 -17.10 25.66
C ILE A 81 3.05 -18.54 25.43
N LEU A 82 3.48 -19.41 26.32
CA LEU A 82 3.08 -20.80 26.30
C LEU A 82 1.60 -20.86 26.54
N PHE A 83 1.12 -20.02 27.45
CA PHE A 83 -0.31 -19.98 27.67
C PHE A 83 -0.89 -19.36 26.43
N GLY A 84 -0.23 -18.31 25.95
CA GLY A 84 -0.67 -17.58 24.80
C GLY A 84 -0.69 -18.47 23.57
N LEU A 85 0.35 -19.26 23.39
CA LEU A 85 0.38 -20.16 22.23
C LEU A 85 -0.76 -21.16 22.29
N SER A 86 -0.99 -21.72 23.47
CA SER A 86 -2.05 -22.72 23.60
C SER A 86 -3.38 -22.05 23.28
N ASN A 87 -3.53 -20.84 23.80
CA ASN A 87 -4.75 -20.09 23.67
C ASN A 87 -4.99 -19.80 22.20
N GLN A 88 -3.92 -19.45 21.50
CA GLN A 88 -3.99 -19.13 20.09
C GLN A 88 -4.43 -20.34 19.30
N LEU A 89 -3.89 -21.51 19.63
CA LEU A 89 -4.30 -22.70 18.91
C LEU A 89 -5.79 -22.94 19.14
N VAL A 90 -6.08 -22.92 20.44
CA VAL A 90 -7.41 -22.97 21.01
C VAL A 90 -8.06 -21.71 20.50
N VAL A 91 -7.29 -20.63 20.41
CA VAL A 91 -7.76 -19.45 19.72
C VAL A 91 -7.98 -19.92 18.28
N THR A 92 -7.07 -20.76 17.80
CA THR A 92 -7.20 -21.31 16.47
C THR A 92 -8.47 -22.15 16.41
N PHE A 93 -8.72 -22.89 17.48
CA PHE A 93 -9.88 -23.77 17.48
C PHE A 93 -11.12 -22.91 17.37
N ARG A 94 -11.14 -21.82 18.11
CA ARG A 94 -12.28 -20.93 18.14
C ARG A 94 -12.50 -20.32 16.77
N GLU A 95 -11.43 -19.92 16.11
CA GLU A 95 -11.57 -19.32 14.79
C GLU A 95 -12.16 -20.32 13.81
N GLU A 96 -11.67 -21.56 13.90
CA GLU A 96 -12.15 -22.56 12.97
C GLU A 96 -13.63 -22.76 13.23
N ASN A 97 -13.97 -22.81 14.52
CA ASN A 97 -15.34 -23.08 14.89
C ASN A 97 -16.22 -21.97 14.36
N THR A 98 -15.76 -20.74 14.47
CA THR A 98 -16.56 -19.61 14.03
C THR A 98 -16.80 -19.66 12.52
N ILE A 99 -15.74 -19.95 11.77
CA ILE A 99 -15.92 -19.97 10.33
C ILE A 99 -16.96 -21.03 10.03
N ALA A 100 -16.81 -22.17 10.69
CA ALA A 100 -17.67 -23.30 10.41
C ALA A 100 -19.11 -22.98 10.73
N PHE A 101 -19.32 -22.31 11.86
CA PHE A 101 -20.66 -22.00 12.32
C PHE A 101 -21.30 -21.08 11.33
N ARG A 102 -20.53 -20.12 10.85
CA ARG A 102 -21.11 -19.16 9.93
C ARG A 102 -21.54 -19.93 8.70
N HIS A 103 -20.63 -20.73 8.16
CA HIS A 103 -20.96 -21.50 6.98
C HIS A 103 -22.10 -22.46 7.29
N LEU A 104 -22.04 -23.10 8.44
CA LEU A 104 -23.05 -24.09 8.79
C LEU A 104 -24.46 -23.54 8.96
N PHE A 105 -24.59 -22.42 9.66
CA PHE A 105 -25.89 -21.85 9.96
C PHE A 105 -26.34 -20.74 9.01
N LEU A 106 -25.48 -20.41 8.05
CA LEU A 106 -25.71 -19.26 7.18
C LEU A 106 -26.07 -19.72 5.78
N LEU A 107 -27.09 -19.11 5.19
CA LEU A 107 -27.50 -19.46 3.84
C LEU A 107 -27.16 -18.33 2.88
N GLY A 108 -26.47 -18.67 1.80
CA GLY A 108 -26.06 -17.67 0.84
C GLY A 108 -24.83 -16.95 1.32
N TYR A 109 -24.27 -17.41 2.43
CA TYR A 109 -23.10 -16.78 3.01
C TYR A 109 -21.92 -16.90 2.08
N SER A 110 -21.12 -15.85 2.01
CA SER A 110 -19.91 -15.87 1.18
C SER A 110 -18.77 -15.27 1.98
N ASP A 111 -17.54 -15.71 1.71
CA ASP A 111 -16.38 -15.15 2.39
C ASP A 111 -16.21 -13.69 2.02
N GLY A 112 -15.95 -12.86 3.02
CA GLY A 112 -15.80 -11.44 2.78
C GLY A 112 -17.16 -10.79 2.60
N SER A 113 -18.21 -11.59 2.77
CA SER A 113 -19.59 -11.11 2.67
C SER A 113 -20.10 -10.66 4.03
N ASP A 114 -19.27 -10.84 5.04
CA ASP A 114 -19.65 -10.50 6.40
C ASP A 114 -19.95 -9.01 6.41
N ASP A 115 -19.14 -8.24 5.70
CA ASP A 115 -19.31 -6.81 5.72
C ASP A 115 -20.71 -6.52 5.20
N THR A 116 -21.14 -7.24 4.18
CA THR A 116 -22.44 -6.99 3.61
C THR A 116 -23.57 -8.02 3.79
N PHE A 117 -23.36 -9.08 4.56
CA PHE A 117 -24.41 -10.11 4.53
C PHE A 117 -25.72 -9.56 5.11
N ALA A 118 -26.77 -9.54 4.31
CA ALA A 118 -28.05 -9.01 4.76
C ALA A 118 -29.24 -9.46 3.90
N ALA A 119 -30.45 -9.29 4.44
CA ALA A 119 -31.67 -9.64 3.71
C ALA A 119 -32.32 -8.34 3.23
N TYR A 120 -32.92 -8.37 2.04
CA TYR A 120 -33.56 -7.18 1.48
C TYR A 120 -35.04 -7.33 1.16
N THR A 121 -35.51 -8.57 1.17
CA THR A 121 -36.90 -8.84 0.83
C THR A 121 -37.49 -9.81 1.84
N GLN A 122 -38.79 -9.73 2.03
CA GLN A 122 -39.46 -10.60 2.98
C GLN A 122 -39.20 -12.01 2.47
N GLU A 123 -39.28 -12.17 1.17
CA GLU A 123 -38.96 -13.45 0.58
C GLU A 123 -37.51 -13.70 0.92
N GLN A 124 -36.70 -12.64 0.81
CA GLN A 124 -35.31 -12.75 1.19
C GLN A 124 -35.15 -13.03 2.68
N LEU A 125 -35.92 -12.32 3.50
CA LEU A 125 -35.77 -12.46 4.94
C LEU A 125 -36.09 -13.85 5.42
N TYR A 126 -37.16 -14.42 4.90
CA TYR A 126 -37.65 -15.70 5.37
C TYR A 126 -36.68 -16.84 5.13
N GLN A 127 -36.04 -16.84 3.95
CA GLN A 127 -35.30 -18.01 3.50
C GLN A 127 -34.16 -18.39 4.43
N ALA A 128 -33.41 -17.39 4.87
CA ALA A 128 -32.30 -17.69 5.78
C ALA A 128 -32.85 -18.27 7.08
N ILE A 129 -33.93 -17.66 7.58
CA ILE A 129 -34.46 -18.07 8.86
C ILE A 129 -34.89 -19.51 8.72
N PHE A 130 -35.54 -19.82 7.60
CA PHE A 130 -35.89 -21.21 7.35
C PHE A 130 -34.58 -21.96 7.24
N TYR A 131 -33.62 -21.35 6.55
CA TYR A 131 -32.35 -22.03 6.29
C TYR A 131 -31.68 -22.30 7.62
N ALA A 132 -31.69 -21.32 8.49
CA ALA A 132 -31.09 -21.50 9.81
C ALA A 132 -31.87 -22.58 10.51
N VAL A 133 -33.18 -22.54 10.35
CA VAL A 133 -34.05 -23.46 11.07
C VAL A 133 -33.68 -24.86 10.66
N ASP A 134 -33.38 -25.03 9.38
CA ASP A 134 -33.11 -26.36 8.85
C ASP A 134 -31.91 -26.95 9.58
N GLN A 135 -30.91 -26.13 9.82
CA GLN A 135 -29.67 -26.64 10.39
C GLN A 135 -29.91 -27.28 11.75
N TYR A 136 -30.73 -26.65 12.57
CA TYR A 136 -30.97 -27.17 13.90
C TYR A 136 -31.62 -28.54 13.74
N LEU A 137 -32.55 -28.64 12.80
CA LEU A 137 -33.28 -29.88 12.57
C LEU A 137 -32.43 -31.06 12.10
N ILE A 138 -31.47 -30.76 11.23
CA ILE A 138 -30.77 -31.78 10.42
C ILE A 138 -29.27 -31.90 10.69
N LEU A 139 -28.77 -31.14 11.66
CA LEU A 139 -27.34 -31.14 11.99
C LEU A 139 -26.64 -32.50 12.10
N PRO A 140 -27.18 -33.44 12.89
CA PRO A 140 -26.53 -34.75 13.02
C PRO A 140 -26.35 -35.48 11.70
N GLU A 141 -27.20 -35.18 10.73
CA GLU A 141 -27.14 -35.84 9.42
C GLU A 141 -26.31 -35.13 8.36
N ILE A 142 -25.88 -33.88 8.59
CA ILE A 142 -25.11 -33.18 7.57
C ILE A 142 -23.77 -32.61 7.97
N SER A 143 -23.58 -32.29 9.24
CA SER A 143 -22.34 -31.70 9.71
C SER A 143 -21.13 -32.64 9.71
N LEU A 144 -19.95 -32.06 9.49
CA LEU A 144 -18.70 -32.82 9.47
C LEU A 144 -18.15 -32.90 10.89
N GLY A 145 -18.89 -32.34 11.83
CA GLY A 145 -18.46 -32.38 13.22
C GLY A 145 -19.44 -33.22 14.01
N ARG A 146 -19.15 -33.42 15.29
CA ARG A 146 -20.06 -34.17 16.14
C ARG A 146 -20.51 -33.27 17.27
N TYR A 147 -21.71 -32.74 17.14
CA TYR A 147 -22.24 -31.83 18.14
C TYR A 147 -23.41 -32.42 18.90
N ALA A 148 -23.45 -32.12 20.19
CA ALA A 148 -24.53 -32.54 21.07
C ALA A 148 -25.05 -31.32 21.83
N TYR A 149 -26.36 -31.12 21.83
CA TYR A 149 -26.96 -30.00 22.55
C TYR A 149 -28.13 -30.46 23.42
N VAL A 150 -28.13 -30.09 24.70
CA VAL A 150 -29.22 -30.48 25.59
C VAL A 150 -29.49 -29.41 26.65
N ARG A 151 -30.75 -29.28 27.08
CA ARG A 151 -31.07 -28.30 28.11
C ARG A 151 -30.57 -26.93 27.65
N GLY A 152 -29.82 -26.26 28.53
CA GLY A 152 -29.24 -24.98 28.22
C GLY A 152 -30.08 -23.79 27.78
N GLY A 153 -31.21 -23.59 28.46
CA GLY A 153 -32.16 -22.54 28.13
C GLY A 153 -31.69 -21.11 28.35
N GLY A 154 -32.13 -20.23 27.45
CA GLY A 154 -31.76 -18.82 27.52
C GLY A 154 -32.79 -17.99 26.79
N GLY A 155 -32.77 -16.67 26.98
CA GLY A 155 -31.85 -16.00 27.89
C GLY A 155 -32.66 -15.38 29.01
N PRO A 156 -33.95 -15.24 28.72
CA PRO A 156 -34.95 -14.84 29.72
C PRO A 156 -35.11 -16.14 30.57
N TRP A 157 -35.62 -16.05 31.80
CA TRP A 157 -35.71 -17.27 32.61
C TRP A 157 -36.56 -18.39 31.98
N ALA A 158 -35.94 -19.58 31.90
CA ALA A 158 -36.55 -20.79 31.37
C ALA A 158 -36.43 -20.84 29.84
N ASN A 159 -36.40 -22.04 29.25
CA ASN A 159 -36.37 -23.32 29.94
C ASN A 159 -35.39 -24.23 29.17
N GLY A 160 -35.87 -24.62 27.99
CA GLY A 160 -35.18 -25.48 27.05
C GLY A 160 -35.50 -25.03 25.63
N SER A 161 -34.69 -25.45 24.66
CA SER A 161 -34.96 -25.03 23.28
C SER A 161 -34.70 -26.13 22.27
N ALA A 162 -33.43 -26.45 22.03
CA ALA A 162 -32.29 -25.80 22.68
C ALA A 162 -32.21 -24.31 22.34
N LEU A 163 -32.54 -23.97 21.10
CA LEU A 163 -32.51 -22.58 20.64
C LEU A 163 -33.91 -22.00 20.50
N ALA A 164 -34.07 -20.75 20.96
CA ALA A 164 -35.35 -20.07 20.89
C ALA A 164 -35.38 -19.01 19.79
N LEU A 165 -36.40 -19.12 18.94
CA LEU A 165 -36.57 -18.20 17.81
C LEU A 165 -37.36 -17.03 18.38
N CYS A 166 -36.66 -15.93 18.69
CA CYS A 166 -37.31 -14.77 19.28
C CYS A 166 -37.61 -13.59 18.36
N GLN A 167 -38.68 -12.89 18.69
CA GLN A 167 -39.14 -11.74 17.92
C GLN A 167 -39.32 -10.53 18.83
N ARG A 168 -38.68 -9.42 18.52
CA ARG A 168 -38.82 -8.19 19.30
C ARG A 168 -39.43 -7.11 18.45
N TYR A 169 -40.50 -6.49 18.97
CA TYR A 169 -41.21 -5.43 18.26
C TYR A 169 -41.82 -4.45 19.24
N TYR A 170 -42.15 -3.26 18.74
CA TYR A 170 -42.76 -2.23 19.59
C TYR A 170 -44.15 -2.66 20.04
N HIS A 171 -44.43 -2.53 21.34
CA HIS A 171 -45.73 -2.90 21.88
C HIS A 171 -46.83 -2.29 20.99
N ARG A 172 -46.61 -1.05 20.58
CA ARG A 172 -47.54 -0.35 19.71
C ARG A 172 -46.75 0.37 18.62
N GLY A 173 -47.08 0.07 17.37
CA GLY A 173 -46.36 0.69 16.28
C GLY A 173 -47.19 1.06 15.07
N HIS A 174 -48.03 2.08 15.21
CA HIS A 174 -48.82 2.55 14.09
C HIS A 174 -47.84 3.43 13.31
N VAL A 175 -47.52 3.01 12.10
CA VAL A 175 -46.56 3.74 11.26
C VAL A 175 -47.18 4.00 9.89
N ASP A 176 -47.47 5.27 9.63
CA ASP A 176 -48.13 5.63 8.39
C ASP A 176 -47.44 6.79 7.64
N PRO A 177 -46.36 6.47 6.92
CA PRO A 177 -45.62 7.49 6.17
C PRO A 177 -46.47 8.22 5.12
N ALA A 178 -47.44 7.52 4.56
CA ALA A 178 -48.29 8.14 3.55
C ALA A 178 -48.96 9.42 4.10
N ASN A 179 -49.30 9.43 5.39
CA ASN A 179 -49.92 10.62 5.99
C ASN A 179 -49.02 11.33 6.98
N ASP A 180 -47.74 11.03 6.86
CA ASP A 180 -46.68 11.56 7.68
C ASP A 180 -46.88 11.41 9.19
N THR A 181 -47.55 10.34 9.60
CA THR A 181 -47.73 10.13 11.01
C THR A 181 -47.45 8.77 11.53
N PHE A 182 -47.28 8.74 12.84
CA PHE A 182 -47.06 7.51 13.48
C PHE A 182 -47.52 7.67 14.90
N ASP A 183 -47.73 6.54 15.54
CA ASP A 183 -48.12 6.53 16.91
C ASP A 183 -47.49 5.31 17.49
N ILE A 184 -46.57 5.60 18.40
CA ILE A 184 -45.76 4.57 18.95
C ILE A 184 -45.57 4.42 20.42
N ASP A 185 -45.62 3.18 20.84
CA ASP A 185 -45.32 2.88 22.20
C ASP A 185 -44.07 2.08 21.99
N PRO A 186 -42.93 2.68 22.29
CA PRO A 186 -41.66 1.99 22.10
C PRO A 186 -41.22 0.87 23.02
N ARG A 187 -42.10 0.47 23.94
CA ARG A 187 -41.74 -0.62 24.83
C ARG A 187 -41.56 -1.83 23.92
N VAL A 188 -40.49 -2.58 24.12
CA VAL A 188 -40.22 -3.73 23.29
C VAL A 188 -40.82 -5.00 23.84
N VAL A 189 -41.52 -5.73 22.99
CA VAL A 189 -42.14 -6.98 23.38
C VAL A 189 -41.33 -8.10 22.74
N THR A 190 -41.06 -9.16 23.50
CA THR A 190 -40.31 -10.29 22.96
C THR A 190 -41.13 -11.57 22.88
N ASP A 191 -41.43 -12.03 21.67
CA ASP A 191 -42.16 -13.27 21.50
C ASP A 191 -41.15 -14.32 21.04
N CYS A 192 -41.03 -15.40 21.81
CA CYS A 192 -40.08 -16.44 21.44
C CYS A 192 -40.76 -17.78 21.23
N ILE A 193 -40.34 -18.49 20.19
CA ILE A 193 -40.89 -19.81 19.90
C ILE A 193 -39.81 -20.80 20.31
N GLN A 194 -40.23 -21.86 21.00
CA GLN A 194 -39.28 -22.86 21.44
C GLN A 194 -39.26 -24.03 20.46
N VAL A 195 -38.07 -24.50 20.15
CA VAL A 195 -37.91 -25.63 19.24
C VAL A 195 -37.07 -26.66 19.98
N ASP A 196 -37.60 -27.88 20.09
CA ASP A 196 -36.87 -28.93 20.76
C ASP A 196 -36.15 -29.78 19.73
N PRO A 197 -34.84 -30.01 19.93
CA PRO A 197 -34.11 -30.83 18.96
C PRO A 197 -34.81 -32.19 18.88
N PRO A 198 -34.73 -32.86 17.73
CA PRO A 198 -35.36 -34.16 17.51
C PRO A 198 -34.99 -35.20 18.57
N ASN A 220 -42.82 -22.13 10.75
CA ASN A 220 -43.09 -20.98 9.90
C ASN A 220 -43.82 -19.87 10.65
N LEU A 221 -43.06 -18.90 11.16
CA LEU A 221 -43.63 -17.77 11.89
C LEU A 221 -43.27 -16.45 11.23
N THR A 222 -44.25 -15.57 11.03
CA THR A 222 -44.03 -14.32 10.34
C THR A 222 -44.32 -13.08 11.18
N LEU A 223 -43.40 -12.13 11.16
CA LEU A 223 -43.56 -10.87 11.89
C LEU A 223 -43.59 -9.71 10.89
N LYS A 224 -44.49 -8.75 11.11
CA LYS A 224 -44.66 -7.66 10.16
C LYS A 224 -43.39 -6.83 10.04
N PHE A 225 -43.03 -6.49 8.80
CA PHE A 225 -41.76 -5.86 8.51
C PHE A 225 -41.61 -4.51 9.21
N HIS A 226 -42.68 -3.72 9.18
CA HIS A 226 -42.66 -2.44 9.86
C HIS A 226 -42.45 -2.79 11.32
N LYS A 227 -43.09 -3.87 11.74
CA LYS A 227 -43.08 -4.32 13.13
C LYS A 227 -41.70 -4.72 13.67
N LEU A 228 -40.88 -5.35 12.83
CA LEU A 228 -39.65 -5.94 13.31
C LEU A 228 -38.68 -4.93 13.92
N ILE A 229 -38.07 -5.33 15.03
CA ILE A 229 -37.02 -4.55 15.70
C ILE A 229 -35.76 -5.40 15.58
N ASN A 230 -35.88 -6.65 16.00
CA ASN A 230 -34.97 -7.70 15.56
C ASN A 230 -35.48 -9.12 15.83
N VAL A 231 -34.91 -10.08 15.11
CA VAL A 231 -35.23 -11.48 15.27
C VAL A 231 -33.90 -12.15 15.64
N THR A 232 -33.91 -13.00 16.66
CA THR A 232 -32.73 -13.74 17.07
C THR A 232 -33.01 -15.22 17.13
N ILE A 233 -31.95 -15.98 17.00
CA ILE A 233 -32.02 -17.41 17.08
C ILE A 233 -30.91 -17.80 18.02
N HIS A 234 -31.31 -18.42 19.11
CA HIS A 234 -30.37 -18.81 20.15
C HIS A 234 -30.34 -20.31 20.36
N PHE A 235 -29.16 -20.93 20.34
CA PHE A 235 -29.05 -22.35 20.64
C PHE A 235 -27.63 -22.73 21.08
N GLN A 236 -27.50 -23.83 21.83
CA GLN A 236 -26.19 -24.27 22.29
C GLN A 236 -25.81 -25.63 21.75
N LEU A 237 -24.54 -25.79 21.43
CA LEU A 237 -24.02 -27.05 20.90
C LEU A 237 -22.75 -27.42 21.67
N LYS A 238 -22.62 -28.69 22.01
CA LYS A 238 -21.45 -29.17 22.74
C LYS A 238 -20.61 -30.04 21.81
N THR A 239 -19.30 -29.99 21.99
CA THR A 239 -18.38 -30.76 21.18
C THR A 239 -17.09 -30.97 21.94
N ILE A 240 -16.35 -32.03 21.58
CA ILE A 240 -15.09 -32.35 22.22
C ILE A 240 -13.96 -31.76 21.38
N ASN A 241 -12.98 -31.16 22.03
CA ASN A 241 -11.86 -30.56 21.30
C ASN A 241 -10.75 -31.62 21.15
N LEU A 242 -10.89 -32.46 20.13
CA LEU A 242 -9.96 -33.56 19.86
C LEU A 242 -8.56 -33.15 19.42
N GLN A 243 -8.45 -32.03 18.72
CA GLN A 243 -7.16 -31.55 18.25
C GLN A 243 -6.11 -31.57 19.37
N SER A 244 -6.54 -31.38 20.61
CA SER A 244 -5.62 -31.38 21.74
C SER A 244 -4.62 -32.54 21.73
N LEU A 245 -5.04 -33.69 21.21
CA LEU A 245 -4.20 -34.87 21.17
C LEU A 245 -2.85 -34.61 20.47
N ILE A 246 -2.86 -33.74 19.48
CA ILE A 246 -1.63 -33.43 18.75
C ILE A 246 -0.61 -32.75 19.64
N ASN A 247 -1.09 -31.93 20.57
CA ASN A 247 -0.22 -31.22 21.48
C ASN A 247 -0.11 -32.04 22.76
N ASN A 248 -0.34 -33.34 22.64
CA ASN A 248 -0.29 -34.27 23.76
C ASN A 248 -1.11 -33.83 24.97
N GLU A 249 -2.33 -33.37 24.74
CA GLU A 249 -3.18 -32.94 25.83
C GLU A 249 -4.51 -33.66 25.77
N ILE A 250 -5.17 -33.74 26.92
CA ILE A 250 -6.46 -34.40 27.00
C ILE A 250 -7.53 -33.52 26.36
N PRO A 251 -8.31 -34.08 25.44
CA PRO A 251 -9.36 -33.30 24.78
C PRO A 251 -10.26 -32.58 25.80
N ASP A 252 -10.62 -31.35 25.43
CA ASP A 252 -11.44 -30.44 26.21
C ASP A 252 -12.91 -30.61 25.87
N CYS A 253 -13.78 -30.07 26.72
CA CYS A 253 -15.22 -30.13 26.51
C CYS A 253 -15.76 -28.71 26.31
N TYR A 254 -16.18 -28.42 25.08
CA TYR A 254 -16.70 -27.11 24.71
C TYR A 254 -18.20 -27.05 24.56
N THR A 255 -18.77 -25.92 24.98
CA THR A 255 -20.19 -25.67 24.80
C THR A 255 -20.22 -24.32 24.08
N PHE A 256 -20.72 -24.35 22.85
CA PHE A 256 -20.81 -23.16 22.03
C PHE A 256 -22.21 -22.57 22.13
N SER A 257 -22.29 -21.31 22.49
CA SER A 257 -23.58 -20.64 22.56
C SER A 257 -23.63 -19.86 21.25
N ILE A 258 -24.61 -20.20 20.42
CA ILE A 258 -24.77 -19.59 19.12
C ILE A 258 -25.92 -18.59 19.07
N LEU A 259 -25.63 -17.37 18.62
CA LEU A 259 -26.64 -16.32 18.49
C LEU A 259 -26.64 -15.76 17.07
N ILE A 260 -27.76 -15.93 16.37
CA ILE A 260 -27.91 -15.41 15.03
C ILE A 260 -28.85 -14.23 15.17
N THR A 261 -28.46 -13.07 14.64
CA THR A 261 -29.27 -11.88 14.74
C THR A 261 -29.63 -11.31 13.37
N PHE A 262 -30.91 -11.04 13.17
CA PHE A 262 -31.41 -10.44 11.95
C PHE A 262 -31.81 -9.07 12.51
N ASP A 263 -30.91 -8.09 12.39
CA ASP A 263 -31.10 -6.75 12.96
C ASP A 263 -31.84 -5.70 12.13
N ASN A 264 -33.03 -5.32 12.60
CA ASN A 264 -33.86 -4.33 11.92
C ASN A 264 -33.96 -3.03 12.69
N LYS A 265 -33.05 -2.80 13.63
CA LYS A 265 -33.10 -1.60 14.44
C LYS A 265 -33.01 -0.30 13.65
N ALA A 266 -32.45 -0.32 12.44
CA ALA A 266 -32.36 0.89 11.64
C ALA A 266 -33.61 1.11 10.81
N HIS A 267 -34.45 0.08 10.69
CA HIS A 267 -35.68 0.22 9.92
C HIS A 267 -35.36 0.90 8.60
N SER A 268 -34.31 0.42 7.96
CA SER A 268 -33.81 0.97 6.71
C SER A 268 -34.14 0.19 5.43
N GLY A 269 -34.79 -0.97 5.59
CA GLY A 269 -35.13 -1.77 4.42
C GLY A 269 -34.02 -2.79 4.19
N ARG A 270 -32.96 -2.66 4.97
CA ARG A 270 -31.82 -3.55 4.92
C ARG A 270 -31.67 -4.23 6.27
N ILE A 271 -31.65 -5.56 6.29
CA ILE A 271 -31.48 -6.25 7.56
C ILE A 271 -30.21 -7.09 7.58
N PRO A 272 -29.15 -6.57 8.24
CA PRO A 272 -27.89 -7.31 8.31
C PRO A 272 -28.11 -8.54 9.19
N ILE A 273 -27.48 -9.65 8.81
CA ILE A 273 -27.60 -10.92 9.50
C ILE A 273 -26.21 -11.34 9.97
N ARG A 274 -26.09 -11.70 11.25
CA ARG A 274 -24.80 -12.10 11.78
C ARG A 274 -24.95 -13.29 12.72
N LEU A 275 -23.83 -13.98 12.92
CA LEU A 275 -23.80 -15.14 13.79
C LEU A 275 -22.60 -14.98 14.70
N GLU A 276 -22.84 -15.11 15.99
CA GLU A 276 -21.75 -14.96 16.95
C GLU A 276 -21.77 -16.14 17.90
N THR A 277 -20.62 -16.40 18.51
CA THR A 277 -20.54 -17.52 19.43
C THR A 277 -19.75 -17.18 20.67
N LYS A 278 -20.15 -17.79 21.78
CA LYS A 278 -19.46 -17.63 23.03
C LYS A 278 -19.05 -19.07 23.34
N THR A 279 -17.88 -19.26 23.90
CA THR A 279 -17.41 -20.59 24.19
C THR A 279 -17.12 -20.82 25.66
N HIS A 280 -17.76 -21.83 26.23
CA HIS A 280 -17.53 -22.19 27.62
C HIS A 280 -16.69 -23.46 27.56
N ILE A 281 -15.51 -23.42 28.18
CA ILE A 281 -14.57 -24.54 28.16
C ILE A 281 -14.33 -25.15 29.53
N GLN A 282 -14.41 -26.48 29.60
CA GLN A 282 -14.17 -27.20 30.85
C GLN A 282 -13.68 -28.62 30.57
N GLU A 283 -13.22 -29.29 31.62
CA GLU A 283 -12.75 -30.67 31.51
C GLU A 283 -13.95 -31.54 31.25
N CYS A 284 -13.71 -32.64 30.55
CA CYS A 284 -14.76 -33.60 30.24
C CYS A 284 -15.29 -34.15 31.57
N LYS A 285 -16.32 -34.98 31.50
CA LYS A 285 -16.92 -35.57 32.68
C LYS A 285 -16.03 -36.48 33.53
N HIS A 286 -15.25 -37.33 32.87
CA HIS A 286 -14.38 -38.26 33.58
C HIS A 286 -12.91 -38.01 33.33
N PRO A 287 -12.14 -37.91 34.42
CA PRO A 287 -10.70 -37.67 34.34
C PRO A 287 -10.00 -37.98 35.66
N SER A 296 -2.28 -32.31 37.11
CA SER A 296 -2.04 -31.02 37.73
C SER A 296 -0.79 -30.37 37.16
N PHE A 297 0.27 -31.17 37.10
CA PHE A 297 1.57 -30.85 36.47
C PHE A 297 1.78 -29.41 36.06
N ARG A 298 1.25 -29.08 34.88
CA ARG A 298 1.33 -27.73 34.34
C ARG A 298 0.61 -26.72 35.23
N LEU A 299 -0.54 -27.12 35.76
CA LEU A 299 -1.29 -26.23 36.65
C LEU A 299 -0.44 -25.94 37.88
N LEU A 300 0.21 -26.97 38.39
CA LEU A 300 1.06 -26.84 39.56
C LEU A 300 2.22 -25.89 39.25
N PHE A 301 2.77 -26.03 38.04
CA PHE A 301 3.87 -25.19 37.59
C PHE A 301 3.43 -23.74 37.50
N ASP A 302 2.21 -23.53 37.01
CA ASP A 302 1.65 -22.19 36.89
C ASP A 302 1.54 -21.61 38.29
N VAL A 303 1.10 -22.44 39.23
CA VAL A 303 0.96 -22.00 40.61
C VAL A 303 2.31 -21.60 41.20
N VAL A 304 3.33 -22.39 40.89
CA VAL A 304 4.66 -22.08 41.38
C VAL A 304 5.12 -20.75 40.81
N VAL A 305 4.81 -20.55 39.53
CA VAL A 305 5.19 -19.32 38.85
C VAL A 305 4.51 -18.14 39.50
N ILE A 306 3.25 -18.34 39.87
CA ILE A 306 2.47 -17.29 40.51
C ILE A 306 3.08 -16.95 41.86
N LEU A 307 3.51 -17.97 42.59
CA LEU A 307 4.13 -17.75 43.88
C LEU A 307 5.43 -16.97 43.70
N THR A 308 6.19 -17.30 42.67
CA THR A 308 7.46 -16.62 42.46
C THR A 308 7.18 -15.15 42.25
N CYS A 309 6.11 -14.87 41.52
CA CYS A 309 5.75 -13.50 41.20
C CYS A 309 5.47 -12.74 42.49
N SER A 310 4.84 -13.42 43.44
CA SER A 310 4.54 -12.78 44.70
C SER A 310 5.83 -12.39 45.39
N LEU A 311 6.82 -13.28 45.32
CA LEU A 311 8.12 -13.03 45.94
C LEU A 311 8.78 -11.82 45.30
N SER A 312 8.67 -11.73 43.98
CA SER A 312 9.23 -10.60 43.25
C SER A 312 8.55 -9.30 43.66
N PHE A 313 7.24 -9.35 43.84
CA PHE A 313 6.48 -8.18 44.25
C PHE A 313 6.95 -7.74 45.63
N LEU A 314 7.19 -8.71 46.49
CA LEU A 314 7.66 -8.44 47.83
C LEU A 314 9.03 -7.78 47.80
N LEU A 315 9.88 -8.28 46.91
CA LEU A 315 11.21 -7.72 46.77
C LEU A 315 11.09 -6.28 46.32
N CYS A 316 10.16 -6.03 45.40
CA CYS A 316 9.93 -4.68 44.87
C CYS A 316 9.44 -3.75 45.98
N ALA A 317 8.56 -4.26 46.83
CA ALA A 317 8.05 -3.46 47.94
C ALA A 317 9.21 -3.11 48.85
N ARG A 318 10.10 -4.07 49.09
CA ARG A 318 11.24 -3.84 49.95
C ARG A 318 12.14 -2.76 49.35
N SER A 319 12.38 -2.87 48.05
CA SER A 319 13.24 -1.92 47.38
C SER A 319 12.57 -0.56 47.48
N LEU A 320 11.26 -0.56 47.31
CA LEU A 320 10.49 0.67 47.33
C LEU A 320 10.63 1.32 48.69
N LEU A 321 10.62 0.50 49.73
CA LEU A 321 10.75 1.01 51.08
C LEU A 321 12.11 1.67 51.26
N ARG A 322 13.14 1.04 50.70
CA ARG A 322 14.49 1.59 50.80
C ARG A 322 14.53 2.93 50.11
N GLY A 323 13.88 3.00 48.96
CA GLY A 323 13.83 4.23 48.18
C GLY A 323 13.14 5.32 48.97
N PHE A 324 12.07 4.94 49.66
CA PHE A 324 11.32 5.85 50.49
C PHE A 324 12.15 6.37 51.66
N LEU A 325 12.95 5.48 52.25
CA LEU A 325 13.82 5.87 53.35
C LEU A 325 14.81 6.88 52.81
N LEU A 326 15.30 6.62 51.60
CA LEU A 326 16.26 7.51 50.97
C LEU A 326 15.62 8.87 50.73
N GLN A 327 14.36 8.86 50.31
CA GLN A 327 13.60 10.07 50.08
C GLN A 327 13.41 10.87 51.35
N ASN A 328 13.16 10.17 52.45
CA ASN A 328 13.02 10.80 53.75
C ASN A 328 14.34 11.43 54.15
N GLU A 329 15.43 10.74 53.86
CA GLU A 329 16.75 11.24 54.14
C GLU A 329 16.96 12.52 53.33
N PHE A 330 16.62 12.42 52.04
CA PHE A 330 16.70 13.52 51.11
C PHE A 330 15.72 14.62 51.47
N VAL A 331 14.50 14.23 51.80
CA VAL A 331 13.53 15.23 52.22
C VAL A 331 14.04 15.84 53.52
N VAL A 332 14.50 14.98 54.41
CA VAL A 332 15.13 15.44 55.64
C VAL A 332 16.45 16.14 55.35
N PHE A 333 17.21 15.54 54.44
CA PHE A 333 18.53 16.06 54.11
C PHE A 333 18.54 17.45 53.48
N MET A 334 17.66 17.67 52.51
CA MET A 334 17.64 18.97 51.86
C MET A 334 17.25 20.04 52.85
N TRP A 335 16.18 19.76 53.60
CA TRP A 335 15.77 20.60 54.70
C TRP A 335 16.71 20.60 55.90
N ARG A 336 17.19 19.42 56.26
CA ARG A 336 17.86 19.21 57.54
C ARG A 336 19.15 19.96 57.79
N ARG A 337 20.05 19.99 56.81
CA ARG A 337 21.38 20.54 57.04
C ARG A 337 21.41 22.02 57.38
N ARG A 338 20.63 22.81 56.65
CA ARG A 338 20.58 24.24 56.86
C ARG A 338 19.18 24.73 57.19
N GLY A 339 18.32 23.83 57.66
CA GLY A 339 16.89 24.08 57.63
C GLY A 339 16.56 24.28 56.16
N ARG A 340 17.21 23.47 55.34
CA ARG A 340 17.40 23.72 53.91
C ARG A 340 16.15 23.74 53.05
N GLU A 341 16.19 24.63 52.08
CA GLU A 341 15.17 24.76 51.04
C GLU A 341 15.98 24.86 49.75
N ILE A 342 15.38 24.56 48.61
CA ILE A 342 13.95 24.32 48.50
C ILE A 342 13.74 23.12 47.59
N SER A 343 12.55 22.52 47.65
CA SER A 343 12.28 21.31 46.90
C SER A 343 12.40 21.48 45.38
N LEU A 344 12.99 20.48 44.75
CA LEU A 344 13.18 20.42 43.31
C LEU A 344 12.37 19.30 42.68
N TRP A 345 11.64 19.64 41.62
CA TRP A 345 10.83 18.67 40.91
C TRP A 345 11.77 17.63 40.32
N GLU A 346 12.91 18.10 39.86
CA GLU A 346 13.93 17.24 39.26
C GLU A 346 13.66 16.97 37.80
N ARG A 347 12.63 17.61 37.26
CA ARG A 347 12.30 17.43 35.85
C ARG A 347 12.12 15.94 35.59
N LEU A 348 12.74 15.45 34.52
CA LEU A 348 12.63 14.03 34.18
C LEU A 348 13.24 13.17 35.28
N GLU A 349 14.41 13.58 35.78
CA GLU A 349 15.09 12.86 36.85
C GLU A 349 15.30 11.38 36.55
N PHE A 350 15.64 11.05 35.32
CA PHE A 350 15.85 9.64 34.95
C PHE A 350 17.03 9.42 34.00
N VAL A 351 17.66 8.23 34.07
CA VAL A 351 17.27 7.18 35.01
C VAL A 351 15.80 6.80 34.87
N ASN A 352 15.11 6.80 36.00
CA ASN A 352 13.70 6.46 36.05
C ASN A 352 13.36 5.05 35.59
N GLY A 353 13.05 4.20 36.56
CA GLY A 353 12.66 2.83 36.31
C GLY A 353 12.99 2.03 37.54
N TRP A 354 13.99 2.48 38.27
CA TRP A 354 14.42 1.78 39.46
C TRP A 354 13.21 1.70 40.36
N TYR A 355 12.39 2.74 40.35
CA TYR A 355 11.19 2.73 41.17
C TYR A 355 9.93 2.60 40.31
N ILE A 356 9.89 3.35 39.20
CA ILE A 356 8.71 3.32 38.36
C ILE A 356 8.54 1.92 37.81
N LEU A 357 9.62 1.32 37.36
CA LEU A 357 9.54 0.00 36.76
C LEU A 357 9.03 -1.07 37.71
N LEU A 358 9.49 -1.05 38.95
CA LEU A 358 9.07 -2.05 39.90
C LEU A 358 7.57 -2.02 40.14
N VAL A 359 7.01 -0.82 40.27
CA VAL A 359 5.59 -0.70 40.50
C VAL A 359 4.80 -1.29 39.35
N THR A 360 5.23 -1.00 38.13
CA THR A 360 4.53 -1.52 36.97
C THR A 360 4.63 -3.03 37.03
N SER A 361 5.81 -3.51 37.41
CA SER A 361 6.05 -4.93 37.50
C SER A 361 5.08 -5.47 38.54
N ASP A 362 4.91 -4.71 39.62
CA ASP A 362 4.01 -5.13 40.66
C ASP A 362 2.61 -5.23 40.08
N VAL A 363 2.25 -4.26 39.25
CA VAL A 363 0.93 -4.27 38.64
C VAL A 363 0.81 -5.52 37.76
N LEU A 364 1.85 -5.78 37.00
CA LEU A 364 1.83 -6.96 36.15
C LEU A 364 1.76 -8.20 37.03
N THR A 365 2.56 -8.22 38.09
CA THR A 365 2.59 -9.35 38.99
C THR A 365 1.25 -9.54 39.69
N ILE A 366 0.66 -8.44 40.15
CA ILE A 366 -0.60 -8.52 40.84
C ILE A 366 -1.66 -9.05 39.89
N SER A 367 -1.61 -8.58 38.65
CA SER A 367 -2.58 -9.01 37.65
C SER A 367 -2.55 -10.50 37.34
N GLY A 368 -1.36 -11.06 37.23
CA GLY A 368 -1.27 -12.47 36.91
C GLY A 368 -1.92 -13.32 37.97
N THR A 369 -1.68 -12.97 39.22
CA THR A 369 -2.26 -13.72 40.31
C THR A 369 -3.77 -13.57 40.21
N VAL A 370 -4.20 -12.35 39.92
CA VAL A 370 -5.62 -12.07 39.81
C VAL A 370 -6.28 -12.84 38.69
N MET A 371 -5.63 -12.90 37.53
CA MET A 371 -6.21 -13.62 36.41
C MET A 371 -6.32 -15.07 36.82
N LYS A 372 -5.25 -15.59 37.41
CA LYS A 372 -5.22 -16.96 37.88
C LYS A 372 -6.21 -17.15 39.02
N ILE A 373 -6.27 -16.15 39.88
CA ILE A 373 -7.14 -16.20 41.08
C ILE A 373 -8.61 -15.71 41.26
N GLY A 374 -8.82 -14.64 42.04
CA GLY A 374 -10.18 -14.18 42.41
C GLY A 374 -11.25 -13.73 41.43
N ILE A 375 -10.95 -12.87 40.48
CA ILE A 375 -11.87 -12.55 39.40
C ILE A 375 -11.68 -13.56 38.24
N GLU A 376 -10.73 -14.52 38.27
CA GLU A 376 -10.86 -15.64 37.33
C GLU A 376 -12.08 -16.52 37.60
N ALA A 377 -12.54 -16.59 38.85
CA ALA A 377 -13.89 -17.13 39.07
C ALA A 377 -15.06 -16.32 38.48
N LYS A 378 -14.80 -15.20 37.77
CA LYS A 378 -15.77 -14.52 36.85
C LYS A 378 -15.26 -14.30 35.41
N ASN A 379 -14.65 -15.35 34.84
CA ASN A 379 -13.76 -15.41 33.67
C ASN A 379 -13.48 -14.20 32.71
N LEU A 380 -14.23 -14.04 31.61
CA LEU A 380 -13.59 -13.78 30.31
C LEU A 380 -12.89 -12.44 30.04
N ALA A 381 -13.57 -11.32 30.26
CA ALA A 381 -12.95 -10.02 30.02
C ALA A 381 -11.76 -9.84 30.95
N SER A 382 -11.93 -10.26 32.19
CA SER A 382 -10.92 -10.07 33.22
C SER A 382 -9.63 -10.77 32.86
N TYR A 383 -9.73 -11.98 32.33
CA TYR A 383 -8.54 -12.72 31.96
C TYR A 383 -7.77 -11.96 30.90
N ASP A 384 -8.48 -11.51 29.87
CA ASP A 384 -7.85 -10.79 28.77
C ASP A 384 -7.21 -9.46 29.14
N VAL A 385 -7.90 -8.68 29.96
CA VAL A 385 -7.39 -7.39 30.36
C VAL A 385 -6.10 -7.51 31.14
N CYS A 386 -6.07 -8.48 32.03
CA CYS A 386 -4.90 -8.70 32.88
C CYS A 386 -3.68 -8.99 32.02
N SER A 387 -3.90 -9.72 30.94
CA SER A 387 -2.80 -10.08 30.07
C SER A 387 -2.16 -8.81 29.54
N ILE A 388 -2.98 -7.81 29.25
CA ILE A 388 -2.44 -6.57 28.71
C ILE A 388 -1.43 -5.97 29.67
N LEU A 389 -1.73 -6.02 30.96
CA LEU A 389 -0.83 -5.46 31.95
C LEU A 389 0.53 -6.15 31.92
N LEU A 390 0.53 -7.46 31.72
CA LEU A 390 1.76 -8.24 31.71
C LEU A 390 2.73 -7.76 30.65
N GLY A 391 2.19 -7.37 29.50
CA GLY A 391 3.01 -6.90 28.40
C GLY A 391 3.86 -5.71 28.76
N THR A 392 3.30 -4.80 29.55
CA THR A 392 4.04 -3.60 29.93
C THR A 392 5.31 -3.98 30.69
N SER A 393 5.19 -4.95 31.58
CA SER A 393 6.34 -5.38 32.36
C SER A 393 7.50 -5.97 31.58
N THR A 394 7.20 -6.81 30.60
CA THR A 394 8.26 -7.44 29.82
C THR A 394 9.10 -6.45 29.02
N LEU A 395 8.41 -5.65 28.23
CA LEU A 395 9.10 -4.64 27.44
C LEU A 395 9.70 -3.72 28.47
N LEU A 396 8.89 -3.37 29.47
CA LEU A 396 9.42 -2.72 30.64
C LEU A 396 10.32 -3.77 31.24
N VAL A 397 9.81 -5.00 31.28
CA VAL A 397 10.63 -6.12 31.68
C VAL A 397 11.74 -6.20 30.65
N TRP A 398 11.37 -6.09 29.38
CA TRP A 398 12.40 -6.13 28.35
C TRP A 398 13.30 -4.91 28.51
N VAL A 399 12.68 -3.76 28.72
CA VAL A 399 13.40 -2.49 28.76
C VAL A 399 14.39 -2.37 29.89
N GLY A 400 13.96 -2.80 31.07
CA GLY A 400 14.78 -2.64 32.25
C GLY A 400 16.08 -3.40 32.09
N VAL A 401 15.97 -4.60 31.54
CA VAL A 401 17.13 -5.48 31.50
C VAL A 401 18.23 -4.85 30.68
N ILE A 402 17.88 -4.25 29.56
CA ILE A 402 18.89 -3.68 28.70
C ILE A 402 19.61 -2.57 29.44
N ARG A 403 18.84 -1.74 30.13
CA ARG A 403 19.43 -0.65 30.90
C ARG A 403 20.29 -1.24 32.00
N TYR A 404 19.76 -2.25 32.69
CA TYR A 404 20.55 -2.98 33.65
C TYR A 404 21.62 -3.66 32.82
N LEU A 405 21.18 -4.19 31.69
CA LEU A 405 22.02 -4.94 30.77
C LEU A 405 23.12 -4.06 30.22
N THR A 406 22.79 -2.80 29.96
CA THR A 406 23.75 -1.90 29.37
C THR A 406 24.94 -1.82 30.32
N PHE A 407 24.64 -1.81 31.62
CA PHE A 407 25.69 -1.76 32.63
C PHE A 407 26.49 -0.50 32.32
N PHE A 408 25.75 0.52 31.90
CA PHE A 408 26.33 1.74 31.37
C PHE A 408 26.53 1.57 29.86
N HIS A 409 26.32 0.36 29.38
CA HIS A 409 26.32 0.10 27.94
C HIS A 409 27.59 0.66 27.36
N LYS A 410 28.71 0.45 28.05
CA LYS A 410 29.94 1.11 27.65
C LYS A 410 29.74 2.64 27.63
N TYR A 411 29.16 3.16 28.70
CA TYR A 411 28.90 4.59 28.82
C TYR A 411 27.51 5.04 28.38
N ASN A 412 26.68 4.08 27.97
CA ASN A 412 25.25 4.31 27.80
C ASN A 412 24.86 5.47 26.91
N ILE A 413 25.55 5.61 25.77
CA ILE A 413 25.30 6.74 24.88
C ILE A 413 23.88 6.75 24.31
N LEU A 414 23.37 5.58 23.93
CA LEU A 414 22.05 5.50 23.33
C LEU A 414 20.98 5.98 24.30
N ILE A 415 21.13 5.61 25.56
CA ILE A 415 20.16 5.92 26.59
C ILE A 415 20.00 7.42 26.81
N ALA A 416 21.12 8.14 26.79
CA ALA A 416 21.07 9.57 27.01
C ALA A 416 20.25 10.23 25.91
N THR A 417 20.40 9.75 24.69
CA THR A 417 19.76 10.36 23.54
C THR A 417 18.26 10.60 23.71
N LEU A 418 17.56 9.65 24.31
CA LEU A 418 16.11 9.76 24.44
C LEU A 418 15.63 10.97 25.25
N ARG A 419 16.32 11.26 26.35
CA ARG A 419 15.85 12.24 27.31
C ARG A 419 15.71 13.68 26.83
N VAL A 420 16.68 14.16 26.06
CA VAL A 420 16.67 15.55 25.66
C VAL A 420 15.44 15.89 24.82
N ALA A 421 15.09 14.99 23.92
CA ALA A 421 14.05 15.22 22.93
C ALA A 421 12.67 15.48 23.49
N LEU A 422 12.30 14.75 24.54
CA LEU A 422 10.94 14.82 25.06
C LEU A 422 10.67 16.25 25.48
N PRO A 423 11.68 16.87 26.09
CA PRO A 423 11.52 18.22 26.64
C PRO A 423 11.15 19.17 25.51
N SER A 424 11.74 18.97 24.34
CA SER A 424 11.47 19.83 23.20
C SER A 424 10.34 19.19 22.42
N VAL A 425 10.43 17.87 22.30
CA VAL A 425 9.45 17.10 21.56
C VAL A 425 8.05 17.19 22.15
N MET A 426 7.97 17.16 23.48
CA MET A 426 6.66 17.22 24.09
C MET A 426 6.00 18.52 23.71
N ARG A 427 6.76 19.61 23.75
CA ARG A 427 6.22 20.90 23.37
C ARG A 427 5.85 20.79 21.90
N PHE A 428 6.73 20.14 21.14
CA PHE A 428 6.53 19.95 19.72
C PHE A 428 5.30 19.10 19.46
N CYS A 429 5.11 18.07 20.26
CA CYS A 429 3.97 17.20 20.06
C CYS A 429 2.64 17.93 20.19
N CYS A 430 2.53 18.80 21.18
CA CYS A 430 1.28 19.52 21.38
C CYS A 430 0.94 20.43 20.20
N CYS A 431 1.93 21.17 19.72
CA CYS A 431 1.67 22.08 18.62
C CYS A 431 1.23 21.25 17.44
N VAL A 432 1.90 20.12 17.27
CA VAL A 432 1.60 19.21 16.17
C VAL A 432 0.18 18.71 16.33
N ALA A 433 -0.19 18.40 17.56
CA ALA A 433 -1.54 17.92 17.81
C ALA A 433 -2.44 19.07 17.41
N VAL A 434 -2.01 20.27 17.77
CA VAL A 434 -2.79 21.45 17.44
C VAL A 434 -2.90 21.60 15.94
N ILE A 435 -1.79 21.43 15.23
CA ILE A 435 -1.84 21.55 13.78
C ILE A 435 -2.77 20.44 13.33
N TYR A 436 -2.59 19.29 13.95
CA TYR A 436 -3.40 18.14 13.66
C TYR A 436 -4.86 18.32 14.00
N LEU A 437 -5.16 18.96 15.13
CA LEU A 437 -6.57 19.05 15.49
C LEU A 437 -7.38 19.73 14.39
N GLY A 438 -6.82 20.80 13.83
CA GLY A 438 -7.45 21.50 12.74
C GLY A 438 -7.57 20.59 11.54
N TYR A 439 -6.52 19.83 11.29
CA TYR A 439 -6.54 18.93 10.15
C TYR A 439 -7.68 17.93 10.35
N CYS A 440 -7.82 17.45 11.57
CA CYS A 440 -8.85 16.47 11.91
C CYS A 440 -10.25 17.06 11.71
N PHE A 441 -10.45 18.31 12.11
CA PHE A 441 -11.75 18.94 11.91
C PHE A 441 -12.08 19.06 10.43
N CYS A 442 -11.07 19.29 9.60
CA CYS A 442 -11.41 19.46 8.21
C CYS A 442 -12.16 18.18 7.88
N GLY A 443 -11.71 17.06 8.42
CA GLY A 443 -12.32 15.80 8.10
C GLY A 443 -13.78 15.75 8.48
N TRP A 444 -14.14 16.28 9.64
CA TRP A 444 -15.53 16.16 10.07
C TRP A 444 -16.47 16.89 9.11
N ILE A 445 -16.14 18.11 8.72
CA ILE A 445 -16.97 18.85 7.79
C ILE A 445 -16.98 18.27 6.37
N VAL A 446 -15.80 17.95 5.87
CA VAL A 446 -15.62 17.48 4.50
C VAL A 446 -16.25 16.12 4.21
N LEU A 447 -16.11 15.22 5.18
CA LEU A 447 -16.34 13.80 4.95
C LEU A 447 -17.75 13.41 4.54
N GLY A 448 -18.75 14.05 5.13
CA GLY A 448 -20.09 13.53 5.00
C GLY A 448 -20.47 13.46 3.55
N PRO A 449 -20.08 14.45 2.77
CA PRO A 449 -20.52 14.51 1.38
C PRO A 449 -20.08 13.33 0.54
N TYR A 450 -18.82 12.90 0.68
CA TYR A 450 -18.34 11.79 -0.14
C TYR A 450 -17.29 10.90 0.50
N HIS A 451 -17.34 9.61 0.17
CA HIS A 451 -16.37 8.65 0.66
C HIS A 451 -16.89 8.05 1.96
N VAL A 452 -16.40 6.87 2.32
CA VAL A 452 -16.76 6.29 3.59
C VAL A 452 -15.60 6.38 4.56
N LYS A 453 -14.42 6.65 4.03
CA LYS A 453 -13.22 6.61 4.85
C LYS A 453 -13.33 7.64 5.94
N PHE A 454 -13.81 8.81 5.59
CA PHE A 454 -13.97 9.88 6.56
C PHE A 454 -15.47 9.96 6.80
N ARG A 455 -15.87 10.04 8.06
CA ARG A 455 -17.30 10.06 8.35
C ARG A 455 -17.61 10.36 9.83
N SER A 456 -16.65 10.01 10.68
CA SER A 456 -16.74 10.08 12.14
C SER A 456 -15.32 10.26 12.71
N LEU A 457 -15.21 10.49 14.01
CA LEU A 457 -13.91 10.72 14.61
C LEU A 457 -12.92 9.56 14.40
N SER A 458 -13.38 8.35 14.62
CA SER A 458 -13.91 7.42 13.67
C SER A 458 -12.85 7.22 12.60
N MET A 459 -13.26 7.41 11.36
CA MET A 459 -12.36 7.38 10.22
C MET A 459 -11.34 8.49 10.38
N VAL A 460 -11.77 9.62 10.92
CA VAL A 460 -10.95 10.81 10.99
C VAL A 460 -9.69 10.40 11.71
N SER A 461 -9.85 9.53 12.70
CA SER A 461 -8.70 8.91 13.30
C SER A 461 -7.99 8.10 12.23
N GLU A 462 -8.76 7.42 11.38
CA GLU A 462 -8.20 6.50 10.38
C GLU A 462 -7.29 7.21 9.38
N CYS A 463 -7.66 8.44 9.02
CA CYS A 463 -6.90 9.21 8.05
C CYS A 463 -5.51 9.42 8.60
N LEU A 464 -5.42 9.60 9.90
CA LEU A 464 -4.17 10.00 10.54
C LEU A 464 -3.15 8.96 10.15
N PHE A 465 -3.61 7.74 9.95
CA PHE A 465 -2.76 6.72 9.39
C PHE A 465 -2.30 7.12 7.99
N SER A 466 -3.18 7.73 7.20
CA SER A 466 -2.85 7.96 5.80
C SER A 466 -1.64 8.85 5.56
N LEU A 467 -1.55 9.96 6.28
CA LEU A 467 -0.50 10.92 6.01
C LEU A 467 0.89 10.38 6.25
N ILE A 468 1.06 9.68 7.36
CA ILE A 468 2.34 9.09 7.72
C ILE A 468 2.80 7.99 6.77
N ASN A 469 1.85 7.18 6.32
CA ASN A 469 2.15 5.95 5.61
C ASN A 469 1.41 5.77 4.29
N GLY A 470 1.98 4.94 3.43
CA GLY A 470 1.55 4.79 2.06
C GLY A 470 0.16 4.25 1.77
N ASP A 471 -0.32 3.30 2.53
CA ASP A 471 -1.42 2.48 2.07
C ASP A 471 -2.64 3.33 1.75
N ASP A 472 -2.89 4.34 2.57
CA ASP A 472 -3.98 5.28 2.33
C ASP A 472 -3.88 6.17 1.10
N MET A 473 -2.70 6.70 0.82
CA MET A 473 -2.57 7.83 -0.09
C MET A 473 -3.02 7.58 -1.52
N PHE A 474 -2.64 6.44 -2.09
CA PHE A 474 -3.10 6.11 -3.41
C PHE A 474 -4.61 5.91 -3.46
N VAL A 475 -5.16 5.18 -2.50
CA VAL A 475 -6.56 4.82 -2.58
C VAL A 475 -7.61 5.90 -2.46
N THR A 476 -7.51 6.76 -1.44
CA THR A 476 -8.42 7.89 -1.30
C THR A 476 -8.23 9.06 -2.26
N PHE A 477 -6.97 9.47 -2.41
CA PHE A 477 -6.59 10.71 -3.05
C PHE A 477 -6.99 10.66 -4.50
N ALA A 478 -6.82 9.48 -5.09
CA ALA A 478 -7.14 9.29 -6.48
C ALA A 478 -8.54 8.72 -6.63
N ALA A 479 -8.89 7.79 -5.76
CA ALA A 479 -10.20 7.17 -5.86
C ALA A 479 -11.19 8.30 -5.66
N MET A 480 -10.86 9.18 -4.73
CA MET A 480 -11.71 10.32 -4.43
C MET A 480 -11.86 11.27 -5.61
N GLN A 481 -10.78 11.50 -6.34
CA GLN A 481 -10.79 12.52 -7.37
C GLN A 481 -11.77 12.27 -8.51
N ALA A 482 -11.80 11.05 -9.05
CA ALA A 482 -12.82 10.74 -10.05
C ALA A 482 -14.12 10.82 -9.27
N GLN A 483 -14.08 10.22 -8.10
CA GLN A 483 -14.98 10.48 -7.00
C GLN A 483 -16.35 9.84 -7.10
N GLN A 484 -17.02 9.77 -5.97
CA GLN A 484 -18.47 9.84 -5.90
C GLN A 484 -18.78 11.27 -6.36
N GLY A 485 -17.96 12.20 -5.90
CA GLY A 485 -18.04 13.60 -6.28
C GLY A 485 -19.34 14.27 -5.94
N HIS A 486 -19.90 14.95 -6.93
CA HIS A 486 -21.10 15.75 -6.74
C HIS A 486 -20.55 17.09 -6.32
N SER A 487 -21.32 18.16 -6.52
CA SER A 487 -20.87 19.49 -6.15
C SER A 487 -19.60 19.85 -6.91
N SER A 488 -19.73 20.71 -7.90
CA SER A 488 -18.58 21.04 -8.71
C SER A 488 -17.51 21.66 -7.82
N LEU A 489 -17.92 22.51 -6.90
CA LEU A 489 -16.98 23.15 -5.99
C LEU A 489 -16.26 22.14 -5.12
N VAL A 490 -17.01 21.16 -4.61
CA VAL A 490 -16.45 20.17 -3.71
C VAL A 490 -15.35 19.40 -4.41
N TRP A 491 -15.60 19.05 -5.67
CA TRP A 491 -14.61 18.34 -6.45
C TRP A 491 -13.42 19.26 -6.54
N LEU A 492 -13.71 20.55 -6.76
CA LEU A 492 -12.69 21.56 -6.62
C LEU A 492 -12.26 21.58 -5.17
N PHE A 493 -13.25 21.47 -4.28
CA PHE A 493 -12.98 21.52 -2.86
C PHE A 493 -12.13 20.38 -2.31
N SER A 494 -12.43 19.16 -2.75
CA SER A 494 -11.76 17.98 -2.20
C SER A 494 -10.27 17.95 -2.45
N GLN A 495 -9.89 18.28 -3.68
CA GLN A 495 -8.49 18.38 -4.05
C GLN A 495 -7.82 19.52 -3.28
N LEU A 496 -8.55 20.62 -3.16
CA LEU A 496 -7.97 21.85 -2.66
C LEU A 496 -7.45 21.62 -1.27
N TYR A 497 -8.18 20.85 -0.50
CA TYR A 497 -7.87 20.66 0.91
C TYR A 497 -7.06 19.39 1.15
N LEU A 498 -7.46 18.28 0.53
CA LEU A 498 -6.81 17.01 0.79
C LEU A 498 -5.38 17.17 0.35
N TYR A 499 -5.23 17.84 -0.79
CA TYR A 499 -3.91 18.07 -1.35
C TYR A 499 -3.15 18.91 -0.35
N SER A 500 -3.85 19.86 0.26
CA SER A 500 -3.21 20.72 1.23
C SER A 500 -2.73 19.79 2.34
N PHE A 501 -3.55 18.82 2.67
CA PHE A 501 -3.28 17.98 3.83
C PHE A 501 -2.01 17.13 3.77
N ILE A 502 -1.74 16.53 2.62
CA ILE A 502 -0.60 15.64 2.55
C ILE A 502 0.71 16.36 2.78
N SER A 503 0.84 17.55 2.19
CA SER A 503 2.09 18.29 2.24
C SER A 503 2.61 18.82 3.57
N LEU A 504 1.72 19.43 4.36
CA LEU A 504 2.20 20.22 5.49
C LEU A 504 2.93 19.41 6.56
N PHE A 505 2.35 18.27 6.93
CA PHE A 505 2.97 17.37 7.90
C PHE A 505 4.26 16.74 7.40
N ILE A 506 4.25 16.35 6.12
CA ILE A 506 5.33 15.55 5.57
C ILE A 506 6.67 16.28 5.56
N TYR A 507 6.66 17.54 5.15
CA TYR A 507 7.88 18.32 5.24
C TYR A 507 8.27 18.56 6.69
N MET A 508 7.28 18.90 7.50
CA MET A 508 7.48 19.21 8.91
C MET A 508 7.93 18.05 9.77
N VAL A 509 7.34 16.89 9.54
CA VAL A 509 7.48 15.78 10.47
C VAL A 509 8.92 15.32 10.62
N LEU A 510 9.63 15.24 9.50
CA LEU A 510 11.02 14.83 9.55
C LEU A 510 11.78 15.86 10.37
N SER A 511 11.44 17.12 10.14
CA SER A 511 12.13 18.20 10.83
C SER A 511 11.88 18.07 12.32
N LEU A 512 10.65 17.75 12.68
CA LEU A 512 10.34 17.62 14.10
C LEU A 512 11.19 16.51 14.65
N PHE A 513 11.23 15.39 13.93
CA PHE A 513 12.20 14.35 14.25
C PHE A 513 13.61 14.87 13.95
N ILE A 514 13.73 15.49 12.78
CA ILE A 514 15.00 16.02 12.32
C ILE A 514 15.46 17.13 13.24
N ALA A 515 14.60 18.13 13.44
CA ALA A 515 15.01 19.28 14.22
C ALA A 515 15.35 18.74 15.59
N LEU A 516 14.52 17.85 16.09
CA LEU A 516 14.88 17.07 17.26
C LEU A 516 16.07 16.21 16.89
N ILE A 517 16.02 15.63 15.69
CA ILE A 517 17.08 14.74 15.26
C ILE A 517 18.35 15.55 15.19
N THR A 518 18.25 16.76 14.66
CA THR A 518 19.37 17.68 14.72
C THR A 518 19.55 17.94 16.20
N GLY A 519 18.44 18.10 16.89
CA GLY A 519 18.48 18.35 18.32
C GLY A 519 19.14 17.16 18.96
N ALA A 520 18.79 15.97 18.49
CA ALA A 520 19.42 14.78 19.00
C ALA A 520 20.89 14.92 18.65
N TYR A 521 21.13 15.41 17.45
CA TYR A 521 22.49 15.74 17.04
C TYR A 521 22.91 16.84 17.99
N ASP A 522 21.99 17.76 18.25
CA ASP A 522 22.27 18.81 19.22
C ASP A 522 22.49 18.08 20.53
N THR A 523 21.65 17.08 20.78
CA THR A 523 21.86 16.20 21.90
C THR A 523 23.18 15.50 21.60
N ILE A 524 23.35 15.12 20.33
CA ILE A 524 24.56 14.50 19.87
C ILE A 524 25.80 15.40 19.96
N LYS A 525 25.64 16.67 19.62
CA LYS A 525 26.80 17.54 19.54
C LYS A 525 27.44 17.62 20.91
N HIS A 526 26.61 17.81 21.93
CA HIS A 526 27.07 17.64 23.30
C HIS A 526 27.42 16.17 23.44
N PRO A 527 26.55 15.34 22.87
CA PRO A 527 26.67 13.88 22.93
C PRO A 527 27.92 13.33 22.25
N GLY A 528 28.28 13.92 21.12
CA GLY A 528 29.30 13.34 20.28
C GLY A 528 30.64 13.21 20.99
N GLY A 529 30.99 14.22 21.78
CA GLY A 529 32.24 14.21 22.52
C GLY A 529 32.57 12.88 23.14
N GLU A 536 23.49 16.24 43.57
CA GLU A 536 24.23 15.04 43.14
C GLU A 536 25.68 15.41 42.78
N LEU A 537 25.78 16.48 42.01
CA LEU A 537 27.07 17.01 41.54
C LEU A 537 27.96 17.34 42.74
N GLN A 538 27.35 18.04 43.68
CA GLN A 538 28.01 18.47 44.92
C GLN A 538 28.57 17.25 45.66
N ALA A 539 27.70 16.26 45.77
CA ALA A 539 28.04 15.00 46.46
C ALA A 539 29.26 14.35 45.81
N TYR A 540 29.20 14.31 44.49
CA TYR A 540 30.27 13.73 43.66
C TYR A 540 31.60 14.44 43.95
N ILE A 541 31.51 15.76 43.95
CA ILE A 541 32.66 16.64 44.20
C ILE A 541 33.28 16.31 45.56
N GLU A 542 32.40 16.19 46.54
CA GLU A 542 32.78 15.89 47.93
C GLU A 542 33.55 14.56 47.98
N GLN A 543 32.98 13.59 47.29
CA GLN A 543 33.53 12.23 47.20
C GLN A 543 34.96 12.30 46.63
N THR B 36 3.31 57.66 22.30
CA THR B 36 3.44 56.47 21.46
C THR B 36 3.89 55.28 22.29
N GLU B 37 4.37 55.54 23.50
CA GLU B 37 4.88 54.49 24.37
C GLU B 37 3.74 53.53 24.67
N GLU B 38 2.55 54.10 24.88
CA GLU B 38 1.38 53.31 25.15
C GLU B 38 1.10 52.42 23.95
N GLU B 39 1.28 52.96 22.76
CA GLU B 39 1.06 52.20 21.54
C GLU B 39 2.02 51.02 21.44
N ASP B 40 3.27 51.27 21.80
CA ASP B 40 4.29 50.23 21.80
C ASP B 40 3.89 49.14 22.79
N LEU B 41 3.39 49.56 23.94
CA LEU B 41 2.94 48.64 24.98
C LEU B 41 1.81 47.78 24.44
N ARG B 42 0.91 48.41 23.68
CA ARG B 42 -0.22 47.72 23.07
C ARG B 42 0.29 46.67 22.09
N ARG B 43 1.30 47.05 21.31
CA ARG B 43 1.86 46.12 20.35
C ARG B 43 2.45 44.92 21.10
N ARG B 44 3.08 45.22 22.22
CA ARG B 44 3.68 44.19 23.06
C ARG B 44 2.64 43.24 23.63
N LEU B 45 1.50 43.78 24.03
CA LEU B 45 0.44 42.98 24.63
C LEU B 45 1.00 42.01 25.66
N PRO B 52 0.14 37.87 29.15
CA PRO B 52 1.18 38.46 30.00
C PRO B 52 0.83 39.89 30.41
N CYS B 53 0.34 40.67 29.46
CA CYS B 53 0.02 42.07 29.72
C CYS B 53 -1.07 42.17 30.77
N ASP B 54 -2.06 41.28 30.68
CA ASP B 54 -3.15 41.27 31.63
C ASP B 54 -2.59 40.99 33.03
N LYS B 55 -1.60 40.10 33.08
CA LYS B 55 -0.95 39.76 34.32
C LYS B 55 -0.29 41.00 34.89
N PHE B 56 0.23 41.82 34.00
CA PHE B 56 0.81 43.10 34.38
C PHE B 56 -0.29 43.98 34.95
N ARG B 57 -1.53 43.61 34.67
CA ARG B 57 -2.69 44.45 34.95
C ARG B 57 -2.84 44.79 36.43
N ARG B 61 -10.66 39.20 30.49
CA ARG B 61 -11.39 40.37 30.01
C ARG B 61 -11.48 40.36 28.49
N LYS B 62 -10.68 41.22 27.85
CA LYS B 62 -10.68 41.28 26.40
C LYS B 62 -10.25 39.89 25.96
N PRO B 63 -9.31 39.34 26.69
CA PRO B 63 -8.81 37.99 26.42
C PRO B 63 -9.95 36.99 26.62
N CYS B 64 -10.78 37.24 27.64
CA CYS B 64 -11.89 36.36 27.92
C CYS B 64 -12.82 36.32 26.72
N LYS B 65 -13.07 37.47 26.12
CA LYS B 65 -13.90 37.54 24.93
C LYS B 65 -13.20 36.64 23.92
N LEU B 66 -11.98 37.04 23.57
CA LEU B 66 -11.18 36.24 22.66
C LEU B 66 -11.22 34.81 23.17
N MET B 67 -11.09 34.66 24.49
CA MET B 67 -11.15 33.35 25.11
C MET B 67 -12.52 32.73 24.92
N LEU B 68 -13.56 33.55 25.09
CA LEU B 68 -14.92 33.05 24.96
C LEU B 68 -15.18 32.56 23.56
N GLN B 69 -14.67 33.30 22.58
CA GLN B 69 -14.97 33.01 21.20
C GLN B 69 -14.49 31.62 20.80
N VAL B 70 -13.28 31.25 21.22
CA VAL B 70 -12.80 29.92 20.89
C VAL B 70 -13.71 28.91 21.55
N VAL B 71 -14.02 29.17 22.82
CA VAL B 71 -15.01 28.39 23.53
C VAL B 71 -16.34 28.67 22.88
N LYS B 72 -16.58 29.95 22.61
CA LYS B 72 -17.79 30.35 21.93
C LYS B 72 -17.61 29.76 20.55
N ILE B 73 -16.47 30.08 19.94
CA ILE B 73 -16.16 29.52 18.64
C ILE B 73 -16.00 28.02 18.77
N LEU B 74 -15.34 27.59 19.84
CA LEU B 74 -15.13 26.17 20.05
C LEU B 74 -16.48 25.48 20.22
N VAL B 75 -17.38 26.14 20.95
CA VAL B 75 -18.71 25.59 21.17
C VAL B 75 -19.50 25.47 19.88
N VAL B 76 -19.40 26.50 19.04
CA VAL B 76 -20.13 26.49 17.77
C VAL B 76 -19.59 25.32 16.97
N THR B 77 -18.27 25.17 17.02
CA THR B 77 -17.62 24.03 16.41
C THR B 77 -18.26 22.79 17.01
N VAL B 78 -18.34 22.77 18.33
CA VAL B 78 -18.98 21.64 18.98
C VAL B 78 -20.37 21.46 18.41
N GLN B 79 -21.07 22.56 18.21
CA GLN B 79 -22.42 22.52 17.65
C GLN B 79 -22.36 21.94 16.25
N LEU B 80 -21.37 22.36 15.48
CA LEU B 80 -21.21 21.86 14.13
C LEU B 80 -20.96 20.36 14.13
N ILE B 81 -20.11 19.91 15.04
CA ILE B 81 -19.80 18.48 15.12
C ILE B 81 -21.06 17.74 15.47
N LEU B 82 -21.81 18.31 16.42
CA LEU B 82 -23.08 17.78 16.84
C LEU B 82 -24.00 17.85 15.65
N PHE B 83 -23.95 18.95 14.90
CA PHE B 83 -24.77 19.03 13.72
C PHE B 83 -24.19 18.03 12.75
N GLY B 84 -22.87 17.99 12.69
CA GLY B 84 -22.16 17.13 11.79
C GLY B 84 -22.43 15.68 12.12
N LEU B 85 -22.42 15.33 13.39
CA LEU B 85 -22.69 13.95 13.78
C LEU B 85 -24.11 13.55 13.37
N SER B 86 -25.07 14.44 13.61
CA SER B 86 -26.45 14.12 13.29
C SER B 86 -26.56 13.93 11.79
N ASN B 87 -25.89 14.81 11.07
CA ASN B 87 -25.93 14.82 9.63
C ASN B 87 -25.34 13.54 9.10
N GLN B 88 -24.26 13.10 9.72
CA GLN B 88 -23.58 11.88 9.33
C GLN B 88 -24.48 10.69 9.53
N LEU B 89 -25.20 10.66 10.65
CA LEU B 89 -26.10 9.53 10.87
C LEU B 89 -27.17 9.53 9.79
N VAL B 90 -27.76 10.72 9.69
CA VAL B 90 -28.70 11.12 8.67
C VAL B 90 -27.92 11.01 7.39
N VAL B 91 -26.65 11.36 7.43
CA VAL B 91 -25.76 11.06 6.33
C VAL B 91 -25.76 9.54 6.23
N THR B 92 -25.75 8.90 7.39
CA THR B 92 -25.80 7.45 7.43
C THR B 92 -27.12 7.00 6.81
N PHE B 93 -28.18 7.71 7.14
CA PHE B 93 -29.49 7.30 6.65
C PHE B 93 -29.47 7.38 5.14
N ARG B 94 -28.89 8.44 4.61
CA ARG B 94 -28.84 8.66 3.19
C ARG B 94 -28.04 7.57 2.52
N GLU B 95 -26.92 7.18 3.12
CA GLU B 95 -26.09 6.15 2.52
C GLU B 95 -26.86 4.84 2.47
N GLU B 96 -27.57 4.53 3.55
CA GLU B 96 -28.29 3.28 3.59
C GLU B 96 -29.33 3.33 2.50
N ASN B 97 -29.99 4.47 2.38
CA ASN B 97 -31.07 4.60 1.44
C ASN B 97 -30.53 4.40 0.04
N THR B 98 -29.36 4.97 -0.24
CA THR B 98 -28.78 4.86 -1.56
C THR B 98 -28.45 3.42 -1.91
N ILE B 99 -27.85 2.70 -0.95
CA ILE B 99 -27.47 1.34 -1.26
C ILE B 99 -28.76 0.60 -1.58
N ALA B 100 -29.77 0.85 -0.75
CA ALA B 100 -31.01 0.12 -0.90
C ALA B 100 -31.66 0.39 -2.24
N PHE B 101 -31.64 1.65 -2.64
CA PHE B 101 -32.30 2.07 -3.86
C PHE B 101 -31.60 1.39 -5.01
N ARG B 102 -30.28 1.35 -4.96
CA ARG B 102 -29.55 0.75 -6.06
C ARG B 102 -29.97 -0.70 -6.14
N HIS B 103 -29.91 -1.39 -5.01
CA HIS B 103 -30.28 -2.79 -5.01
C HIS B 103 -31.74 -2.94 -5.40
N LEU B 104 -32.59 -2.07 -4.86
CA LEU B 104 -34.01 -2.18 -5.13
C LEU B 104 -34.42 -1.95 -6.58
N PHE B 105 -33.85 -0.93 -7.21
CA PHE B 105 -34.24 -0.57 -8.58
C PHE B 105 -33.31 -1.13 -9.65
N LEU B 106 -32.27 -1.84 -9.24
CA LEU B 106 -31.23 -2.29 -10.15
C LEU B 106 -31.31 -3.79 -10.35
N LEU B 107 -31.19 -4.22 -11.59
CA LEU B 107 -31.24 -5.65 -11.91
C LEU B 107 -29.86 -6.12 -12.35
N GLY B 108 -29.39 -7.18 -11.71
CA GLY B 108 -28.07 -7.72 -12.03
C GLY B 108 -27.00 -6.90 -11.34
N TYR B 109 -27.42 -5.96 -10.50
CA TYR B 109 -26.49 -5.09 -9.80
C TYR B 109 -25.64 -5.89 -8.85
N SER B 110 -24.36 -5.53 -8.76
CA SER B 110 -23.45 -6.18 -7.84
C SER B 110 -22.62 -5.13 -7.13
N ASP B 111 -22.20 -5.42 -5.90
CA ASP B 111 -21.38 -4.49 -5.15
C ASP B 111 -20.03 -4.32 -5.86
N GLY B 112 -19.58 -3.08 -5.97
CA GLY B 112 -18.33 -2.80 -6.64
C GLY B 112 -18.52 -2.88 -8.14
N SER B 113 -19.76 -3.09 -8.57
CA SER B 113 -20.11 -3.15 -9.99
C SER B 113 -20.50 -1.77 -10.50
N ASP B 114 -20.52 -0.81 -9.60
CA ASP B 114 -20.92 0.54 -9.95
C ASP B 114 -19.94 1.03 -10.99
N ASP B 115 -18.67 0.70 -10.83
CA ASP B 115 -17.68 1.19 -11.75
C ASP B 115 -18.05 0.69 -13.13
N THR B 116 -18.49 -0.56 -13.20
CA THR B 116 -18.83 -1.13 -14.50
C THR B 116 -20.28 -1.42 -14.85
N PHE B 117 -21.24 -1.04 -14.02
CA PHE B 117 -22.59 -1.53 -14.33
C PHE B 117 -23.08 -0.91 -15.65
N ALA B 118 -23.38 -1.76 -16.63
CA ALA B 118 -23.83 -1.27 -17.94
C ALA B 118 -24.53 -2.34 -18.77
N ALA B 119 -25.24 -1.90 -19.81
CA ALA B 119 -25.93 -2.81 -20.72
C ALA B 119 -25.12 -2.88 -22.02
N TYR B 120 -25.08 -4.06 -22.65
CA TYR B 120 -24.32 -4.24 -23.88
C TYR B 120 -25.14 -4.72 -25.07
N THR B 121 -26.35 -5.18 -24.80
CA THR B 121 -27.22 -5.72 -25.83
C THR B 121 -28.61 -5.17 -25.68
N GLN B 122 -29.32 -5.08 -26.79
CA GLN B 122 -30.67 -4.56 -26.76
C GLN B 122 -31.45 -5.48 -25.85
N GLU B 123 -31.18 -6.78 -25.97
CA GLU B 123 -31.79 -7.73 -25.08
C GLU B 123 -31.30 -7.36 -23.69
N GLN B 124 -30.02 -7.02 -23.60
CA GLN B 124 -29.46 -6.57 -22.35
C GLN B 124 -30.09 -5.26 -21.89
N LEU B 125 -30.24 -4.33 -22.83
CA LEU B 125 -30.74 -3.01 -22.46
C LEU B 125 -32.15 -3.06 -21.92
N TYR B 126 -33.00 -3.84 -22.57
CA TYR B 126 -34.41 -3.89 -22.22
C TYR B 126 -34.67 -4.42 -20.82
N GLN B 127 -33.93 -5.45 -20.42
CA GLN B 127 -34.27 -6.21 -19.23
C GLN B 127 -34.24 -5.36 -17.96
N ALA B 128 -33.22 -4.54 -17.82
CA ALA B 128 -33.15 -3.68 -16.65
C ALA B 128 -34.33 -2.71 -16.64
N ILE B 129 -34.62 -2.14 -17.81
CA ILE B 129 -35.65 -1.13 -17.89
C ILE B 129 -36.94 -1.79 -17.48
N PHE B 130 -37.16 -3.01 -17.97
CA PHE B 130 -38.33 -3.74 -17.54
C PHE B 130 -38.16 -3.98 -16.06
N TYR B 131 -36.94 -4.33 -15.67
CA TYR B 131 -36.69 -4.68 -14.27
C TYR B 131 -36.97 -3.47 -13.41
N ALA B 132 -36.51 -2.32 -13.86
CA ALA B 132 -36.75 -1.10 -13.12
C ALA B 132 -38.26 -0.88 -13.09
N VAL B 133 -38.89 -1.14 -14.23
CA VAL B 133 -40.30 -0.85 -14.37
C VAL B 133 -41.04 -1.69 -13.34
N ASP B 134 -40.58 -2.92 -13.15
CA ASP B 134 -41.28 -3.83 -12.27
C ASP B 134 -41.32 -3.25 -10.87
N GLN B 135 -40.23 -2.65 -10.45
CA GLN B 135 -40.13 -2.18 -9.08
C GLN B 135 -41.20 -1.14 -8.77
N TYR B 136 -41.45 -0.23 -9.71
CA TYR B 136 -42.43 0.81 -9.48
C TYR B 136 -43.78 0.13 -9.29
N LEU B 137 -44.05 -0.87 -10.11
CA LEU B 137 -45.32 -1.58 -10.07
C LEU B 137 -45.60 -2.33 -8.77
N ILE B 138 -44.56 -2.96 -8.24
CA ILE B 138 -44.69 -3.99 -7.21
C ILE B 138 -44.05 -3.64 -5.86
N LEU B 139 -43.51 -2.44 -5.74
CA LEU B 139 -42.84 -1.99 -4.52
C LEU B 139 -43.53 -2.28 -3.17
N PRO B 140 -44.82 -1.92 -3.03
CA PRO B 140 -45.51 -2.18 -1.76
C PRO B 140 -45.53 -3.64 -1.36
N GLU B 141 -45.45 -4.53 -2.35
CA GLU B 141 -45.48 -5.97 -2.10
C GLU B 141 -44.13 -6.65 -1.90
N ILE B 142 -43.03 -5.96 -2.20
CA ILE B 142 -41.71 -6.60 -2.06
C ILE B 142 -40.67 -5.91 -1.20
N SER B 143 -40.76 -4.59 -1.08
CA SER B 143 -39.78 -3.84 -0.30
C SER B 143 -39.85 -4.05 1.21
N LEU B 144 -38.68 -3.95 1.85
CA LEU B 144 -38.58 -4.10 3.31
C LEU B 144 -38.81 -2.76 3.97
N GLY B 145 -39.10 -1.75 3.16
CA GLY B 145 -39.36 -0.43 3.70
C GLY B 145 -40.80 -0.07 3.42
N ARG B 146 -41.22 1.09 3.91
CA ARG B 146 -42.58 1.54 3.67
C ARG B 146 -42.52 2.87 2.93
N TYR B 147 -42.72 2.81 1.62
CA TYR B 147 -42.65 4.01 0.81
C TYR B 147 -44.00 4.41 0.24
N ALA B 148 -44.22 5.71 0.19
CA ALA B 148 -45.43 6.29 -0.39
C ALA B 148 -45.03 7.37 -1.39
N TYR B 149 -45.59 7.32 -2.59
CA TYR B 149 -45.30 8.31 -3.62
C TYR B 149 -46.58 8.87 -4.24
N VAL B 150 -46.72 10.19 -4.29
CA VAL B 150 -47.91 10.79 -4.88
C VAL B 150 -47.60 12.12 -5.57
N ARG B 151 -48.32 12.44 -6.63
CA ARG B 151 -48.10 13.70 -7.32
C ARG B 151 -46.63 13.79 -7.70
N GLY B 152 -46.00 14.91 -7.34
CA GLY B 152 -44.57 15.12 -7.59
C GLY B 152 -43.98 15.02 -8.99
N GLY B 153 -44.68 15.62 -9.96
CA GLY B 153 -44.27 15.59 -11.35
C GLY B 153 -43.00 16.32 -11.71
N GLY B 154 -42.26 15.75 -12.65
CA GLY B 154 -41.01 16.32 -13.11
C GLY B 154 -40.67 15.83 -14.49
N GLY B 155 -39.71 16.46 -15.17
CA GLY B 155 -39.01 17.62 -14.67
C GLY B 155 -39.35 18.80 -15.55
N PRO B 156 -39.84 18.46 -16.74
CA PRO B 156 -40.42 19.44 -17.66
C PRO B 156 -41.80 19.77 -17.00
N TRP B 157 -42.41 20.90 -17.33
CA TRP B 157 -43.67 21.23 -16.65
C TRP B 157 -44.79 20.19 -16.81
N ALA B 158 -45.32 19.77 -15.67
CA ALA B 158 -46.42 18.80 -15.59
C ALA B 158 -45.88 17.37 -15.63
N ASN B 159 -46.58 16.40 -15.03
CA ASN B 159 -47.78 16.63 -14.22
C ASN B 159 -47.68 15.68 -13.01
N GLY B 160 -47.85 14.40 -13.33
CA GLY B 160 -47.82 13.29 -12.39
C GLY B 160 -47.17 12.09 -13.06
N SER B 161 -46.73 11.11 -12.28
CA SER B 161 -46.09 9.95 -12.88
C SER B 161 -46.46 8.64 -12.18
N ALA B 162 -45.93 8.43 -10.98
CA ALA B 162 -45.03 9.36 -10.31
C ALA B 162 -43.73 9.56 -11.10
N LEU B 163 -43.23 8.48 -11.69
CA LEU B 163 -41.99 8.53 -12.47
C LEU B 163 -42.25 8.48 -13.97
N ALA B 164 -41.54 9.31 -14.72
CA ALA B 164 -41.70 9.36 -16.18
C ALA B 164 -40.54 8.69 -16.90
N LEU B 165 -40.89 7.75 -17.78
CA LEU B 165 -39.90 7.00 -18.55
C LEU B 165 -39.62 7.86 -19.78
N CYS B 166 -38.50 8.57 -19.76
CA CYS B 166 -38.16 9.47 -20.87
C CYS B 166 -37.12 8.98 -21.84
N GLN B 167 -37.27 9.43 -23.09
CA GLN B 167 -36.38 9.07 -24.18
C GLN B 167 -35.86 10.31 -24.87
N ARG B 168 -34.54 10.44 -24.98
CA ARG B 168 -33.95 11.59 -25.68
C ARG B 168 -33.16 11.11 -26.88
N TYR B 169 -33.44 11.70 -28.04
CA TYR B 169 -32.78 11.34 -29.27
C TYR B 169 -32.69 12.53 -30.22
N TYR B 170 -31.79 12.44 -31.19
CA TYR B 170 -31.61 13.52 -32.16
C TYR B 170 -32.85 13.67 -33.04
N HIS B 171 -33.33 14.90 -33.18
CA HIS B 171 -34.52 15.15 -34.02
C HIS B 171 -34.35 14.44 -35.36
N ARG B 172 -33.14 14.49 -35.90
CA ARG B 172 -32.83 13.82 -37.15
C ARG B 172 -31.48 13.12 -37.00
N GLY B 173 -31.46 11.83 -37.25
CA GLY B 173 -30.22 11.09 -37.11
C GLY B 173 -29.99 10.00 -38.14
N HIS B 174 -29.71 10.40 -39.38
CA HIS B 174 -29.41 9.44 -40.42
C HIS B 174 -27.94 9.10 -40.18
N VAL B 175 -27.67 7.84 -39.82
CA VAL B 175 -26.31 7.40 -39.51
C VAL B 175 -26.00 6.16 -40.33
N ASP B 176 -25.09 6.32 -41.29
CA ASP B 176 -24.76 5.22 -42.17
C ASP B 176 -23.24 4.98 -42.30
N PRO B 177 -22.65 4.30 -41.31
CA PRO B 177 -21.22 4.02 -41.35
C PRO B 177 -20.77 3.20 -42.56
N ALA B 178 -21.65 2.35 -43.06
CA ALA B 178 -21.30 1.53 -44.22
C ALA B 178 -20.87 2.42 -45.41
N ASN B 179 -21.48 3.60 -45.55
CA ASN B 179 -21.10 4.51 -46.64
C ASN B 179 -20.39 5.75 -46.17
N ASP B 180 -19.89 5.66 -44.95
CA ASP B 180 -19.18 6.72 -44.27
C ASP B 180 -19.91 8.06 -44.18
N THR B 181 -21.23 8.01 -44.12
CA THR B 181 -21.97 9.24 -43.97
C THR B 181 -23.03 9.29 -42.95
N PHE B 182 -23.39 10.52 -42.65
CA PHE B 182 -24.43 10.72 -41.72
C PHE B 182 -25.04 12.06 -42.02
N ASP B 183 -26.24 12.25 -41.52
CA ASP B 183 -26.91 13.50 -41.68
C ASP B 183 -27.70 13.69 -40.42
N ILE B 184 -27.29 14.72 -39.72
CA ILE B 184 -27.80 14.97 -38.42
C ILE B 184 -28.31 16.31 -38.01
N ASP B 185 -29.44 16.26 -37.33
CA ASP B 185 -29.96 17.46 -36.77
C ASP B 185 -29.82 17.11 -35.31
N PRO B 186 -28.83 17.71 -34.66
CA PRO B 186 -28.61 17.41 -33.25
C PRO B 186 -29.54 17.94 -32.18
N ARG B 187 -30.63 18.58 -32.57
CA ARG B 187 -31.57 19.08 -31.59
C ARG B 187 -32.10 17.82 -30.89
N VAL B 188 -32.16 17.86 -29.57
CA VAL B 188 -32.61 16.71 -28.82
C VAL B 188 -34.11 16.74 -28.55
N VAL B 189 -34.75 15.62 -28.84
CA VAL B 189 -36.19 15.51 -28.63
C VAL B 189 -36.39 14.61 -27.43
N THR B 190 -37.32 14.96 -26.55
CA THR B 190 -37.58 14.15 -25.36
C THR B 190 -38.99 13.57 -25.36
N ASP B 191 -39.10 12.26 -25.51
CA ASP B 191 -40.41 11.60 -25.45
C ASP B 191 -40.50 10.92 -24.10
N CYS B 192 -41.52 11.28 -23.32
CA CYS B 192 -41.68 10.66 -22.00
C CYS B 192 -43.01 9.93 -21.87
N ILE B 193 -42.97 8.76 -21.26
CA ILE B 193 -44.18 8.01 -21.04
C ILE B 193 -44.51 8.15 -19.56
N GLN B 194 -45.77 8.38 -19.25
CA GLN B 194 -46.17 8.55 -17.86
C GLN B 194 -46.74 7.25 -17.33
N VAL B 195 -46.33 6.89 -16.11
CA VAL B 195 -46.81 5.68 -15.48
C VAL B 195 -47.40 6.09 -14.13
N ASP B 196 -48.66 5.73 -13.91
CA ASP B 196 -49.29 6.06 -12.64
C ASP B 196 -49.20 4.88 -11.70
N PRO B 197 -48.74 5.12 -10.46
CA PRO B 197 -48.64 4.00 -9.52
C PRO B 197 -50.03 3.41 -9.38
N PRO B 198 -50.12 2.10 -9.09
CA PRO B 198 -51.40 1.39 -8.91
C PRO B 198 -52.35 2.06 -7.93
N ASN B 220 -43.97 -1.54 -22.42
CA ASN B 220 -42.94 -1.96 -23.37
C ASN B 220 -42.74 -0.95 -24.50
N LEU B 221 -41.76 -0.07 -24.33
CA LEU B 221 -41.44 0.94 -25.34
C LEU B 221 -40.01 0.81 -25.83
N THR B 222 -39.81 0.83 -27.14
CA THR B 222 -38.49 0.63 -27.72
C THR B 222 -37.98 1.82 -28.55
N LEU B 223 -36.74 2.20 -28.29
CA LEU B 223 -36.10 3.29 -29.03
C LEU B 223 -34.90 2.76 -29.79
N LYS B 224 -34.73 3.20 -31.03
CA LYS B 224 -33.66 2.67 -31.88
C LYS B 224 -32.29 2.96 -31.28
N PHE B 225 -31.42 1.95 -31.31
CA PHE B 225 -30.15 2.02 -30.62
C PHE B 225 -29.25 3.14 -31.16
N HIS B 226 -29.23 3.28 -32.47
CA HIS B 226 -28.47 4.36 -33.07
C HIS B 226 -29.11 5.63 -32.54
N LYS B 227 -30.42 5.59 -32.44
CA LYS B 227 -31.23 6.74 -32.03
C LYS B 227 -30.95 7.23 -30.61
N LEU B 228 -30.72 6.31 -29.68
CA LEU B 228 -30.66 6.68 -28.27
C LEU B 228 -29.56 7.68 -27.94
N ILE B 229 -29.89 8.64 -27.09
CA ILE B 229 -28.96 9.63 -26.57
C ILE B 229 -28.88 9.35 -25.08
N ASN B 230 -30.05 9.30 -24.45
CA ASN B 230 -30.21 8.62 -23.17
C ASN B 230 -31.67 8.34 -22.80
N VAL B 231 -31.86 7.40 -21.88
CA VAL B 231 -33.16 7.04 -21.36
C VAL B 231 -33.07 7.29 -19.85
N THR B 232 -34.08 7.95 -19.29
CA THR B 232 -34.14 8.19 -17.86
C THR B 232 -35.44 7.71 -17.28
N ILE B 233 -35.40 7.42 -16.00
CA ILE B 233 -36.56 7.01 -15.28
C ILE B 233 -36.57 7.86 -14.03
N HIS B 234 -37.62 8.64 -13.89
CA HIS B 234 -37.77 9.56 -12.80
C HIS B 234 -38.98 9.25 -11.93
N PHE B 235 -38.80 9.13 -10.61
CA PHE B 235 -39.93 8.94 -9.71
C PHE B 235 -39.59 9.36 -8.28
N GLN B 236 -40.62 9.69 -7.49
CA GLN B 236 -40.39 10.10 -6.10
C GLN B 236 -41.05 9.16 -5.12
N LEU B 237 -40.37 8.93 -4.00
CA LEU B 237 -40.88 8.05 -2.95
C LEU B 237 -40.72 8.76 -1.62
N LYS B 238 -41.75 8.66 -0.77
CA LYS B 238 -41.72 9.29 0.55
C LYS B 238 -41.61 8.21 1.61
N THR B 239 -40.92 8.52 2.70
CA THR B 239 -40.74 7.58 3.78
C THR B 239 -40.44 8.34 5.06
N ILE B 240 -40.73 7.71 6.20
CA ILE B 240 -40.51 8.32 7.52
C ILE B 240 -39.16 7.84 8.03
N ASN B 241 -38.37 8.75 8.59
CA ASN B 241 -37.07 8.37 9.12
C ASN B 241 -37.22 7.98 10.60
N LEU B 242 -37.60 6.73 10.83
CA LEU B 242 -37.84 6.19 12.17
C LEU B 242 -36.62 6.05 13.06
N GLN B 243 -35.47 5.78 12.46
CA GLN B 243 -34.24 5.63 13.23
C GLN B 243 -34.05 6.77 14.24
N SER B 244 -34.56 7.95 13.91
CA SER B 244 -34.43 9.10 14.80
C SER B 244 -34.77 8.78 16.27
N LEU B 245 -35.71 7.86 16.47
CA LEU B 245 -36.14 7.51 17.82
C LEU B 245 -34.98 7.07 18.72
N ILE B 246 -33.98 6.44 18.13
CA ILE B 246 -32.82 5.98 18.90
C ILE B 246 -32.04 7.14 19.48
N ASN B 247 -31.99 8.24 18.75
CA ASN B 247 -31.28 9.42 19.19
C ASN B 247 -32.27 10.36 19.87
N ASN B 248 -33.35 9.76 20.36
CA ASN B 248 -34.42 10.50 21.04
C ASN B 248 -34.93 11.71 20.27
N GLU B 249 -35.16 11.53 18.98
CA GLU B 249 -35.67 12.62 18.15
C GLU B 249 -36.93 12.20 17.42
N ILE B 250 -37.73 13.19 17.05
CA ILE B 250 -38.97 12.90 16.34
C ILE B 250 -38.65 12.51 14.91
N PRO B 251 -39.22 11.38 14.45
CA PRO B 251 -38.97 10.94 13.08
C PRO B 251 -39.24 12.04 12.07
N ASP B 252 -38.38 12.08 11.05
CA ASP B 252 -38.39 13.04 9.96
C ASP B 252 -39.21 12.53 8.79
N CYS B 253 -39.55 13.44 7.88
CA CYS B 253 -40.31 13.08 6.68
C CYS B 253 -39.44 13.33 5.44
N TYR B 254 -39.04 12.24 4.79
CA TYR B 254 -38.19 12.29 3.61
C TYR B 254 -38.92 12.02 2.30
N THR B 255 -38.51 12.75 1.27
CA THR B 255 -39.03 12.53 -0.07
C THR B 255 -37.78 12.32 -0.91
N PHE B 256 -37.66 11.11 -1.44
CA PHE B 256 -36.52 10.74 -2.26
C PHE B 256 -36.87 10.90 -3.73
N SER B 257 -36.05 11.66 -4.45
CA SER B 257 -36.27 11.84 -5.87
C SER B 257 -35.26 10.87 -6.49
N ILE B 258 -35.78 9.88 -7.21
CA ILE B 258 -34.96 8.86 -7.83
C ILE B 258 -34.81 9.05 -9.34
N LEU B 259 -33.56 9.07 -9.81
CA LEU B 259 -33.26 9.20 -11.22
C LEU B 259 -32.36 8.07 -11.69
N ILE B 260 -32.86 7.26 -12.62
CA ILE B 260 -32.10 6.16 -13.17
C ILE B 260 -31.75 6.62 -14.58
N THR B 261 -30.47 6.54 -14.94
CA THR B 261 -30.02 6.96 -16.26
C THR B 261 -29.33 5.84 -17.01
N PHE B 262 -29.76 5.63 -18.25
CA PHE B 262 -29.16 4.64 -19.13
C PHE B 262 -28.51 5.60 -20.15
N ASP B 263 -27.23 5.91 -19.94
CA ASP B 263 -26.50 6.87 -20.76
C ASP B 263 -25.81 6.39 -22.04
N ASN B 264 -26.33 6.85 -23.19
CA ASN B 264 -25.78 6.47 -24.49
C ASN B 264 -25.11 7.62 -25.19
N LYS B 265 -24.76 8.67 -24.45
CA LYS B 265 -24.13 9.83 -25.05
C LYS B 265 -22.81 9.55 -25.77
N ALA B 266 -22.13 8.46 -25.43
CA ALA B 266 -20.87 8.13 -26.10
C ALA B 266 -21.11 7.31 -27.37
N HIS B 267 -22.32 6.77 -27.52
CA HIS B 267 -22.64 5.99 -28.71
C HIS B 267 -21.49 5.01 -28.96
N SER B 268 -21.07 4.34 -27.89
CA SER B 268 -19.95 3.40 -27.91
C SER B 268 -20.31 1.92 -27.92
N GLY B 269 -21.60 1.60 -27.81
CA GLY B 269 -22.01 0.21 -27.78
C GLY B 269 -22.12 -0.24 -26.33
N ARG B 270 -21.69 0.63 -25.44
CA ARG B 270 -21.74 0.38 -24.01
C ARG B 270 -22.63 1.43 -23.37
N ILE B 271 -23.65 1.00 -22.62
CA ILE B 271 -24.51 1.96 -21.97
C ILE B 271 -24.47 1.82 -20.44
N PRO B 272 -23.71 2.71 -19.77
CA PRO B 272 -23.62 2.64 -18.31
C PRO B 272 -24.98 3.03 -17.73
N ILE B 273 -25.35 2.34 -16.65
CA ILE B 273 -26.63 2.55 -15.98
C ILE B 273 -26.34 2.99 -14.54
N ARG B 274 -26.98 4.06 -14.11
CA ARG B 274 -26.77 4.55 -12.75
C ARG B 274 -28.07 5.00 -12.12
N LEU B 275 -28.06 5.06 -10.79
CA LEU B 275 -29.22 5.48 -10.04
C LEU B 275 -28.76 6.49 -9.02
N GLU B 276 -29.42 7.64 -9.00
CA GLU B 276 -29.03 8.69 -8.07
C GLU B 276 -30.27 9.18 -7.34
N THR B 277 -30.04 9.76 -6.17
CA THR B 277 -31.16 10.25 -5.39
C THR B 277 -30.88 11.62 -4.78
N LYS B 278 -31.94 12.39 -4.65
CA LYS B 278 -31.86 13.69 -4.02
C LYS B 278 -32.85 13.51 -2.87
N THR B 279 -32.54 14.09 -1.73
CA THR B 279 -33.41 13.95 -0.58
C THR B 279 -33.91 15.28 -0.04
N HIS B 280 -35.23 15.41 0.04
CA HIS B 280 -35.85 16.61 0.58
C HIS B 280 -36.34 16.20 1.96
N ILE B 281 -35.87 16.90 2.98
CA ILE B 281 -36.22 16.59 4.37
C ILE B 281 -37.02 17.69 5.07
N GLN B 282 -38.10 17.29 5.73
CA GLN B 282 -38.94 18.23 6.46
C GLN B 282 -39.67 17.54 7.61
N GLU B 283 -40.28 18.33 8.48
CA GLU B 283 -41.05 17.80 9.60
C GLU B 283 -42.28 17.15 9.05
N CYS B 284 -42.77 16.14 9.76
CA CYS B 284 -43.98 15.43 9.37
C CYS B 284 -45.13 16.43 9.38
N LYS B 285 -46.31 15.98 8.97
CA LYS B 285 -47.49 16.85 8.91
C LYS B 285 -47.99 17.40 10.25
N HIS B 286 -47.99 16.57 11.29
CA HIS B 286 -48.47 17.00 12.60
C HIS B 286 -47.38 16.99 13.66
N PRO B 287 -47.25 18.12 14.36
CA PRO B 287 -46.25 18.26 15.42
C PRO B 287 -46.54 19.45 16.33
N SER B 296 -38.47 23.47 19.84
CA SER B 296 -37.55 24.52 19.41
C SER B 296 -36.19 24.31 20.04
N PHE B 297 -36.19 24.09 21.36
CA PHE B 297 -35.03 23.74 22.18
C PHE B 297 -33.67 23.85 21.53
N ARG B 298 -33.31 22.82 20.78
CA ARG B 298 -32.05 22.78 20.05
C ARG B 298 -31.97 23.88 19.00
N LEU B 299 -33.08 24.14 18.32
CA LEU B 299 -33.10 25.21 17.32
C LEU B 299 -32.82 26.54 18.01
N LEU B 300 -33.44 26.71 19.17
CA LEU B 300 -33.25 27.94 19.94
C LEU B 300 -31.80 28.07 20.35
N PHE B 301 -31.21 26.96 20.75
CA PHE B 301 -29.80 26.93 21.15
C PHE B 301 -28.89 27.29 19.99
N ASP B 302 -29.23 26.79 18.81
CA ASP B 302 -28.47 27.09 17.61
C ASP B 302 -28.57 28.58 17.34
N VAL B 303 -29.75 29.14 17.54
CA VAL B 303 -29.95 30.57 17.35
C VAL B 303 -29.11 31.38 18.32
N VAL B 304 -29.05 30.92 19.56
CA VAL B 304 -28.24 31.61 20.56
C VAL B 304 -26.79 31.56 20.15
N VAL B 305 -26.37 30.41 19.64
CA VAL B 305 -24.99 30.23 19.22
C VAL B 305 -24.68 31.18 18.08
N ILE B 306 -25.64 31.32 17.17
CA ILE B 306 -25.48 32.22 16.04
C ILE B 306 -25.33 33.65 16.51
N LEU B 307 -26.14 34.02 17.50
CA LEU B 307 -26.05 35.37 18.05
C LEU B 307 -24.68 35.59 18.69
N THR B 308 -24.17 34.59 19.38
CA THR B 308 -22.89 34.73 20.06
C THR B 308 -21.85 35.02 18.99
N CYS B 309 -21.97 34.33 17.87
CA CYS B 309 -21.01 34.46 16.79
C CYS B 309 -21.01 35.90 16.30
N SER B 310 -22.19 36.50 16.25
CA SER B 310 -22.29 37.87 15.79
C SER B 310 -21.51 38.77 16.74
N LEU B 311 -21.63 38.49 18.03
CA LEU B 311 -20.94 39.28 19.04
C LEU B 311 -19.44 39.16 18.86
N SER B 312 -18.98 37.94 18.57
CA SER B 312 -17.57 37.70 18.35
C SER B 312 -17.07 38.47 17.12
N PHE B 313 -17.89 38.48 16.07
CA PHE B 313 -17.54 39.20 14.86
C PHE B 313 -17.41 40.67 15.16
N LEU B 314 -18.32 41.18 15.99
CA LEU B 314 -18.29 42.58 16.39
C LEU B 314 -17.03 42.89 17.16
N LEU B 315 -16.65 41.97 18.05
CA LEU B 315 -15.45 42.16 18.84
C LEU B 315 -14.25 42.21 17.90
N CYS B 316 -14.26 41.35 16.89
CA CYS B 316 -13.18 41.30 15.91
C CYS B 316 -13.10 42.61 15.12
N ALA B 317 -14.26 43.15 14.76
CA ALA B 317 -14.29 44.41 14.03
C ALA B 317 -13.69 45.49 14.91
N ARG B 318 -14.04 45.46 16.19
CA ARG B 318 -13.52 46.46 17.12
C ARG B 318 -12.01 46.34 17.21
N SER B 319 -11.52 45.12 17.33
CA SER B 319 -10.09 44.89 17.45
C SER B 319 -9.44 45.39 16.17
N LEU B 320 -10.10 45.11 15.05
CA LEU B 320 -9.58 45.47 13.75
C LEU B 320 -9.47 46.98 13.67
N LEU B 321 -10.45 47.68 14.22
CA LEU B 321 -10.44 49.13 14.21
C LEU B 321 -9.25 49.64 15.00
N ARG B 322 -8.98 49.01 16.14
CA ARG B 322 -7.86 49.40 16.98
C ARG B 322 -6.56 49.21 16.21
N GLY B 323 -6.48 48.10 15.49
CA GLY B 323 -5.31 47.80 14.70
C GLY B 323 -5.13 48.84 13.62
N PHE B 324 -6.23 49.25 13.01
CA PHE B 324 -6.21 50.28 11.98
C PHE B 324 -5.75 51.63 12.53
N LEU B 325 -6.20 51.95 13.74
CA LEU B 325 -5.79 53.19 14.39
C LEU B 325 -4.29 53.12 14.60
N LEU B 326 -3.82 51.95 15.01
CA LEU B 326 -2.41 51.75 15.25
C LEU B 326 -1.62 51.93 13.96
N GLN B 327 -2.18 51.42 12.87
CA GLN B 327 -1.59 51.54 11.55
C GLN B 327 -1.51 52.99 11.11
N ASN B 328 -2.55 53.75 11.40
CA ASN B 328 -2.58 55.18 11.09
C ASN B 328 -1.50 55.89 11.89
N GLU B 329 -1.35 55.47 13.14
CA GLU B 329 -0.34 56.04 14.00
C GLU B 329 1.03 55.73 13.39
N PHE B 330 1.19 54.47 13.02
CA PHE B 330 2.41 53.97 12.38
C PHE B 330 2.59 54.59 11.01
N VAL B 331 1.52 54.65 10.24
CA VAL B 331 1.60 55.30 8.94
C VAL B 331 1.93 56.76 9.18
N VAL B 332 1.22 57.36 10.14
CA VAL B 332 1.50 58.72 10.55
C VAL B 332 2.86 58.80 11.23
N PHE B 333 3.13 57.82 12.08
CA PHE B 333 4.36 57.82 12.87
C PHE B 333 5.63 57.70 12.04
N MET B 334 5.65 56.79 11.08
CA MET B 334 6.86 56.62 10.29
C MET B 334 7.13 57.87 9.49
N TRP B 335 6.08 58.39 8.85
CA TRP B 335 6.13 59.66 8.17
C TRP B 335 6.25 60.87 9.09
N ARG B 336 5.48 60.84 10.18
CA ARG B 336 5.25 62.03 10.98
C ARG B 336 6.45 62.65 11.69
N ARG B 337 7.29 61.83 12.30
CA ARG B 337 8.36 62.35 13.14
C ARG B 337 9.40 63.17 12.39
N ARG B 338 9.82 62.69 11.24
CA ARG B 338 10.84 63.37 10.45
C ARG B 338 10.34 63.71 9.05
N GLY B 339 9.01 63.77 8.88
CA GLY B 339 8.44 63.69 7.55
C GLY B 339 8.91 62.35 7.00
N ARG B 340 8.92 61.37 7.89
CA ARG B 340 9.67 60.13 7.75
C ARG B 340 9.30 59.21 6.60
N GLU B 341 10.34 58.62 6.03
CA GLU B 341 10.23 57.60 5.00
C GLU B 341 11.17 56.51 5.48
N ILE B 342 11.00 55.28 5.00
CA ILE B 342 10.07 54.95 3.93
C ILE B 342 9.33 53.68 4.30
N SER B 343 8.21 53.41 3.65
CA SER B 343 7.39 52.27 4.00
C SER B 343 8.09 50.92 3.82
N LEU B 344 7.85 50.04 4.79
CA LEU B 344 8.39 48.69 4.82
C LEU B 344 7.30 47.65 4.68
N TRP B 345 7.52 46.71 3.76
CA TRP B 345 6.56 45.63 3.54
C TRP B 345 6.47 44.82 4.81
N GLU B 346 7.62 44.65 5.47
CA GLU B 346 7.71 43.89 6.71
C GLU B 346 7.85 42.40 6.46
N ARG B 347 7.95 42.02 5.19
CA ARG B 347 8.11 40.62 4.85
C ARG B 347 6.96 39.85 5.49
N LEU B 348 7.27 38.74 6.14
CA LEU B 348 6.24 37.93 6.78
C LEU B 348 5.55 38.73 7.89
N GLU B 349 6.34 39.43 8.69
CA GLU B 349 5.80 40.25 9.76
C GLU B 349 4.88 39.49 10.72
N PHE B 350 5.21 38.25 11.04
CA PHE B 350 4.38 37.45 11.93
C PHE B 350 5.17 36.61 12.94
N VAL B 351 4.57 36.32 14.10
CA VAL B 351 3.24 36.81 14.46
C VAL B 351 2.19 36.40 13.43
N ASN B 352 1.43 37.39 12.98
CA ASN B 352 0.39 37.19 11.99
C ASN B 352 -0.73 36.26 12.43
N GLY B 353 -1.88 36.85 12.74
CA GLY B 353 -3.05 36.11 13.13
C GLY B 353 -3.90 37.01 13.98
N TRP B 354 -3.25 37.94 14.66
CA TRP B 354 -3.95 38.86 15.53
C TRP B 354 -4.98 39.56 14.66
N TYR B 355 -4.62 39.82 13.40
CA TYR B 355 -5.57 40.47 12.51
C TYR B 355 -6.05 39.51 11.44
N ILE B 356 -5.13 38.72 10.88
CA ILE B 356 -5.51 37.82 9.81
C ILE B 356 -6.51 36.81 10.36
N LEU B 357 -6.22 36.28 11.54
CA LEU B 357 -7.09 35.27 12.11
C LEU B 357 -8.51 35.74 12.38
N LEU B 358 -8.65 36.96 12.89
CA LEU B 358 -9.97 37.46 13.19
C LEU B 358 -10.84 37.55 11.95
N VAL B 359 -10.27 38.03 10.86
CA VAL B 359 -11.04 38.16 9.63
C VAL B 359 -11.53 36.81 9.16
N THR B 360 -10.67 35.81 9.22
CA THR B 360 -11.06 34.47 8.79
C THR B 360 -12.18 34.03 9.71
N SER B 361 -12.03 34.34 10.99
CA SER B 361 -13.03 33.96 11.97
C SER B 361 -14.30 34.65 11.57
N ASP B 362 -14.19 35.90 11.14
CA ASP B 362 -15.35 36.65 10.73
C ASP B 362 -16.00 35.94 9.57
N VAL B 363 -15.17 35.45 8.64
CA VAL B 363 -15.70 34.75 7.48
C VAL B 363 -16.42 33.51 7.96
N LEU B 364 -15.81 32.80 8.89
CA LEU B 364 -16.44 31.60 9.41
C LEU B 364 -17.72 31.99 10.11
N THR B 365 -17.65 33.05 10.91
CA THR B 365 -18.82 33.52 11.65
C THR B 365 -19.92 33.97 10.72
N ILE B 366 -19.54 34.72 9.69
CA ILE B 366 -20.53 35.23 8.75
C ILE B 366 -21.20 34.06 8.06
N SER B 367 -20.41 33.06 7.71
CA SER B 367 -20.91 31.89 7.02
C SER B 367 -21.94 31.10 7.81
N GLY B 368 -21.69 30.91 9.10
CA GLY B 368 -22.61 30.14 9.90
C GLY B 368 -23.97 30.78 9.93
N THR B 369 -24.00 32.10 10.10
CA THR B 369 -25.26 32.79 10.14
C THR B 369 -25.93 32.62 8.79
N VAL B 370 -25.12 32.73 7.73
CA VAL B 370 -25.65 32.58 6.38
C VAL B 370 -26.22 31.20 6.13
N MET B 371 -25.52 30.17 6.57
CA MET B 371 -26.02 28.82 6.35
C MET B 371 -27.33 28.69 7.10
N LYS B 372 -27.34 29.17 8.34
CA LYS B 372 -28.54 29.14 9.16
C LYS B 372 -29.60 30.05 8.57
N ILE B 373 -29.17 31.20 8.08
CA ILE B 373 -30.08 32.22 7.51
C ILE B 373 -30.57 32.42 6.05
N GLY B 374 -30.13 33.48 5.37
CA GLY B 374 -30.63 33.86 4.04
C GLY B 374 -30.55 32.99 2.79
N ILE B 375 -29.39 32.43 2.46
CA ILE B 375 -29.30 31.45 1.40
C ILE B 375 -29.58 30.04 1.97
N GLU B 376 -29.80 29.82 3.29
CA GLU B 376 -30.43 28.55 3.69
C GLU B 376 -31.85 28.38 3.17
N ALA B 377 -32.57 29.48 2.97
CA ALA B 377 -33.82 29.38 2.17
C ALA B 377 -33.62 29.00 0.68
N LYS B 378 -32.39 28.75 0.22
CA LYS B 378 -32.09 28.02 -1.07
C LYS B 378 -31.16 26.80 -0.92
N ASN B 379 -31.44 25.96 0.08
CA ASN B 379 -30.61 24.94 0.73
C ASN B 379 -29.22 24.47 0.19
N LEU B 380 -29.13 23.43 -0.63
CA LEU B 380 -28.14 22.36 -0.39
C LEU B 380 -26.62 22.63 -0.57
N ALA B 381 -26.22 23.16 -1.72
CA ALA B 381 -24.81 23.43 -1.94
C ALA B 381 -24.32 24.48 -0.94
N SER B 382 -25.16 25.48 -0.71
CA SER B 382 -24.80 26.60 0.14
C SER B 382 -24.52 26.15 1.57
N TYR B 383 -25.32 25.22 2.07
CA TYR B 383 -25.12 24.74 3.43
C TYR B 383 -23.76 24.07 3.52
N ASP B 384 -23.46 23.20 2.57
CA ASP B 384 -22.19 22.48 2.58
C ASP B 384 -20.95 23.33 2.45
N VAL B 385 -21.00 24.29 1.54
CA VAL B 385 -19.86 25.16 1.30
C VAL B 385 -19.51 25.98 2.53
N CYS B 386 -20.55 26.48 3.20
CA CYS B 386 -20.34 27.31 4.38
C CYS B 386 -19.62 26.52 5.44
N SER B 387 -19.94 25.24 5.54
CA SER B 387 -19.32 24.42 6.55
C SER B 387 -17.82 24.41 6.33
N ILE B 388 -17.40 24.41 5.08
CA ILE B 388 -15.98 24.37 4.79
C ILE B 388 -15.29 25.57 5.41
N LEU B 389 -15.93 26.73 5.34
CA LEU B 389 -15.33 27.93 5.91
C LEU B 389 -15.10 27.80 7.41
N LEU B 390 -16.04 27.16 8.09
CA LEU B 390 -15.97 27.00 9.53
C LEU B 390 -14.71 26.27 9.96
N GLY B 391 -14.32 25.28 9.16
CA GLY B 391 -13.15 24.48 9.48
C GLY B 391 -11.89 25.30 9.57
N THR B 392 -11.76 26.30 8.71
CA THR B 392 -10.57 27.12 8.72
C THR B 392 -10.42 27.84 10.06
N SER B 393 -11.53 28.32 10.60
CA SER B 393 -11.48 29.02 11.87
C SER B 393 -11.04 28.20 13.07
N THR B 394 -11.53 26.96 13.17
CA THR B 394 -11.18 26.12 14.30
C THR B 394 -9.69 25.79 14.37
N LEU B 395 -9.18 25.25 13.27
CA LEU B 395 -7.77 24.93 13.20
C LEU B 395 -7.08 26.26 13.32
N LEU B 396 -7.58 27.23 12.57
CA LEU B 396 -7.19 28.61 12.80
C LEU B 396 -7.70 28.90 14.19
N VAL B 397 -8.94 28.45 14.43
CA VAL B 397 -9.48 28.54 15.76
C VAL B 397 -8.61 27.64 16.62
N TRP B 398 -8.29 26.46 16.11
CA TRP B 398 -7.41 25.58 16.86
C TRP B 398 -6.04 26.23 16.97
N VAL B 399 -5.57 26.76 15.85
CA VAL B 399 -4.20 27.29 15.77
C VAL B 399 -3.96 28.50 16.65
N GLY B 400 -4.92 29.41 16.68
CA GLY B 400 -4.73 30.63 17.40
C GLY B 400 -4.56 30.36 18.87
N VAL B 401 -5.35 29.42 19.38
CA VAL B 401 -5.39 29.19 20.81
C VAL B 401 -4.03 28.75 21.29
N ILE B 402 -3.38 27.86 20.55
CA ILE B 402 -2.10 27.34 20.99
C ILE B 402 -1.10 28.48 21.06
N ARG B 403 -1.11 29.35 20.05
CA ARG B 403 -0.22 30.49 20.04
C ARG B 403 -0.57 31.41 21.19
N TYR B 404 -1.87 31.66 21.37
CA TYR B 404 -2.33 32.38 22.54
C TYR B 404 -1.98 31.48 23.71
N LEU B 405 -2.25 30.19 23.50
CA LEU B 405 -2.05 29.15 24.51
C LEU B 405 -0.59 29.05 24.87
N THR B 406 0.28 29.20 23.88
CA THR B 406 1.69 29.04 24.14
C THR B 406 2.08 30.07 25.18
N PHE B 407 1.49 31.26 25.08
CA PHE B 407 1.78 32.33 26.04
C PHE B 407 3.28 32.54 25.98
N PHE B 408 3.79 32.43 24.77
CA PHE B 408 5.23 32.40 24.53
C PHE B 408 5.71 30.95 24.62
N HIS B 409 4.82 30.06 25.05
CA HIS B 409 5.11 28.64 25.02
C HIS B 409 6.42 28.40 25.72
N LYS B 410 6.65 29.07 26.85
CA LYS B 410 7.96 29.05 27.45
C LYS B 410 9.03 29.53 26.46
N TYR B 411 8.75 30.66 25.81
CA TYR B 411 9.67 31.23 24.84
C TYR B 411 9.40 30.84 23.39
N ASN B 412 8.35 30.05 23.17
CA ASN B 412 7.80 29.83 21.84
C ASN B 412 8.78 29.36 20.78
N ILE B 413 9.65 28.41 21.14
CA ILE B 413 10.67 27.94 20.22
C ILE B 413 10.11 27.27 18.97
N LEU B 414 9.05 26.47 19.14
CA LEU B 414 8.46 25.76 18.02
C LEU B 414 7.93 26.73 16.98
N ILE B 415 7.30 27.80 17.45
CA ILE B 415 6.66 28.78 16.59
C ILE B 415 7.66 29.47 15.66
N ALA B 416 8.83 29.80 16.20
CA ALA B 416 9.83 30.49 15.41
C ALA B 416 10.25 29.61 14.25
N THR B 417 10.38 28.32 14.50
CA THR B 417 10.88 27.39 13.49
C THR B 417 10.19 27.49 12.14
N LEU B 418 8.87 27.66 12.14
CA LEU B 418 8.13 27.68 10.89
C LEU B 418 8.51 28.82 9.93
N ARG B 419 8.75 30.01 10.47
CA ARG B 419 8.92 31.20 9.66
C ARG B 419 10.11 31.22 8.70
N VAL B 420 11.26 30.76 9.16
CA VAL B 420 12.47 30.86 8.35
C VAL B 420 12.34 30.07 7.06
N ALA B 421 11.75 28.89 7.15
CA ALA B 421 11.69 27.94 6.04
C ALA B 421 10.95 28.43 4.81
N LEU B 422 9.84 29.12 5.03
CA LEU B 422 8.98 29.50 3.91
C LEU B 422 9.79 30.37 2.97
N PRO B 423 10.61 31.24 3.53
CA PRO B 423 11.37 32.19 2.73
C PRO B 423 12.28 31.42 1.78
N SER B 424 12.84 30.32 2.25
CA SER B 424 13.74 29.53 1.42
C SER B 424 12.89 28.47 0.74
N VAL B 425 11.96 27.92 1.51
CA VAL B 425 11.09 26.87 1.03
C VAL B 425 10.20 27.32 -0.11
N MET B 426 9.68 28.55 -0.01
CA MET B 426 8.80 29.03 -1.07
C MET B 426 9.57 29.04 -2.37
N ARG B 427 10.81 29.51 -2.31
CA ARG B 427 11.64 29.55 -3.51
C ARG B 427 11.84 28.11 -3.93
N PHE B 428 12.08 27.27 -2.93
CA PHE B 428 12.29 25.85 -3.14
C PHE B 428 11.06 25.19 -3.74
N CYS B 429 9.89 25.58 -3.26
CA CYS B 429 8.67 24.98 -3.75
C CYS B 429 8.47 25.22 -5.24
N CYS B 430 8.73 26.45 -5.68
CA CYS B 430 8.54 26.75 -7.10
C CYS B 430 9.45 25.94 -8.01
N CYS B 431 10.72 25.83 -7.65
CA CYS B 431 11.65 25.09 -8.48
C CYS B 431 11.16 23.66 -8.53
N VAL B 432 10.72 23.17 -7.37
CA VAL B 432 10.23 21.81 -7.25
C VAL B 432 9.01 21.66 -8.15
N ALA B 433 8.15 22.66 -8.14
CA ALA B 433 6.97 22.60 -8.98
C ALA B 433 7.50 22.53 -10.40
N VAL B 434 8.54 23.33 -10.65
CA VAL B 434 9.12 23.35 -11.98
C VAL B 434 9.68 21.99 -12.32
N ILE B 435 10.39 21.36 -11.38
CA ILE B 435 10.94 20.05 -11.66
C ILE B 435 9.73 19.16 -11.89
N TYR B 436 8.74 19.37 -11.04
CA TYR B 436 7.51 18.63 -11.12
C TYR B 436 6.74 18.87 -12.40
N LEU B 437 6.69 20.12 -12.86
CA LEU B 437 5.87 20.35 -14.05
C LEU B 437 6.32 19.48 -15.21
N GLY B 438 7.63 19.37 -15.39
CA GLY B 438 8.19 18.52 -16.43
C GLY B 438 7.83 17.08 -16.17
N TYR B 439 7.91 16.69 -14.91
CA TYR B 439 7.58 15.31 -14.57
C TYR B 439 6.12 15.05 -14.95
N CYS B 440 5.26 16.02 -14.66
CA CYS B 440 3.84 15.91 -14.97
C CYS B 440 3.59 15.79 -16.46
N PHE B 441 4.31 16.56 -17.26
CA PHE B 441 4.15 16.48 -18.71
C PHE B 441 4.57 15.09 -19.21
N CYS B 442 5.56 14.50 -18.59
CA CYS B 442 5.97 13.23 -19.12
C CYS B 442 4.70 12.40 -19.09
N GLY B 443 3.89 12.58 -18.04
CA GLY B 443 2.70 11.79 -17.91
C GLY B 443 1.74 11.98 -19.06
N TRP B 444 1.57 13.22 -19.51
CA TRP B 444 0.57 13.45 -20.55
C TRP B 444 0.93 12.72 -21.84
N ILE B 445 2.18 12.80 -22.27
CA ILE B 445 2.60 12.09 -23.47
C ILE B 445 2.64 10.57 -23.33
N VAL B 446 3.21 10.11 -22.23
CA VAL B 446 3.39 8.68 -21.98
C VAL B 446 2.11 7.89 -21.79
N LEU B 447 1.17 8.49 -21.09
CA LEU B 447 0.02 7.79 -20.54
C LEU B 447 -0.90 7.14 -21.54
N GLY B 448 -1.16 7.81 -22.65
CA GLY B 448 -2.24 7.39 -23.50
C GLY B 448 -2.02 5.97 -23.95
N PRO B 449 -0.78 5.62 -24.25
CA PRO B 449 -0.52 4.29 -24.81
C PRO B 449 -0.90 3.14 -23.88
N TYR B 450 -0.59 3.24 -22.60
CA TYR B 450 -0.91 2.14 -21.69
C TYR B 450 -1.24 2.54 -20.25
N HIS B 451 -2.13 1.78 -19.64
CA HIS B 451 -2.51 2.00 -18.25
C HIS B 451 -3.69 2.96 -18.21
N VAL B 452 -4.45 2.94 -17.13
CA VAL B 452 -5.53 3.91 -16.96
C VAL B 452 -5.13 4.96 -15.93
N LYS B 453 -4.10 4.67 -15.16
CA LYS B 453 -3.76 5.52 -14.05
C LYS B 453 -3.39 6.90 -14.57
N PHE B 454 -2.63 6.92 -15.65
CA PHE B 454 -2.23 8.17 -16.25
C PHE B 454 -3.06 8.28 -17.51
N ARG B 455 -3.65 9.45 -17.75
CA ARG B 455 -4.51 9.60 -18.93
C ARG B 455 -4.94 11.05 -19.17
N SER B 456 -4.98 11.82 -18.08
CA SER B 456 -5.45 13.20 -18.04
C SER B 456 -4.74 13.93 -16.88
N LEU B 457 -4.93 15.23 -16.76
CA LEU B 457 -4.24 16.00 -15.73
C LEU B 457 -4.52 15.50 -14.31
N SER B 458 -5.78 15.25 -14.01
CA SER B 458 -6.46 14.00 -14.05
C SER B 458 -5.67 13.02 -13.19
N MET B 459 -5.34 11.89 -13.78
CA MET B 459 -4.49 10.89 -13.14
C MET B 459 -3.13 11.52 -12.87
N VAL B 460 -2.69 12.38 -13.78
CA VAL B 460 -1.34 12.92 -13.74
C VAL B 460 -1.22 13.58 -12.38
N SER B 461 -2.30 14.19 -11.93
CA SER B 461 -2.35 14.65 -10.57
C SER B 461 -2.22 13.43 -9.66
N GLU B 462 -2.88 12.33 -10.03
CA GLU B 462 -2.94 11.14 -9.18
C GLU B 462 -1.57 10.53 -8.92
N CYS B 463 -0.72 10.57 -9.94
CA CYS B 463 0.62 10.00 -9.83
C CYS B 463 1.36 10.72 -8.73
N LEU B 464 1.11 12.01 -8.60
CA LEU B 464 1.89 12.86 -7.71
C LEU B 464 1.77 12.23 -6.33
N PHE B 465 0.65 11.58 -6.08
CA PHE B 465 0.52 10.79 -4.89
C PHE B 465 1.54 9.66 -4.88
N SER B 466 1.79 9.05 -6.03
CA SER B 466 2.62 7.85 -6.04
C SER B 466 4.05 8.05 -5.54
N LEU B 467 4.71 9.11 -5.99
CA LEU B 467 6.12 9.29 -5.66
C LEU B 467 6.38 9.46 -4.18
N ILE B 468 5.55 10.27 -3.54
CA ILE B 468 5.68 10.53 -2.11
C ILE B 468 5.41 9.31 -1.24
N ASN B 469 4.43 8.51 -1.65
CA ASN B 469 3.87 7.46 -0.81
C ASN B 469 3.78 6.10 -1.48
N GLY B 470 3.74 5.07 -0.65
CA GLY B 470 3.84 3.68 -1.09
C GLY B 470 2.78 3.10 -1.99
N ASP B 471 1.52 3.45 -1.78
CA ASP B 471 0.45 2.63 -2.30
C ASP B 471 0.55 2.51 -3.82
N ASP B 472 0.91 3.60 -4.47
CA ASP B 472 1.10 3.58 -5.92
C ASP B 472 2.26 2.74 -6.46
N MET B 473 3.41 2.79 -5.80
CA MET B 473 4.66 2.33 -6.40
C MET B 473 4.69 0.86 -6.80
N PHE B 474 4.21 -0.01 -5.94
CA PHE B 474 4.15 -1.41 -6.30
C PHE B 474 3.20 -1.66 -7.45
N VAL B 475 2.01 -1.06 -7.40
CA VAL B 475 0.99 -1.41 -8.37
C VAL B 475 1.22 -1.02 -9.84
N THR B 476 1.58 0.23 -10.10
CA THR B 476 1.91 0.67 -11.45
C THR B 476 3.23 0.19 -12.04
N PHE B 477 4.28 0.31 -11.23
CA PHE B 477 5.65 0.16 -11.66
C PHE B 477 5.89 -1.26 -12.12
N ALA B 478 5.28 -2.18 -11.41
CA ALA B 478 5.41 -3.59 -11.73
C ALA B 478 4.27 -4.05 -12.60
N ALA B 479 3.07 -3.58 -12.30
CA ALA B 479 1.91 -4.01 -13.06
C ALA B 479 2.16 -3.53 -14.47
N MET B 480 2.72 -2.33 -14.57
CA MET B 480 3.03 -1.74 -15.86
C MET B 480 4.07 -2.53 -16.64
N GLN B 481 5.08 -3.04 -15.94
CA GLN B 481 6.20 -3.66 -16.63
C GLN B 481 5.86 -4.90 -17.43
N ALA B 482 5.09 -5.82 -16.85
CA ALA B 482 4.62 -6.96 -17.64
C ALA B 482 3.72 -6.33 -18.68
N GLN B 483 2.87 -5.43 -18.19
CA GLN B 483 2.23 -4.40 -18.96
C GLN B 483 1.02 -4.84 -19.76
N GLN B 484 0.22 -3.87 -20.16
CA GLN B 484 -0.54 -3.92 -21.39
C GLN B 484 0.53 -3.89 -22.48
N GLY B 485 1.55 -3.07 -22.24
CA GLY B 485 2.70 -2.95 -23.12
C GLY B 485 2.39 -2.53 -24.52
N HIS B 486 2.94 -3.27 -25.47
CA HIS B 486 2.83 -2.94 -26.88
C HIS B 486 4.03 -2.03 -27.10
N SER B 487 4.49 -1.93 -28.35
CA SER B 487 5.64 -1.09 -28.65
C SER B 487 6.87 -1.55 -27.87
N SER B 488 7.79 -2.20 -28.56
CA SER B 488 8.95 -2.74 -27.88
C SER B 488 9.69 -1.60 -27.22
N LEU B 489 9.82 -0.48 -27.92
CA LEU B 489 10.54 0.67 -27.38
C LEU B 489 9.85 1.21 -26.13
N VAL B 490 8.52 1.28 -26.18
CA VAL B 490 7.76 1.85 -25.06
C VAL B 490 8.00 1.02 -23.81
N TRP B 491 8.01 -0.29 -23.97
CA TRP B 491 8.27 -1.18 -22.85
C TRP B 491 9.66 -0.84 -22.38
N LEU B 492 10.56 -0.62 -23.34
CA LEU B 492 11.86 -0.06 -23.02
C LEU B 492 11.61 1.35 -22.51
N PHE B 493 10.70 2.05 -23.17
CA PHE B 493 10.42 3.43 -22.81
C PHE B 493 9.81 3.61 -21.42
N SER B 494 8.85 2.77 -21.06
CA SER B 494 8.13 2.95 -19.81
C SER B 494 9.01 2.83 -18.57
N GLN B 495 9.87 1.84 -18.57
CA GLN B 495 10.85 1.67 -17.51
C GLN B 495 11.83 2.83 -17.48
N LEU B 496 12.23 3.26 -18.67
CA LEU B 496 13.33 4.18 -18.80
C LEU B 496 12.98 5.47 -18.08
N TYR B 497 11.72 5.85 -18.19
CA TYR B 497 11.26 7.13 -17.66
C TYR B 497 10.65 7.01 -16.27
N LEU B 498 9.80 6.01 -16.08
CA LEU B 498 9.09 5.88 -14.82
C LEU B 498 10.14 5.65 -13.76
N TYR B 499 11.12 4.84 -14.12
CA TYR B 499 12.21 4.51 -13.22
C TYR B 499 12.93 5.80 -12.93
N SER B 500 13.06 6.63 -13.96
CA SER B 500 13.75 7.88 -13.78
C SER B 500 12.94 8.66 -12.75
N PHE B 501 11.62 8.57 -12.87
CA PHE B 501 10.74 9.38 -12.06
C PHE B 501 10.81 9.16 -10.55
N ILE B 502 10.88 7.91 -10.13
CA ILE B 502 10.83 7.64 -8.70
C ILE B 502 12.04 8.24 -7.98
N SER B 503 13.21 8.09 -8.58
CA SER B 503 14.45 8.51 -7.93
C SER B 503 14.70 9.98 -7.64
N LEU B 504 14.42 10.85 -8.62
CA LEU B 504 14.89 12.22 -8.52
C LEU B 504 14.32 13.01 -7.36
N PHE B 505 13.01 12.91 -7.17
CA PHE B 505 12.33 13.58 -6.06
C PHE B 505 12.72 13.01 -4.70
N ILE B 506 12.83 11.68 -4.64
CA ILE B 506 13.00 11.00 -3.37
C ILE B 506 14.29 11.36 -2.66
N TYR B 507 15.40 11.41 -3.39
CA TYR B 507 16.64 11.87 -2.79
C TYR B 507 16.54 13.35 -2.43
N MET B 508 15.98 14.12 -3.35
CA MET B 508 15.86 15.57 -3.19
C MET B 508 14.93 16.02 -2.08
N VAL B 509 13.79 15.35 -1.97
CA VAL B 509 12.70 15.86 -1.15
C VAL B 509 13.10 15.99 0.32
N LEU B 510 13.79 14.98 0.83
CA LEU B 510 14.22 15.02 2.21
C LEU B 510 15.15 16.20 2.38
N SER B 511 16.02 16.38 1.38
CA SER B 511 16.99 17.46 1.44
C SER B 511 16.26 18.78 1.48
N LEU B 512 15.21 18.90 0.67
CA LEU B 512 14.48 20.15 0.64
C LEU B 512 13.89 20.36 2.01
N PHE B 513 13.30 19.32 2.58
CA PHE B 513 12.93 19.36 3.98
C PHE B 513 14.18 19.38 4.84
N ILE B 514 15.13 18.52 4.47
CA ILE B 514 16.38 18.39 5.19
C ILE B 514 17.19 19.66 5.07
N ALA B 515 17.41 20.10 3.84
CA ALA B 515 18.26 21.28 3.64
C ALA B 515 17.57 22.41 4.38
N LEU B 516 16.26 22.49 4.24
CA LEU B 516 15.47 23.36 5.08
C LEU B 516 15.58 22.82 6.50
N ILE B 517 15.51 21.51 6.63
CA ILE B 517 15.55 20.89 7.95
C ILE B 517 16.90 21.22 8.56
N THR B 518 17.93 21.13 7.76
CA THR B 518 19.23 21.60 8.19
C THR B 518 19.05 23.09 8.38
N GLY B 519 18.32 23.70 7.44
CA GLY B 519 18.07 25.11 7.50
C GLY B 519 17.29 25.38 8.77
N ALA B 520 16.35 24.50 9.07
CA ALA B 520 15.59 24.62 10.31
C ALA B 520 16.64 24.49 11.40
N TYR B 521 17.55 23.54 11.21
CA TYR B 521 18.68 23.41 12.11
C TYR B 521 19.43 24.71 11.98
N ASP B 522 19.55 25.19 10.75
CA ASP B 522 20.18 26.47 10.52
C ASP B 522 19.31 27.47 11.24
N THR B 523 18.00 27.28 11.11
CA THR B 523 17.05 28.04 11.90
C THR B 523 17.34 27.65 13.34
N ILE B 524 17.57 26.35 13.54
CA ILE B 524 17.91 25.82 14.84
C ILE B 524 19.25 26.34 15.39
N LYS B 525 20.25 26.43 14.52
CA LYS B 525 21.58 26.77 15.02
C LYS B 525 21.52 28.13 15.66
N HIS B 526 20.87 29.08 14.99
CA HIS B 526 20.54 30.34 15.61
C HIS B 526 19.56 30.01 16.71
N PRO B 527 18.64 29.10 16.37
CA PRO B 527 17.57 28.68 17.27
C PRO B 527 18.05 27.98 18.52
N GLY B 528 19.08 27.15 18.39
CA GLY B 528 19.47 26.26 19.46
C GLY B 528 19.86 27.01 20.72
N GLY B 529 20.57 28.12 20.55
CA GLY B 529 21.01 28.92 21.68
C GLY B 529 19.94 29.09 22.75
N GLU B 536 10.74 48.49 15.70
CA GLU B 536 10.36 47.74 16.91
C GLU B 536 11.54 47.67 17.87
N LEU B 537 12.68 47.32 17.30
CA LEU B 537 13.95 47.18 18.03
C LEU B 537 14.29 48.51 18.71
N GLN B 538 14.18 49.56 17.94
CA GLN B 538 14.45 50.93 18.40
C GLN B 538 13.58 51.28 19.61
N ALA B 539 12.30 50.95 19.45
CA ALA B 539 11.28 51.19 20.48
C ALA B 539 11.68 50.47 21.78
N TYR B 540 12.06 49.22 21.60
CA TYR B 540 12.47 48.35 22.71
C TYR B 540 13.64 48.98 23.46
N ILE B 541 14.61 49.43 22.68
CA ILE B 541 15.83 50.08 23.19
C ILE B 541 15.46 51.29 24.04
N GLU B 542 14.57 52.09 23.48
CA GLU B 542 14.07 53.32 24.11
C GLU B 542 13.45 52.98 25.48
N GLN B 543 12.63 51.95 25.45
CA GLN B 543 11.93 51.47 26.64
C GLN B 543 12.93 51.08 27.74
N THR C 36 38.62 40.83 -25.99
CA THR C 36 38.07 39.65 -25.32
C THR C 36 37.11 40.06 -24.22
N GLU C 37 37.18 41.32 -23.81
CA GLU C 37 36.36 41.81 -22.73
C GLU C 37 34.90 41.67 -23.12
N GLU C 38 34.61 41.94 -24.39
CA GLU C 38 33.27 41.82 -24.90
C GLU C 38 32.84 40.37 -24.80
N GLU C 39 33.75 39.46 -25.08
CA GLU C 39 33.46 38.03 -24.99
C GLU C 39 33.11 37.63 -23.56
N ASP C 40 33.86 38.17 -22.61
CA ASP C 40 33.61 37.91 -21.20
C ASP C 40 32.24 38.44 -20.81
N LEU C 41 31.90 39.60 -21.35
CA LEU C 41 30.61 40.21 -21.10
C LEU C 41 29.49 39.32 -21.64
N ARG C 42 29.75 38.74 -22.80
CA ARG C 42 28.82 37.82 -23.44
C ARG C 42 28.61 36.59 -22.58
N ARG C 43 29.70 36.09 -22.02
CA ARG C 43 29.63 34.92 -21.15
C ARG C 43 28.78 35.27 -19.94
N ARG C 44 28.98 36.49 -19.44
CA ARG C 44 28.23 36.98 -18.29
C ARG C 44 26.74 37.08 -18.57
N LEU C 45 26.40 37.55 -19.77
CA LEU C 45 25.01 37.73 -20.15
C LEU C 45 24.22 38.41 -19.03
N PRO C 52 19.40 40.19 -17.12
CA PRO C 52 20.14 41.28 -16.48
C PRO C 52 20.90 42.11 -17.49
N CYS C 53 21.57 41.45 -18.43
CA CYS C 53 22.37 42.14 -19.42
C CYS C 53 21.50 43.05 -20.28
N ASP C 54 20.31 42.57 -20.61
CA ASP C 54 19.39 43.36 -21.41
C ASP C 54 19.01 44.62 -20.65
N LYS C 55 18.85 44.46 -19.34
CA LYS C 55 18.53 45.57 -18.45
C LYS C 55 19.65 46.59 -18.52
N PHE C 56 20.87 46.08 -18.63
CA PHE C 56 22.03 46.92 -18.81
C PHE C 56 21.92 47.66 -20.13
N ARG C 57 21.05 47.15 -20.99
CA ARG C 57 20.96 47.58 -22.38
C ARG C 57 20.66 49.07 -22.52
N ARG C 61 14.08 40.86 -26.67
CA ARG C 61 14.74 40.75 -27.98
C ARG C 61 15.19 39.33 -28.22
N LYS C 62 16.50 39.09 -28.09
CA LYS C 62 17.03 37.75 -28.29
C LYS C 62 16.35 36.91 -27.23
N PRO C 63 16.19 37.50 -26.06
CA PRO C 63 15.52 36.83 -24.94
C PRO C 63 14.07 36.57 -25.33
N CYS C 64 13.48 37.52 -26.03
CA CYS C 64 12.09 37.39 -26.46
C CYS C 64 11.94 36.16 -27.34
N LYS C 65 12.91 35.97 -28.23
CA LYS C 65 12.89 34.79 -29.10
C LYS C 65 12.94 33.62 -28.15
N LEU C 66 14.02 33.54 -27.38
CA LEU C 66 14.14 32.49 -26.39
C LEU C 66 12.85 32.48 -25.60
N MET C 67 12.37 33.66 -25.26
CA MET C 67 11.13 33.80 -24.52
C MET C 67 9.95 33.28 -25.35
N LEU C 68 9.97 33.61 -26.63
CA LEU C 68 8.89 33.21 -27.52
C LEU C 68 8.83 31.69 -27.62
N GLN C 69 10.00 31.09 -27.71
CA GLN C 69 10.08 29.67 -27.96
C GLN C 69 9.42 28.86 -26.85
N VAL C 70 9.64 29.25 -25.60
CA VAL C 70 9.01 28.53 -24.52
C VAL C 70 7.51 28.73 -24.65
N VAL C 71 7.11 29.97 -24.89
CA VAL C 71 5.73 30.26 -25.22
C VAL C 71 5.43 29.63 -26.57
N LYS C 72 6.38 29.79 -27.48
CA LYS C 72 6.26 29.17 -28.79
C LYS C 72 6.36 27.70 -28.46
N ILE C 73 7.44 27.36 -27.76
CA ILE C 73 7.62 25.98 -27.35
C ILE C 73 6.51 25.60 -26.39
N LEU C 74 6.18 26.50 -25.48
CA LEU C 74 5.12 26.24 -24.52
C LEU C 74 3.80 26.04 -25.26
N VAL C 75 3.57 26.87 -26.27
CA VAL C 75 2.35 26.76 -27.05
C VAL C 75 2.27 25.43 -27.80
N VAL C 76 3.38 25.01 -28.36
CA VAL C 76 3.42 23.75 -29.11
C VAL C 76 3.07 22.65 -28.12
N THR C 77 3.66 22.77 -26.93
CA THR C 77 3.34 21.87 -25.84
C THR C 77 1.85 21.95 -25.64
N VAL C 78 1.34 23.18 -25.53
CA VAL C 78 -0.10 23.34 -25.38
C VAL C 78 -0.80 22.61 -26.51
N GLN C 79 -0.27 22.73 -27.72
CA GLN C 79 -0.86 22.07 -28.88
C GLN C 79 -0.80 20.56 -28.67
N LEU C 80 0.33 20.08 -28.16
CA LEU C 80 0.48 18.66 -27.92
C LEU C 80 -0.54 18.18 -26.89
N ILE C 81 -0.72 18.96 -25.83
CA ILE C 81 -1.67 18.57 -24.80
C ILE C 81 -3.06 18.53 -25.40
N LEU C 82 -3.33 19.54 -26.23
CA LEU C 82 -4.57 19.63 -26.96
C LEU C 82 -4.64 18.46 -27.89
N PHE C 83 -3.51 18.14 -28.52
CA PHE C 83 -3.50 16.98 -29.39
C PHE C 83 -3.63 15.79 -28.47
N GLY C 84 -2.91 15.84 -27.36
CA GLY C 84 -2.89 14.77 -26.41
C GLY C 84 -4.26 14.57 -25.81
N LEU C 85 -4.95 15.64 -25.46
CA LEU C 85 -6.29 15.49 -24.89
C LEU C 85 -7.23 14.85 -25.91
N SER C 86 -7.15 15.29 -27.16
CA SER C 86 -8.04 14.75 -28.18
C SER C 86 -7.75 13.27 -28.33
N ASN C 87 -6.46 12.96 -28.33
CA ASN C 87 -5.99 11.60 -28.54
C ASN C 87 -6.49 10.74 -27.41
N GLN C 88 -6.44 11.26 -26.20
CA GLN C 88 -6.87 10.55 -25.01
C GLN C 88 -8.35 10.25 -25.10
N LEU C 89 -9.14 11.22 -25.55
CA LEU C 89 -10.57 10.96 -25.67
C LEU C 89 -10.78 9.84 -26.68
N VAL C 90 -10.16 10.10 -27.83
CA VAL C 90 -10.04 9.19 -28.94
C VAL C 90 -9.26 8.03 -28.39
N VAL C 91 -8.31 8.31 -27.51
CA VAL C 91 -7.69 7.26 -26.74
C VAL C 91 -8.82 6.65 -25.92
N THR C 92 -9.70 7.52 -25.43
CA THR C 92 -10.85 7.06 -24.68
C THR C 92 -11.71 6.20 -25.60
N PHE C 93 -11.86 6.65 -26.84
CA PHE C 93 -12.71 5.93 -27.76
C PHE C 93 -12.14 4.54 -27.96
N ARG C 94 -10.83 4.47 -28.10
CA ARG C 94 -10.14 3.21 -28.35
C ARG C 94 -10.33 2.29 -27.17
N GLU C 95 -10.22 2.83 -25.95
CA GLU C 95 -10.37 1.99 -24.77
C GLU C 95 -11.77 1.42 -24.70
N GLU C 96 -12.75 2.27 -25.01
CA GLU C 96 -14.12 1.81 -24.93
C GLU C 96 -14.29 0.70 -25.95
N ASN C 97 -13.74 0.93 -27.13
CA ASN C 97 -13.91 -0.02 -28.20
C ASN C 97 -13.30 -1.34 -27.79
N THR C 98 -12.13 -1.30 -27.17
CA THR C 98 -11.46 -2.52 -26.78
C THR C 98 -12.26 -3.30 -25.76
N ILE C 99 -12.80 -2.59 -24.78
CA ILE C 99 -13.55 -3.31 -23.74
C ILE C 99 -14.71 -3.98 -24.45
N ALA C 100 -15.34 -3.22 -25.34
CA ALA C 100 -16.54 -3.73 -25.99
C ALA C 100 -16.23 -4.94 -26.82
N PHE C 101 -15.12 -4.89 -27.54
CA PHE C 101 -14.75 -5.95 -28.45
C PHE C 101 -14.51 -7.20 -27.64
N ARG C 102 -13.84 -7.04 -26.50
CA ARG C 102 -13.52 -8.20 -25.70
C ARG C 102 -14.84 -8.81 -25.27
N HIS C 103 -15.72 -7.98 -24.72
CA HIS C 103 -17.00 -8.49 -24.27
C HIS C 103 -17.78 -9.04 -25.45
N LEU C 104 -17.76 -8.33 -26.56
CA LEU C 104 -18.52 -8.75 -27.73
C LEU C 104 -18.09 -10.06 -28.35
N PHE C 105 -16.78 -10.26 -28.50
CA PHE C 105 -16.26 -11.45 -29.18
C PHE C 105 -15.82 -12.56 -28.22
N LEU C 106 -15.94 -12.31 -26.92
CA LEU C 106 -15.40 -13.22 -25.92
C LEU C 106 -16.53 -13.93 -25.19
N LEU C 107 -16.38 -15.23 -25.00
CA LEU C 107 -17.40 -16.01 -24.31
C LEU C 107 -16.86 -16.46 -22.95
N GLY C 108 -17.63 -16.18 -21.91
CA GLY C 108 -17.22 -16.52 -20.55
C GLY C 108 -16.24 -15.51 -20.03
N TYR C 109 -16.03 -14.44 -20.80
CA TYR C 109 -15.09 -13.40 -20.41
C TYR C 109 -15.56 -12.70 -19.16
N SER C 110 -14.61 -12.38 -18.28
CA SER C 110 -14.92 -11.65 -17.06
C SER C 110 -13.90 -10.55 -16.86
N ASP C 111 -14.31 -9.46 -16.22
CA ASP C 111 -13.39 -8.36 -15.95
C ASP C 111 -12.29 -8.83 -15.00
N GLY C 112 -11.06 -8.48 -15.31
CA GLY C 112 -9.94 -8.90 -14.50
C GLY C 112 -9.59 -10.34 -14.79
N SER C 113 -10.28 -10.93 -15.76
CA SER C 113 -10.05 -12.31 -16.17
C SER C 113 -9.03 -12.36 -17.30
N ASP C 114 -8.61 -11.19 -17.74
CA ASP C 114 -7.68 -11.10 -18.84
C ASP C 114 -6.41 -11.82 -18.42
N ASP C 115 -6.03 -11.65 -17.16
CA ASP C 115 -4.80 -12.24 -16.70
C ASP C 115 -4.93 -13.74 -16.90
N THR C 116 -6.11 -14.28 -16.60
CA THR C 116 -6.29 -15.72 -16.70
C THR C 116 -7.19 -16.29 -17.81
N PHE C 117 -7.71 -15.47 -18.71
CA PHE C 117 -8.71 -16.05 -19.61
C PHE C 117 -8.06 -17.12 -20.50
N ALA C 118 -8.54 -18.36 -20.40
CA ALA C 118 -7.98 -19.46 -21.19
C ALA C 118 -8.91 -20.67 -21.29
N ALA C 119 -8.60 -21.56 -22.24
CA ALA C 119 -9.37 -22.79 -22.42
C ALA C 119 -8.55 -23.95 -21.85
N TYR C 120 -9.23 -24.93 -21.25
CA TYR C 120 -8.53 -26.08 -20.67
C TYR C 120 -8.96 -27.43 -21.22
N THR C 121 -10.06 -27.45 -21.94
CA THR C 121 -10.60 -28.68 -22.49
C THR C 121 -10.99 -28.48 -23.93
N GLN C 122 -10.94 -29.56 -24.70
CA GLN C 122 -11.29 -29.48 -26.11
C GLN C 122 -12.72 -29.01 -26.15
N GLU C 123 -13.52 -29.55 -25.24
CA GLU C 123 -14.89 -29.10 -25.13
C GLU C 123 -14.80 -27.63 -24.76
N GLN C 124 -13.87 -27.31 -23.87
CA GLN C 124 -13.65 -25.92 -23.50
C GLN C 124 -13.14 -25.11 -24.69
N LEU C 125 -12.19 -25.67 -25.43
CA LEU C 125 -11.57 -24.93 -26.51
C LEU C 125 -12.57 -24.58 -27.60
N TYR C 126 -13.41 -25.54 -27.96
CA TYR C 126 -14.33 -25.36 -29.06
C TYR C 126 -15.35 -24.25 -28.84
N GLN C 127 -15.86 -24.17 -27.62
CA GLN C 127 -17.03 -23.34 -27.35
C GLN C 127 -16.79 -21.86 -27.65
N ALA C 128 -15.65 -21.36 -27.23
CA ALA C 128 -15.34 -19.96 -27.50
C ALA C 128 -15.25 -19.73 -29.00
N ILE C 129 -14.57 -20.65 -29.68
CA ILE C 129 -14.34 -20.49 -31.10
C ILE C 129 -15.69 -20.45 -31.77
N PHE C 130 -16.57 -21.34 -31.35
CA PHE C 130 -17.91 -21.30 -31.88
C PHE C 130 -18.51 -19.97 -31.43
N TYR C 131 -18.25 -19.62 -30.18
CA TYR C 131 -18.84 -18.41 -29.63
C TYR C 131 -18.35 -17.22 -30.42
N ALA C 132 -17.06 -17.19 -30.71
CA ALA C 132 -16.52 -16.11 -31.50
C ALA C 132 -17.17 -16.16 -32.86
N VAL C 133 -17.34 -17.36 -33.38
CA VAL C 133 -17.85 -17.54 -34.72
C VAL C 133 -19.23 -16.93 -34.77
N ASP C 134 -19.98 -17.12 -33.70
CA ASP C 134 -21.37 -16.68 -33.68
C ASP C 134 -21.41 -15.17 -33.88
N GLN C 135 -20.49 -14.47 -33.24
CA GLN C 135 -20.54 -13.01 -33.27
C GLN C 135 -20.43 -12.48 -34.68
N TYR C 136 -19.55 -13.07 -35.48
CA TYR C 136 -19.37 -12.59 -36.84
C TYR C 136 -20.68 -12.77 -37.57
N LEU C 137 -21.33 -13.91 -37.35
CA LEU C 137 -22.57 -14.24 -38.03
C LEU C 137 -23.75 -13.30 -37.70
N ILE C 138 -23.84 -12.92 -36.43
CA ILE C 138 -25.05 -12.32 -35.86
C ILE C 138 -24.88 -10.87 -35.37
N LEU C 139 -23.70 -10.31 -35.56
CA LEU C 139 -23.40 -8.95 -35.10
C LEU C 139 -24.46 -7.85 -35.37
N PRO C 140 -24.92 -7.72 -36.62
CA PRO C 140 -25.93 -6.69 -36.91
C PRO C 140 -27.20 -6.81 -36.09
N GLU C 141 -27.51 -8.02 -35.66
CA GLU C 141 -28.71 -8.28 -34.87
C GLU C 141 -28.55 -8.21 -33.35
N ILE C 142 -27.33 -8.15 -32.84
CA ILE C 142 -27.15 -8.11 -31.38
C ILE C 142 -26.33 -6.97 -30.80
N SER C 143 -25.42 -6.41 -31.57
CA SER C 143 -24.56 -5.34 -31.07
C SER C 143 -25.26 -4.00 -30.85
N LEU C 144 -24.77 -3.26 -29.86
CA LEU C 144 -25.32 -1.95 -29.53
C LEU C 144 -24.63 -0.88 -30.36
N GLY C 145 -23.75 -1.33 -31.25
CA GLY C 145 -23.05 -0.41 -32.12
C GLY C 145 -23.46 -0.67 -33.55
N ARG C 146 -22.97 0.15 -34.47
CA ARG C 146 -23.28 -0.06 -35.87
C ARG C 146 -21.99 -0.29 -36.62
N TYR C 147 -21.71 -1.56 -36.91
CA TYR C 147 -20.47 -1.90 -37.60
C TYR C 147 -20.71 -2.42 -38.99
N ALA C 148 -19.81 -2.06 -39.90
CA ALA C 148 -19.84 -2.51 -41.28
C ALA C 148 -18.46 -3.03 -41.65
N TYR C 149 -18.40 -4.23 -42.22
CA TYR C 149 -17.12 -4.83 -42.64
C TYR C 149 -17.20 -5.34 -44.07
N VAL C 150 -16.25 -4.95 -44.91
CA VAL C 150 -16.23 -5.41 -46.30
C VAL C 150 -14.81 -5.57 -46.83
N ARG C 151 -14.60 -6.53 -47.74
CA ARG C 151 -13.27 -6.72 -48.31
C ARG C 151 -12.27 -6.91 -47.17
N GLY C 152 -11.19 -6.12 -47.22
CA GLY C 152 -10.18 -6.16 -46.18
C GLY C 152 -9.46 -7.43 -45.79
N GLY C 153 -9.06 -8.21 -46.80
CA GLY C 153 -8.38 -9.49 -46.61
C GLY C 153 -7.02 -9.45 -45.98
N GLY C 154 -6.74 -10.46 -45.15
CA GLY C 154 -5.46 -10.57 -44.48
C GLY C 154 -5.20 -12.00 -44.09
N GLY C 155 -3.96 -12.33 -43.71
CA GLY C 155 -2.85 -11.39 -43.69
C GLY C 155 -1.82 -11.86 -44.72
N PRO C 156 -1.97 -13.13 -45.08
CA PRO C 156 -1.23 -13.71 -46.20
C PRO C 156 -1.93 -13.11 -47.44
N TRP C 157 -1.29 -13.09 -48.61
CA TRP C 157 -1.95 -12.46 -49.77
C TRP C 157 -3.31 -13.08 -50.15
N ALA C 158 -4.30 -12.21 -50.24
CA ALA C 158 -5.68 -12.55 -50.61
C ALA C 158 -6.46 -13.03 -49.40
N ASN C 159 -7.79 -12.87 -49.39
CA ASN C 159 -8.55 -12.15 -50.41
C ASN C 159 -9.63 -11.33 -49.68
N GLY C 160 -10.60 -12.08 -49.16
CA GLY C 160 -11.75 -11.57 -48.43
C GLY C 160 -12.10 -12.55 -47.31
N SER C 161 -12.86 -12.11 -46.33
CA SER C 161 -13.21 -13.01 -45.23
C SER C 161 -14.65 -12.84 -44.75
N ALA C 162 -14.93 -11.74 -44.06
CA ALA C 162 -13.93 -10.70 -43.73
C ALA C 162 -12.80 -11.25 -42.85
N LEU C 163 -13.16 -12.12 -41.92
CA LEU C 163 -12.19 -12.72 -41.00
C LEU C 163 -11.88 -14.17 -41.36
N ALA C 164 -10.60 -14.52 -41.30
CA ALA C 164 -10.15 -15.88 -41.63
C ALA C 164 -9.80 -16.67 -40.39
N LEU C 165 -10.40 -17.85 -40.27
CA LEU C 165 -10.19 -18.73 -39.12
C LEU C 165 -8.97 -19.57 -39.49
N CYS C 166 -7.81 -19.20 -38.95
CA CYS C 166 -6.57 -19.89 -39.27
C CYS C 166 -6.04 -20.88 -38.26
N GLN C 167 -5.36 -21.90 -38.76
CA GLN C 167 -4.80 -22.96 -37.95
C GLN C 167 -3.32 -23.14 -38.27
N ARG C 168 -2.46 -23.08 -37.26
CA ARG C 168 -1.03 -23.28 -37.47
C ARG C 168 -0.57 -24.49 -36.68
N TYR C 169 0.13 -25.40 -37.37
CA TYR C 169 0.62 -26.61 -36.76
C TYR C 169 1.90 -27.08 -37.44
N TYR C 170 2.65 -27.93 -36.75
CA TYR C 170 3.90 -28.46 -37.30
C TYR C 170 3.63 -29.34 -38.51
N HIS C 171 4.36 -29.11 -39.60
CA HIS C 171 4.19 -29.90 -40.82
C HIS C 171 4.18 -31.39 -40.44
N ARG C 172 5.07 -31.77 -39.53
CA ARG C 172 5.14 -33.14 -39.05
C ARG C 172 5.29 -33.12 -37.53
N GLY C 173 4.39 -33.79 -36.84
CA GLY C 173 4.45 -33.79 -35.39
C GLY C 173 4.08 -35.10 -34.72
N HIS C 174 4.96 -36.09 -34.85
CA HIS C 174 4.73 -37.37 -34.19
C HIS C 174 5.19 -37.12 -32.76
N VAL C 175 4.26 -37.17 -31.82
CA VAL C 175 4.55 -36.92 -30.41
C VAL C 175 4.04 -38.08 -29.57
N ASP C 176 4.98 -38.84 -29.00
CA ASP C 176 4.61 -40.00 -28.23
C ASP C 176 5.30 -40.07 -26.86
N PRO C 177 4.78 -39.32 -25.88
CA PRO C 177 5.35 -39.30 -24.53
C PRO C 177 5.37 -40.68 -23.86
N ALA C 178 4.40 -41.52 -24.19
CA ALA C 178 4.36 -42.85 -23.59
C ALA C 178 5.67 -43.62 -23.84
N ASN C 179 6.29 -43.41 -25.01
CA ASN C 179 7.57 -44.09 -25.31
C ASN C 179 8.75 -43.15 -25.34
N ASP C 180 8.54 -41.98 -24.74
CA ASP C 180 9.52 -40.92 -24.63
C ASP C 180 10.11 -40.46 -25.96
N THR C 181 9.33 -40.54 -27.03
CA THR C 181 9.84 -40.06 -28.29
C THR C 181 8.94 -39.18 -29.09
N PHE C 182 9.59 -38.52 -30.02
CA PHE C 182 8.86 -37.68 -30.89
C PHE C 182 9.67 -37.57 -32.17
N ASP C 183 8.99 -37.14 -33.20
CA ASP C 183 9.64 -36.93 -34.46
C ASP C 183 8.93 -35.76 -35.08
N ILE C 184 9.71 -34.71 -35.21
CA ILE C 184 9.18 -33.46 -35.63
C ILE C 184 9.80 -32.67 -36.73
N ASP C 185 8.93 -32.16 -37.57
CA ASP C 185 9.37 -31.26 -38.59
C ASP C 185 8.69 -30.02 -38.12
N PRO C 186 9.47 -29.11 -37.53
CA PRO C 186 8.89 -27.87 -37.03
C PRO C 186 8.43 -26.77 -37.97
N ARG C 187 8.46 -27.03 -39.28
CA ARG C 187 8.00 -26.03 -40.22
C ARG C 187 6.52 -25.85 -39.89
N VAL C 188 6.07 -24.61 -39.82
CA VAL C 188 4.68 -24.34 -39.49
C VAL C 188 3.80 -24.23 -40.72
N VAL C 189 2.69 -24.93 -40.68
CA VAL C 189 1.75 -24.92 -41.78
C VAL C 189 0.54 -24.11 -41.33
N THR C 190 0.02 -23.26 -42.20
CA THR C 190 -1.15 -22.45 -41.84
C THR C 190 -2.37 -22.78 -42.71
N ASP C 191 -3.39 -23.37 -42.10
CA ASP C 191 -4.62 -23.68 -42.83
C ASP C 191 -5.66 -22.64 -42.38
N CYS C 192 -6.20 -21.89 -43.33
CA CYS C 192 -7.19 -20.88 -42.98
C CYS C 192 -8.53 -21.14 -43.68
N ILE C 193 -9.60 -20.95 -42.94
CA ILE C 193 -10.93 -21.12 -43.51
C ILE C 193 -11.48 -19.72 -43.69
N GLN C 194 -12.10 -19.47 -44.84
CA GLN C 194 -12.66 -18.15 -45.10
C GLN C 194 -14.15 -18.15 -44.81
N VAL C 195 -14.61 -17.10 -44.14
CA VAL C 195 -16.01 -16.95 -43.81
C VAL C 195 -16.47 -15.62 -44.37
N ASP C 196 -17.50 -15.64 -45.19
CA ASP C 196 -18.02 -14.41 -45.76
C ASP C 196 -19.19 -13.92 -44.94
N PRO C 197 -19.16 -12.64 -44.54
CA PRO C 197 -20.28 -12.14 -43.75
C PRO C 197 -21.56 -12.33 -44.57
N PRO C 198 -22.71 -12.51 -43.90
CA PRO C 198 -23.99 -12.71 -44.57
C PRO C 198 -24.34 -11.65 -45.60
N ASN C 220 -17.68 -25.65 -38.32
CA ASN C 220 -17.12 -26.58 -37.34
C ASN C 220 -15.86 -27.27 -37.85
N LEU C 221 -14.70 -26.73 -37.49
CA LEU C 221 -13.42 -27.29 -37.90
C LEU C 221 -12.57 -27.65 -36.68
N THR C 222 -12.01 -28.86 -36.68
CA THR C 222 -11.25 -29.35 -35.54
C THR C 222 -9.78 -29.67 -35.85
N LEU C 223 -8.88 -29.18 -34.99
CA LEU C 223 -7.45 -29.43 -35.14
C LEU C 223 -6.96 -30.22 -33.93
N LYS C 224 -6.11 -31.21 -34.17
CA LYS C 224 -5.64 -32.08 -33.10
C LYS C 224 -4.88 -31.29 -32.03
N PHE C 225 -5.16 -31.59 -30.77
CA PHE C 225 -4.64 -30.80 -29.67
C PHE C 225 -3.13 -30.83 -29.59
N HIS C 226 -2.56 -32.01 -29.80
CA HIS C 226 -1.11 -32.13 -29.82
C HIS C 226 -0.67 -31.26 -30.98
N LYS C 227 -1.44 -31.31 -32.05
CA LYS C 227 -1.15 -30.61 -33.29
C LYS C 227 -1.09 -29.09 -33.17
N LEU C 228 -1.97 -28.51 -32.37
CA LEU C 228 -2.14 -27.06 -32.36
C LEU C 228 -0.88 -26.31 -31.95
N ILE C 229 -0.61 -25.22 -32.66
CA ILE C 229 0.49 -24.30 -32.36
C ILE C 229 -0.19 -23.00 -31.96
N ASN C 230 -1.07 -22.54 -32.84
CA ASN C 230 -2.12 -21.59 -32.46
C ASN C 230 -3.25 -21.47 -33.48
N VAL C 231 -4.37 -20.95 -33.02
CA VAL C 231 -5.53 -20.71 -33.85
C VAL C 231 -5.81 -19.21 -33.74
N THR C 232 -6.04 -18.55 -34.87
CA THR C 232 -6.37 -17.13 -34.89
C THR C 232 -7.64 -16.89 -35.65
N ILE C 233 -8.26 -15.78 -35.31
CA ILE C 233 -9.46 -15.35 -35.98
C ILE C 233 -9.22 -13.90 -36.31
N HIS C 234 -9.25 -13.61 -37.59
CA HIS C 234 -8.98 -12.28 -38.08
C HIS C 234 -10.17 -11.68 -38.82
N PHE C 235 -10.61 -10.48 -38.46
CA PHE C 235 -11.68 -9.81 -39.20
C PHE C 235 -11.66 -8.29 -38.97
N GLN C 236 -12.22 -7.54 -39.93
CA GLN C 236 -12.24 -6.08 -39.80
C GLN C 236 -13.66 -5.54 -39.72
N LEU C 237 -13.84 -4.51 -38.91
CA LEU C 237 -15.15 -3.88 -38.73
C LEU C 237 -14.96 -2.36 -38.85
N LYS C 238 -15.87 -1.70 -39.55
CA LYS C 238 -15.82 -0.26 -39.70
C LYS C 238 -16.94 0.37 -38.92
N THR C 239 -16.69 1.57 -38.39
CA THR C 239 -17.69 2.27 -37.60
C THR C 239 -17.37 3.76 -37.62
N ILE C 240 -18.39 4.59 -37.39
CA ILE C 240 -18.23 6.04 -37.39
C ILE C 240 -18.05 6.48 -35.95
N ASN C 241 -17.10 7.40 -35.72
CA ASN C 241 -16.85 7.89 -34.37
C ASN C 241 -17.74 9.12 -34.12
N LEU C 242 -18.98 8.87 -33.73
CA LEU C 242 -19.97 9.92 -33.49
C LEU C 242 -19.72 10.82 -32.29
N GLN C 243 -19.09 10.28 -31.25
CA GLN C 243 -18.79 11.06 -30.06
C GLN C 243 -18.16 12.41 -30.41
N SER C 244 -17.42 12.46 -31.51
CA SER C 244 -16.76 13.70 -31.92
C SER C 244 -17.68 14.93 -31.88
N LEU C 245 -18.97 14.72 -32.13
CA LEU C 245 -19.93 15.82 -32.14
C LEU C 245 -19.93 16.62 -30.84
N ILE C 246 -19.67 15.95 -29.72
CA ILE C 246 -19.66 16.62 -28.43
C ILE C 246 -18.53 17.64 -28.34
N ASN C 247 -17.42 17.33 -28.98
CA ASN C 247 -16.26 18.21 -28.98
C ASN C 247 -16.32 19.07 -30.23
N ASN C 248 -17.53 19.23 -30.75
CA ASN C 248 -17.77 20.00 -31.96
C ASN C 248 -16.86 19.65 -33.14
N GLU C 249 -16.69 18.36 -33.38
CA GLU C 249 -15.85 17.92 -34.48
C GLU C 249 -16.62 16.97 -35.38
N ILE C 250 -16.18 16.88 -36.63
CA ILE C 250 -16.82 16.01 -37.59
C ILE C 250 -16.49 14.56 -37.28
N PRO C 251 -17.51 13.70 -37.19
CA PRO C 251 -17.26 12.28 -36.90
C PRO C 251 -16.21 11.69 -37.83
N ASP C 252 -15.37 10.84 -37.25
CA ASP C 252 -14.27 10.14 -37.91
C ASP C 252 -14.72 8.80 -38.45
N CYS C 253 -13.91 8.21 -39.33
CA CYS C 253 -14.20 6.90 -39.90
C CYS C 253 -13.11 5.91 -39.46
N TYR C 254 -13.52 4.97 -38.60
CA TYR C 254 -12.62 3.96 -38.06
C TYR C 254 -12.79 2.57 -38.66
N THR C 255 -11.66 1.89 -38.84
CA THR C 255 -11.65 0.53 -39.30
C THR C 255 -10.86 -0.22 -38.23
N PHE C 256 -11.54 -1.11 -37.54
CA PHE C 256 -10.92 -1.90 -36.49
C PHE C 256 -10.50 -3.25 -37.03
N SER C 257 -9.23 -3.60 -36.85
CA SER C 257 -8.73 -4.88 -37.29
C SER C 257 -8.72 -5.70 -35.99
N ILE C 258 -9.52 -6.76 -35.97
CA ILE C 258 -9.65 -7.60 -34.80
C ILE C 258 -8.92 -8.94 -34.95
N LEU C 259 -8.08 -9.25 -33.97
CA LEU C 259 -7.33 -10.51 -33.97
C LEU C 259 -7.56 -11.24 -32.64
N ILE C 260 -8.14 -12.43 -32.73
CA ILE C 260 -8.37 -13.25 -31.56
C ILE C 260 -7.37 -14.38 -31.68
N THR C 261 -6.60 -14.62 -30.61
CA THR C 261 -5.60 -15.67 -30.62
C THR C 261 -5.82 -16.69 -29.52
N PHE C 262 -5.81 -17.96 -29.90
CA PHE C 262 -5.94 -19.06 -28.96
C PHE C 262 -4.51 -19.62 -29.06
N ASP C 263 -3.65 -19.21 -28.14
CA ASP C 263 -2.23 -19.58 -28.15
C ASP C 263 -1.79 -20.88 -27.46
N ASN C 264 -1.34 -21.84 -28.26
CA ASN C 264 -0.91 -23.13 -27.76
C ASN C 264 0.59 -23.34 -27.91
N LYS C 265 1.33 -22.25 -28.09
CA LYS C 265 2.77 -22.36 -28.26
C LYS C 265 3.51 -23.00 -27.09
N ALA C 266 2.94 -22.98 -25.90
CA ALA C 266 3.59 -23.61 -24.75
C ALA C 266 3.25 -25.10 -24.65
N HIS C 267 2.23 -25.54 -25.38
CA HIS C 267 1.85 -26.95 -25.35
C HIS C 267 1.81 -27.41 -23.90
N SER C 268 1.17 -26.59 -23.06
CA SER C 268 1.07 -26.83 -21.63
C SER C 268 -0.27 -27.37 -21.13
N GLY C 269 -1.24 -27.51 -22.01
CA GLY C 269 -2.55 -27.99 -21.59
C GLY C 269 -3.44 -26.80 -21.28
N ARG C 270 -2.84 -25.63 -21.29
CA ARG C 270 -3.54 -24.38 -21.03
C ARG C 270 -3.43 -23.51 -22.27
N ILE C 271 -4.56 -23.05 -22.79
CA ILE C 271 -4.52 -22.19 -23.97
C ILE C 271 -5.12 -20.81 -23.68
N PRO C 272 -4.24 -19.81 -23.45
CA PRO C 272 -4.73 -18.46 -23.18
C PRO C 272 -5.37 -17.91 -24.45
N ILE C 273 -6.46 -17.17 -24.27
CA ILE C 273 -7.22 -16.59 -25.37
C ILE C 273 -7.22 -15.07 -25.20
N ARG C 274 -6.89 -14.36 -26.27
CA ARG C 274 -6.85 -12.90 -26.20
C ARG C 274 -7.42 -12.28 -27.45
N LEU C 275 -7.81 -11.02 -27.34
CA LEU C 275 -8.38 -10.28 -28.45
C LEU C 275 -7.68 -8.94 -28.49
N GLU C 276 -7.16 -8.59 -29.66
CA GLU C 276 -6.48 -7.33 -29.80
C GLU C 276 -7.01 -6.58 -31.01
N THR C 277 -6.84 -5.28 -31.01
CA THR C 277 -7.33 -4.48 -32.11
C THR C 277 -6.34 -3.43 -32.56
N LYS C 278 -6.37 -3.14 -33.84
CA LYS C 278 -5.54 -2.10 -34.41
C LYS C 278 -6.59 -1.18 -35.00
N THR C 279 -6.36 0.12 -34.93
CA THR C 279 -7.32 1.07 -35.45
C THR C 279 -6.76 1.97 -36.53
N HIS C 280 -7.41 1.96 -37.68
CA HIS C 280 -7.01 2.82 -38.79
C HIS C 280 -8.05 3.92 -38.82
N ILE C 281 -7.60 5.17 -38.69
CA ILE C 281 -8.49 6.33 -38.66
C ILE C 281 -8.32 7.28 -39.84
N GLN C 282 -9.43 7.65 -40.45
CA GLN C 282 -9.41 8.57 -41.58
C GLN C 282 -10.73 9.35 -41.67
N GLU C 283 -10.74 10.37 -42.52
CA GLU C 283 -11.94 11.17 -42.75
C GLU C 283 -12.95 10.31 -43.48
N CYS C 284 -14.22 10.60 -43.25
CA CYS C 284 -15.29 9.88 -43.92
C CYS C 284 -15.15 10.12 -45.42
N LYS C 285 -16.01 9.47 -46.21
CA LYS C 285 -15.97 9.60 -47.66
C LYS C 285 -16.26 11.00 -48.23
N HIS C 286 -17.25 11.68 -47.66
CA HIS C 286 -17.61 13.01 -48.15
C HIS C 286 -17.38 14.09 -47.12
N PRO C 287 -16.69 15.15 -47.54
CA PRO C 287 -16.39 16.28 -46.66
C PRO C 287 -15.93 17.50 -47.45
N SER C 296 -9.62 22.92 -42.51
CA SER C 296 -8.17 22.97 -42.36
C SER C 296 -7.79 23.62 -41.04
N PHE C 297 -8.40 24.77 -40.78
CA PHE C 297 -8.32 25.53 -39.53
C PHE C 297 -7.26 25.09 -38.52
N ARG C 298 -7.61 24.07 -37.75
CA ARG C 298 -6.71 23.50 -36.77
C ARG C 298 -5.47 22.90 -37.41
N LEU C 299 -5.65 22.24 -38.56
CA LEU C 299 -4.51 21.66 -39.26
C LEU C 299 -3.57 22.79 -39.68
N LEU C 300 -4.15 23.88 -40.16
CA LEU C 300 -3.37 25.03 -40.58
C LEU C 300 -2.60 25.60 -39.40
N PHE C 301 -3.27 25.65 -38.25
CA PHE C 301 -2.66 26.15 -37.03
C PHE C 301 -1.50 25.26 -36.59
N ASP C 302 -1.68 23.96 -36.74
CA ASP C 302 -0.64 23.01 -36.40
C ASP C 302 0.55 23.26 -37.31
N VAL C 303 0.26 23.53 -38.58
CA VAL C 303 1.32 23.82 -39.55
C VAL C 303 2.08 25.07 -39.17
N VAL C 304 1.34 26.09 -38.74
CA VAL C 304 1.97 27.34 -38.33
C VAL C 304 2.87 27.08 -37.13
N VAL C 305 2.38 26.25 -36.22
CA VAL C 305 3.14 25.92 -35.02
C VAL C 305 4.42 25.21 -35.41
N ILE C 306 4.32 24.31 -36.39
CA ILE C 306 5.47 23.57 -36.87
C ILE C 306 6.48 24.52 -37.47
N LEU C 307 6.01 25.51 -38.23
CA LEU C 307 6.90 26.49 -38.82
C LEU C 307 7.61 27.28 -37.73
N THR C 308 6.88 27.63 -36.69
CA THR C 308 7.47 28.43 -35.63
C THR C 308 8.62 27.64 -35.03
N CYS C 309 8.39 26.34 -34.88
CA CYS C 309 9.38 25.47 -34.28
C CYS C 309 10.65 25.50 -35.11
N SER C 310 10.48 25.54 -36.43
CA SER C 310 11.64 25.57 -37.31
C SER C 310 12.43 26.84 -37.04
N LEU C 311 11.72 27.94 -36.84
CA LEU C 311 12.36 29.23 -36.58
C LEU C 311 13.15 29.16 -35.28
N SER C 312 12.56 28.52 -34.27
CA SER C 312 13.22 28.35 -32.98
C SER C 312 14.49 27.51 -33.13
N PHE C 313 14.41 26.47 -33.94
CA PHE C 313 15.55 25.60 -34.18
C PHE C 313 16.65 26.40 -34.83
N LEU C 314 16.27 27.27 -35.77
CA LEU C 314 17.23 28.11 -36.47
C LEU C 314 17.90 29.06 -35.49
N LEU C 315 17.10 29.61 -34.58
CA LEU C 315 17.63 30.52 -33.58
C LEU C 315 18.64 29.78 -32.73
N CYS C 316 18.32 28.54 -32.39
CA CYS C 316 19.20 27.70 -31.58
C CYS C 316 20.51 27.43 -32.30
N ALA C 317 20.42 27.16 -33.60
CA ALA C 317 21.60 26.90 -34.39
C ALA C 317 22.47 28.15 -34.37
N ARG C 318 21.84 29.31 -34.50
CA ARG C 318 22.57 30.56 -34.50
C ARG C 318 23.28 30.76 -33.17
N SER C 319 22.56 30.49 -32.09
CA SER C 319 23.13 30.67 -30.77
C SER C 319 24.29 29.70 -30.65
N LEU C 320 24.09 28.50 -31.17
CA LEU C 320 25.09 27.46 -31.08
C LEU C 320 26.34 27.91 -31.81
N LEU C 321 26.15 28.56 -32.94
CA LEU C 321 27.27 29.04 -33.72
C LEU C 321 28.05 30.08 -32.92
N ARG C 322 27.33 30.94 -32.22
CA ARG C 322 27.98 31.97 -31.42
C ARG C 322 28.79 31.31 -30.32
N GLY C 323 28.22 30.27 -29.73
CA GLY C 323 28.89 29.53 -28.68
C GLY C 323 30.16 28.90 -29.20
N PHE C 324 30.08 28.36 -30.41
CA PHE C 324 31.21 27.75 -31.09
C PHE C 324 32.31 28.77 -31.37
N LEU C 325 31.91 29.97 -31.78
CA LEU C 325 32.88 31.03 -32.03
C LEU C 325 33.57 31.35 -30.73
N LEU C 326 32.79 31.38 -29.65
CA LEU C 326 33.33 31.67 -28.33
C LEU C 326 34.32 30.60 -27.94
N GLN C 327 33.99 29.35 -28.25
CA GLN C 327 34.84 28.21 -27.97
C GLN C 327 36.15 28.30 -28.73
N ASN C 328 36.07 28.75 -29.98
CA ASN C 328 37.25 28.93 -30.81
C ASN C 328 38.12 30.02 -30.21
N GLU C 329 37.47 31.07 -29.71
CA GLU C 329 38.17 32.16 -29.07
C GLU C 329 38.88 31.62 -27.85
N PHE C 330 38.13 30.85 -27.06
CA PHE C 330 38.63 30.20 -25.87
C PHE C 330 39.66 29.14 -26.19
N VAL C 331 39.38 28.34 -27.22
CA VAL C 331 40.35 27.36 -27.63
C VAL C 331 41.58 28.11 -28.13
N VAL C 332 41.32 29.14 -28.94
CA VAL C 332 42.39 30.02 -29.39
C VAL C 332 42.97 30.82 -28.24
N PHE C 333 42.07 31.30 -27.38
CA PHE C 333 42.48 32.16 -26.28
C PHE C 333 43.36 31.46 -25.24
N MET C 334 42.99 30.25 -24.84
CA MET C 334 43.78 29.57 -23.83
C MET C 334 45.16 29.28 -24.38
N TRP C 335 45.20 28.75 -25.60
CA TRP C 335 46.44 28.55 -26.33
C TRP C 335 47.11 29.83 -26.78
N ARG C 336 46.32 30.77 -27.28
CA ARG C 336 46.84 31.91 -28.02
C ARG C 336 47.73 32.90 -27.28
N ARG C 337 47.35 33.26 -26.06
CA ARG C 337 48.06 34.33 -25.36
C ARG C 337 49.51 34.01 -25.03
N ARG C 338 49.75 32.80 -24.53
CA ARG C 338 51.09 32.39 -24.16
C ARG C 338 51.54 31.16 -24.92
N GLY C 339 50.92 30.89 -26.07
CA GLY C 339 50.99 29.56 -26.66
C GLY C 339 50.41 28.63 -25.60
N ARG C 340 49.36 29.13 -24.97
CA ARG C 340 48.87 28.66 -23.68
C ARG C 340 48.35 27.23 -23.62
N GLU C 341 48.65 26.59 -22.50
CA GLU C 341 48.15 25.27 -22.16
C GLU C 341 47.66 25.43 -20.72
N ILE C 342 46.79 24.55 -20.25
CA ILE C 342 46.39 23.36 -20.97
C ILE C 342 44.88 23.19 -20.85
N SER C 343 44.28 22.39 -21.71
CA SER C 343 42.84 22.25 -21.75
C SER C 343 42.24 21.69 -20.45
N LEU C 344 41.11 22.28 -20.06
CA LEU C 344 40.37 21.90 -18.87
C LEU C 344 39.02 21.30 -19.24
N TRP C 345 38.71 20.15 -18.65
CA TRP C 345 37.44 19.48 -18.89
C TRP C 345 36.34 20.39 -18.38
N GLU C 346 36.62 21.04 -17.24
CA GLU C 346 35.67 21.96 -16.63
C GLU C 346 34.69 21.23 -15.73
N ARG C 347 34.88 19.92 -15.58
CA ARG C 347 34.00 19.15 -14.73
C ARG C 347 32.57 19.37 -15.20
N LEU C 348 31.66 19.64 -14.26
CA LEU C 348 30.27 19.87 -14.61
C LEU C 348 30.13 21.10 -15.48
N GLU C 349 30.83 22.17 -15.12
CA GLU C 349 30.82 23.40 -15.90
C GLU C 349 29.40 23.95 -16.15
N PHE C 350 28.52 23.85 -15.15
CA PHE C 350 27.17 24.34 -15.31
C PHE C 350 26.60 25.07 -14.09
N VAL C 351 25.67 26.00 -14.29
CA VAL C 351 25.19 26.37 -15.62
C VAL C 351 24.66 25.18 -16.40
N ASN C 352 25.16 25.03 -17.62
CA ASN C 352 24.76 23.92 -18.49
C ASN C 352 23.29 23.91 -18.86
N GLY C 353 23.01 24.29 -20.10
CA GLY C 353 21.67 24.30 -20.63
C GLY C 353 21.61 25.32 -21.74
N TRP C 354 22.46 26.34 -21.62
CA TRP C 354 22.49 27.40 -22.61
C TRP C 354 22.75 26.71 -23.93
N TYR C 355 23.57 25.67 -23.93
CA TYR C 355 23.86 24.96 -25.16
C TYR C 355 23.21 23.59 -25.16
N ILE C 356 23.29 22.89 -24.04
CA ILE C 356 22.75 21.55 -23.99
C ILE C 356 21.25 21.62 -24.21
N LEU C 357 20.60 22.57 -23.55
CA LEU C 357 19.16 22.68 -23.65
C LEU C 357 18.66 22.96 -25.06
N LEU C 358 19.35 23.83 -25.78
CA LEU C 358 18.91 24.17 -27.12
C LEU C 358 18.93 22.96 -28.03
N VAL C 359 19.97 22.14 -27.93
CA VAL C 359 20.07 20.97 -28.79
C VAL C 359 18.91 20.03 -28.53
N THR C 360 18.59 19.82 -27.26
CA THR C 360 17.50 18.93 -26.90
C THR C 360 16.23 19.52 -27.49
N SER C 361 16.12 20.84 -27.39
CA SER C 361 14.96 21.53 -27.91
C SER C 361 14.93 21.28 -29.39
N ASP C 362 16.10 21.31 -30.01
CA ASP C 362 16.17 21.08 -31.45
C ASP C 362 15.66 19.68 -31.72
N VAL C 363 16.05 18.73 -30.88
CA VAL C 363 15.61 17.36 -31.07
C VAL C 363 14.11 17.31 -30.94
N LEU C 364 13.58 17.99 -29.94
CA LEU C 364 12.15 18.01 -29.75
C LEU C 364 11.51 18.69 -30.95
N THR C 365 12.10 19.80 -31.38
CA THR C 365 11.58 20.54 -32.51
C THR C 365 11.64 19.73 -33.80
N ILE C 366 12.75 19.06 -34.00
CA ILE C 366 12.92 18.26 -35.21
C ILE C 366 11.88 17.15 -35.20
N SER C 367 11.67 16.55 -34.03
CA SER C 367 10.73 15.45 -33.92
C SER C 367 9.29 15.83 -34.25
N GLY C 368 8.85 17.00 -33.79
CA GLY C 368 7.50 17.40 -34.05
C GLY C 368 7.23 17.52 -35.53
N THR C 369 8.17 18.12 -36.24
CA THR C 369 8.01 18.27 -37.67
C THR C 369 7.96 16.89 -38.28
N VAL C 370 8.83 16.01 -37.79
CA VAL C 370 8.89 14.66 -38.30
C VAL C 370 7.60 13.89 -38.06
N MET C 371 7.04 14.02 -36.87
CA MET C 371 5.80 13.31 -36.58
C MET C 371 4.73 13.84 -37.51
N LYS C 372 4.69 15.15 -37.64
CA LYS C 372 3.74 15.81 -38.53
C LYS C 372 4.05 15.46 -39.98
N ILE C 373 5.34 15.43 -40.28
CA ILE C 373 5.81 15.17 -41.66
C ILE C 373 6.18 13.82 -42.34
N GLY C 374 7.48 13.60 -42.63
CA GLY C 374 7.94 12.43 -43.40
C GLY C 374 7.73 10.97 -43.01
N ILE C 375 8.04 10.58 -41.78
CA ILE C 375 7.69 9.26 -41.29
C ILE C 375 6.27 9.28 -40.69
N GLU C 376 5.53 10.43 -40.61
CA GLU C 376 4.08 10.30 -40.40
C GLU C 376 3.35 9.63 -41.55
N ALA C 377 3.87 9.75 -42.77
CA ALA C 377 3.38 8.86 -43.84
C ALA C 377 3.69 7.34 -43.64
N LYS C 378 4.33 6.94 -42.53
CA LYS C 378 4.37 5.53 -42.04
C LYS C 378 3.88 5.33 -40.58
N ASN C 379 2.75 5.96 -40.25
CA ASN C 379 2.20 6.29 -38.92
C ASN C 379 2.79 5.76 -37.57
N LEU C 380 2.31 4.63 -37.03
CA LEU C 380 1.95 4.59 -35.60
C LEU C 380 3.04 4.66 -34.51
N ALA C 381 4.04 3.81 -34.59
CA ALA C 381 5.10 3.83 -33.58
C ALA C 381 5.83 5.17 -33.63
N SER C 382 6.07 5.65 -34.85
CA SER C 382 6.85 6.86 -35.06
C SER C 382 6.17 8.06 -34.41
N TYR C 383 4.86 8.14 -34.53
CA TYR C 383 4.15 9.26 -33.95
C TYR C 383 4.35 9.26 -32.44
N ASP C 384 4.16 8.10 -31.82
CA ASP C 384 4.28 7.98 -30.38
C ASP C 384 5.68 8.26 -29.82
N VAL C 385 6.69 7.73 -30.49
CA VAL C 385 8.05 7.92 -30.03
C VAL C 385 8.46 9.38 -30.05
N CYS C 386 8.06 10.08 -31.11
CA CYS C 386 8.40 11.48 -31.26
C CYS C 386 7.84 12.28 -30.11
N SER C 387 6.65 11.91 -29.66
CA SER C 387 6.01 12.63 -28.59
C SER C 387 6.91 12.56 -27.36
N ILE C 388 7.55 11.43 -27.15
CA ILE C 388 8.40 11.28 -25.97
C ILE C 388 9.49 12.34 -25.98
N LEU C 389 10.05 12.60 -27.15
CA LEU C 389 11.10 13.59 -27.24
C LEU C 389 10.63 14.97 -26.81
N LEU C 390 9.39 15.31 -27.17
CA LEU C 390 8.84 16.62 -26.86
C LEU C 390 8.81 16.88 -25.37
N GLY C 391 8.53 15.84 -24.59
CA GLY C 391 8.45 15.96 -23.16
C GLY C 391 9.75 16.45 -22.55
N THR C 392 10.86 15.99 -23.07
CA THR C 392 12.15 16.40 -22.53
C THR C 392 12.32 17.91 -22.63
N SER C 393 11.91 18.48 -23.76
CA SER C 393 12.05 19.91 -23.96
C SER C 393 11.26 20.79 -23.01
N THR C 394 10.00 20.42 -22.73
CA THR C 394 9.17 21.22 -21.85
C THR C 394 9.71 21.31 -20.43
N LEU C 395 9.95 20.15 -19.83
CA LEU C 395 10.48 20.11 -18.49
C LEU C 395 11.84 20.74 -18.62
N LEU C 396 12.56 20.32 -19.66
CA LEU C 396 13.76 21.04 -20.05
C LEU C 396 13.24 22.39 -20.49
N VAL C 397 12.14 22.35 -21.24
CA VAL C 397 11.47 23.57 -21.58
C VAL C 397 10.98 24.15 -20.27
N TRP C 398 10.40 23.30 -19.42
CA TRP C 398 9.95 23.79 -18.14
C TRP C 398 11.17 24.24 -17.33
N VAL C 399 12.21 23.43 -17.35
CA VAL C 399 13.39 23.65 -16.52
C VAL C 399 14.15 24.91 -16.86
N GLY C 400 14.31 25.15 -18.15
CA GLY C 400 15.12 26.28 -18.58
C GLY C 400 14.50 27.57 -18.12
N VAL C 401 13.18 27.65 -18.22
CA VAL C 401 12.52 28.90 -17.97
C VAL C 401 12.76 29.34 -16.53
N ILE C 402 12.67 28.40 -15.60
CA ILE C 402 12.83 28.76 -14.20
C ILE C 402 14.23 29.31 -13.98
N ARG C 403 15.23 28.65 -14.57
CA ARG C 403 16.59 29.12 -14.44
C ARG C 403 16.72 30.48 -15.11
N TYR C 404 16.13 30.60 -16.30
CA TYR C 404 16.05 31.90 -16.94
C TYR C 404 15.16 32.72 -16.03
N LEU C 405 14.09 32.06 -15.59
CA LEU C 405 13.06 32.67 -14.74
C LEU C 405 13.66 33.11 -13.43
N THR C 406 14.58 32.32 -12.90
CA THR C 406 15.15 32.64 -11.61
C THR C 406 15.80 34.00 -11.72
N PHE C 407 16.43 34.26 -12.87
CA PHE C 407 17.08 35.54 -13.10
C PHE C 407 18.08 35.70 -11.98
N PHE C 408 18.69 34.59 -11.62
CA PHE C 408 19.53 34.47 -10.44
C PHE C 408 18.65 34.12 -9.24
N HIS C 409 17.33 34.13 -9.45
CA HIS C 409 16.40 33.65 -8.44
C HIS C 409 16.71 34.35 -7.13
N LYS C 410 16.97 35.65 -7.19
CA LYS C 410 17.46 36.33 -6.01
C LYS C 410 18.75 35.66 -5.50
N TYR C 411 19.68 35.41 -6.41
CA TYR C 411 20.95 34.79 -6.07
C TYR C 411 20.99 33.28 -6.25
N ASN C 412 19.88 32.71 -6.72
CA ASN C 412 19.86 31.33 -7.21
C ASN C 412 20.38 30.27 -6.25
N ILE C 413 20.01 30.37 -4.98
CA ILE C 413 20.51 29.45 -3.97
C ILE C 413 20.11 28.00 -4.23
N LEU C 414 18.86 27.78 -4.66
CA LEU C 414 18.37 26.43 -4.88
C LEU C 414 19.17 25.74 -5.98
N ILE C 415 19.50 26.49 -7.02
CA ILE C 415 20.19 25.95 -8.17
C ILE C 415 21.57 25.43 -7.83
N ALA C 416 22.28 26.15 -6.98
CA ALA C 416 23.62 25.74 -6.61
C ALA C 416 23.57 24.39 -5.91
N THR C 417 22.57 24.19 -5.08
CA THR C 417 22.46 22.99 -4.27
C THR C 417 22.61 21.69 -5.05
N LEU C 418 22.03 21.62 -6.25
CA LEU C 418 22.05 20.39 -7.01
C LEU C 418 23.45 19.91 -7.41
N ARG C 419 24.31 20.85 -7.80
CA ARG C 419 25.60 20.50 -8.41
C ARG C 419 26.59 19.74 -7.53
N VAL C 420 26.71 20.11 -6.26
CA VAL C 420 27.71 19.51 -5.41
C VAL C 420 27.47 18.01 -5.24
N ALA C 421 26.21 17.65 -5.08
CA ALA C 421 25.83 16.29 -4.73
C ALA C 421 26.20 15.22 -5.76
N LEU C 422 26.06 15.56 -7.04
CA LEU C 422 26.25 14.56 -8.08
C LEU C 422 27.67 14.05 -7.99
N PRO C 423 28.60 14.95 -7.71
CA PRO C 423 30.02 14.60 -7.69
C PRO C 423 30.25 13.53 -6.63
N SER C 424 29.54 13.65 -5.50
CA SER C 424 29.71 12.70 -4.42
C SER C 424 28.65 11.61 -4.62
N VAL C 425 27.47 12.06 -5.01
CA VAL C 425 26.35 11.17 -5.23
C VAL C 425 26.60 10.18 -6.35
N MET C 426 27.22 10.63 -7.42
CA MET C 426 27.45 9.72 -8.54
C MET C 426 28.32 8.58 -8.05
N ARG C 427 29.35 8.92 -7.26
CA ARG C 427 30.22 7.89 -6.74
C ARG C 427 29.36 7.03 -5.83
N PHE C 428 28.51 7.70 -5.07
CA PHE C 428 27.62 7.03 -4.14
C PHE C 428 26.63 6.13 -4.88
N CYS C 429 26.14 6.61 -6.01
CA CYS C 429 25.17 5.83 -6.76
C CYS C 429 25.75 4.50 -7.23
N CYS C 430 26.98 4.52 -7.71
CA CYS C 430 27.58 3.29 -8.20
C CYS C 430 27.76 2.24 -7.11
N CYS C 431 28.25 2.66 -5.95
CA CYS C 431 28.47 1.73 -4.87
C CYS C 431 27.12 1.14 -4.51
N VAL C 432 26.12 2.02 -4.48
CA VAL C 432 24.77 1.61 -4.14
C VAL C 432 24.28 0.61 -5.17
N ALA C 433 24.58 0.88 -6.42
CA ALA C 433 24.18 -0.04 -7.48
C ALA C 433 24.88 -1.34 -7.16
N VAL C 434 26.15 -1.20 -6.75
CA VAL C 434 26.93 -2.38 -6.43
C VAL C 434 26.29 -3.12 -5.26
N ILE C 435 25.90 -2.39 -4.23
CA ILE C 435 25.28 -3.04 -3.09
C ILE C 435 24.01 -3.67 -3.64
N TYR C 436 23.35 -2.91 -4.49
CA TYR C 436 22.13 -3.35 -5.11
C TYR C 436 22.32 -4.53 -6.03
N LEU C 437 23.41 -4.54 -6.81
CA LEU C 437 23.54 -5.65 -7.75
C LEU C 437 23.50 -6.99 -7.03
N GLY C 438 24.20 -7.07 -5.89
CA GLY C 438 24.20 -8.28 -5.10
C GLY C 438 22.81 -8.56 -4.58
N TYR C 439 22.12 -7.51 -4.16
CA TYR C 439 20.77 -7.69 -3.65
C TYR C 439 19.91 -8.27 -4.77
N CYS C 440 20.09 -7.76 -5.97
CA CYS C 440 19.33 -8.22 -7.13
C CYS C 440 19.59 -9.68 -7.44
N PHE C 441 20.86 -10.09 -7.35
CA PHE C 441 21.18 -11.49 -7.61
C PHE C 441 20.52 -12.39 -6.57
N CYS C 442 20.39 -11.91 -5.35
CA CYS C 442 19.82 -12.81 -4.37
C CYS C 442 18.48 -13.18 -4.98
N GLY C 443 17.83 -12.23 -5.62
CA GLY C 443 16.52 -12.48 -6.17
C GLY C 443 16.54 -13.58 -7.21
N TRP C 444 17.54 -13.59 -8.08
CA TRP C 444 17.52 -14.58 -9.15
C TRP C 444 17.58 -16.00 -8.60
N ILE C 445 18.48 -16.26 -7.66
CA ILE C 445 18.57 -17.58 -7.05
C ILE C 445 17.37 -17.96 -6.19
N VAL C 446 16.96 -17.04 -5.34
CA VAL C 446 15.88 -17.27 -4.38
C VAL C 446 14.50 -17.49 -5.00
N LEU C 447 14.22 -16.71 -6.03
CA LEU C 447 12.87 -16.55 -6.54
C LEU C 447 12.20 -17.80 -7.07
N GLY C 448 12.95 -18.64 -7.76
CA GLY C 448 12.32 -19.68 -8.54
C GLY C 448 11.50 -20.55 -7.64
N PRO C 449 12.00 -20.84 -6.45
CA PRO C 449 11.32 -21.79 -5.57
C PRO C 449 9.92 -21.36 -5.18
N TYR C 450 9.73 -20.08 -4.82
CA TYR C 450 8.41 -19.64 -4.38
C TYR C 450 8.06 -18.19 -4.71
N HIS C 451 6.78 -17.96 -4.97
CA HIS C 451 6.27 -16.62 -5.25
C HIS C 451 6.37 -16.38 -6.75
N VAL C 452 5.57 -15.44 -7.25
CA VAL C 452 5.67 -15.05 -8.65
C VAL C 452 6.34 -13.70 -8.78
N LYS C 453 6.42 -12.98 -7.67
CA LYS C 453 6.90 -11.61 -7.72
C LYS C 453 8.33 -11.60 -8.23
N PHE C 454 9.12 -12.53 -7.72
CA PHE C 454 10.50 -12.62 -8.13
C PHE C 454 10.55 -13.84 -9.03
N ARG C 455 11.21 -13.72 -10.18
CA ARG C 455 11.25 -14.86 -11.10
C ARG C 455 12.21 -14.63 -12.28
N SER C 456 12.41 -13.35 -12.61
CA SER C 456 13.21 -12.88 -13.74
C SER C 456 13.77 -11.49 -13.42
N LEU C 457 14.62 -10.96 -14.27
CA LEU C 457 15.24 -9.66 -14.00
C LEU C 457 14.22 -8.53 -13.80
N SER C 458 13.25 -8.45 -14.68
CA SER C 458 11.93 -8.98 -14.57
C SER C 458 11.32 -8.43 -13.28
N MET C 459 10.83 -9.34 -12.46
CA MET C 459 10.31 -9.00 -11.14
C MET C 459 11.45 -8.41 -10.32
N VAL C 460 12.65 -8.92 -10.52
CA VAL C 460 13.79 -8.57 -9.68
C VAL C 460 13.92 -7.07 -9.78
N SER C 461 13.64 -6.54 -10.96
CA SER C 461 13.50 -5.11 -11.11
C SER C 461 12.33 -4.67 -10.23
N GLU C 462 11.26 -5.45 -10.23
CA GLU C 462 10.02 -5.07 -9.53
C GLU C 462 10.22 -4.90 -8.03
N CYS C 463 11.06 -5.75 -7.46
CA CYS C 463 11.32 -5.73 -6.03
C CYS C 463 11.90 -4.38 -5.67
N LEU C 464 12.71 -3.85 -6.57
CA LEU C 464 13.49 -2.65 -6.28
C LEU C 464 12.49 -1.59 -5.87
N PHE C 465 11.29 -1.67 -6.42
CA PHE C 465 10.21 -0.84 -5.98
C PHE C 465 9.90 -1.12 -4.51
N SER C 466 9.95 -2.38 -4.10
CA SER C 466 9.49 -2.72 -2.76
C SER C 466 10.25 -2.06 -1.63
N LEU C 467 11.58 -2.05 -1.70
CA LEU C 467 12.37 -1.55 -0.59
C LEU C 467 12.15 -0.08 -0.30
N ILE C 468 12.10 0.71 -1.35
CA ILE C 468 11.89 2.15 -1.22
C ILE C 468 10.52 2.52 -0.68
N ASN C 469 9.51 1.78 -1.12
CA ASN C 469 8.12 2.16 -0.92
C ASN C 469 7.24 1.06 -0.34
N GLY C 470 6.15 1.47 0.30
CA GLY C 470 5.30 0.61 1.08
C GLY C 470 4.56 -0.54 0.40
N ASP C 471 4.08 -0.34 -0.81
CA ASP C 471 3.05 -1.22 -1.32
C ASP C 471 3.50 -2.66 -1.34
N ASP C 472 4.76 -2.87 -1.71
CA ASP C 472 5.34 -4.21 -1.70
C ASP C 472 5.50 -4.90 -0.34
N MET C 473 5.94 -4.15 0.67
CA MET C 473 6.47 -4.75 1.88
C MET C 473 5.50 -5.62 2.66
N PHE C 474 4.28 -5.16 2.83
CA PHE C 474 3.29 -5.97 3.50
C PHE C 474 2.96 -7.23 2.72
N VAL C 475 2.76 -7.09 1.41
CA VAL C 475 2.26 -8.21 0.64
C VAL C 475 3.17 -9.43 0.45
N THR C 476 4.42 -9.21 0.04
CA THR C 476 5.39 -10.30 -0.07
C THR C 476 5.94 -10.89 1.22
N PHE C 477 6.33 -9.99 2.12
CA PHE C 477 7.11 -10.32 3.30
C PHE C 477 6.31 -11.21 4.20
N ALA C 478 5.03 -10.91 4.27
CA ALA C 478 4.12 -11.68 5.12
C ALA C 478 3.44 -12.76 4.31
N ALA C 479 3.04 -12.43 3.10
CA ALA C 479 2.34 -13.40 2.28
C ALA C 479 3.31 -14.53 2.06
N MET C 480 4.57 -14.16 1.87
CA MET C 480 5.63 -15.14 1.66
C MET C 480 5.85 -16.04 2.87
N GLN C 481 5.78 -15.47 4.06
CA GLN C 481 6.14 -16.21 5.26
C GLN C 481 5.27 -17.42 5.55
N ALA C 482 3.95 -17.26 5.48
CA ALA C 482 3.08 -18.43 5.61
C ALA C 482 3.43 -19.28 4.40
N GLN C 483 3.48 -18.59 3.27
CA GLN C 483 4.19 -19.02 2.09
C GLN C 483 3.46 -20.04 1.23
N GLN C 484 3.90 -20.15 -0.01
CA GLN C 484 3.86 -21.39 -0.76
C GLN C 484 4.83 -22.30 0.01
N GLY C 485 5.94 -21.70 0.42
CA GLY C 485 6.94 -22.37 1.22
C GLY C 485 7.57 -23.57 0.58
N HIS C 486 7.62 -24.66 1.33
CA HIS C 486 8.29 -25.87 0.90
C HIS C 486 9.71 -25.66 1.38
N SER C 487 10.46 -26.75 1.56
CA SER C 487 11.84 -26.64 2.03
C SER C 487 11.90 -25.95 3.39
N SER C 488 12.13 -26.73 4.44
CA SER C 488 12.11 -26.16 5.77
C SER C 488 13.18 -25.08 5.84
N LEU C 489 14.34 -25.35 5.26
CA LEU C 489 15.43 -24.39 5.30
C LEU C 489 15.06 -23.09 4.57
N VAL C 490 14.40 -23.24 3.42
CA VAL C 490 14.05 -22.08 2.61
C VAL C 490 13.13 -21.16 3.40
N TRP C 491 12.17 -21.76 4.10
CA TRP C 491 11.26 -20.99 4.92
C TRP C 491 12.12 -20.30 5.96
N LEU C 492 13.10 -21.04 6.47
CA LEU C 492 14.14 -20.43 7.29
C LEU C 492 14.91 -19.50 6.38
N PHE C 493 15.18 -19.96 5.17
CA PHE C 493 15.96 -19.18 4.22
C PHE C 493 15.32 -17.88 3.77
N SER C 494 14.01 -17.92 3.48
CA SER C 494 13.33 -16.75 2.92
C SER C 494 13.31 -15.55 3.85
N GLN C 495 13.02 -15.81 5.12
CA GLN C 495 13.06 -14.78 6.14
C GLN C 495 14.48 -14.27 6.32
N LEU C 496 15.43 -15.19 6.30
CA LEU C 496 16.79 -14.90 6.69
C LEU C 496 17.34 -13.81 5.79
N TYR C 497 16.98 -13.91 4.52
CA TYR C 497 17.53 -13.02 3.50
C TYR C 497 16.64 -11.82 3.23
N LEU C 498 15.35 -12.07 3.07
CA LEU C 498 14.44 -11.00 2.69
C LEU C 498 14.49 -9.98 3.82
N TYR C 499 14.52 -10.51 5.03
CA TYR C 499 14.56 -9.67 6.21
C TYR C 499 15.85 -8.90 6.14
N SER C 500 16.90 -9.56 5.70
CA SER C 500 18.17 -8.90 5.61
C SER C 500 17.98 -7.75 4.63
N PHE C 501 17.23 -8.02 3.57
CA PHE C 501 17.11 -7.07 2.48
C PHE C 501 16.47 -5.72 2.83
N ILE C 502 15.40 -5.74 3.62
CA ILE C 502 14.69 -4.51 3.89
C ILE C 502 15.57 -3.52 4.64
N SER C 503 16.30 -4.02 5.63
CA SER C 503 17.08 -3.14 6.51
C SER C 503 18.25 -2.36 5.95
N LEU C 504 19.09 -3.00 5.14
CA LEU C 504 20.37 -2.39 4.80
C LEU C 504 20.27 -1.09 4.02
N PHE C 505 19.42 -1.07 3.01
CA PHE C 505 19.18 0.13 2.21
C PHE C 505 18.51 1.25 3.00
N ILE C 506 17.53 0.86 3.81
CA ILE C 506 16.67 1.83 4.48
C ILE C 506 17.42 2.74 5.43
N TYR C 507 18.30 2.17 6.25
CA TYR C 507 19.13 3.01 7.10
C TYR C 507 20.09 3.84 6.26
N MET C 508 20.71 3.19 5.27
CA MET C 508 21.68 3.83 4.40
C MET C 508 21.15 4.93 3.50
N VAL C 509 19.98 4.70 2.93
CA VAL C 509 19.50 5.53 1.84
C VAL C 509 19.32 6.98 2.27
N LEU C 510 18.76 7.18 3.45
CA LEU C 510 18.55 8.53 3.94
C LEU C 510 19.92 9.17 4.10
N SER C 511 20.86 8.40 4.60
CA SER C 511 22.20 8.91 4.84
C SER C 511 22.80 9.32 3.51
N LEU C 512 22.60 8.51 2.49
CA LEU C 512 23.16 8.84 1.20
C LEU C 512 22.54 10.14 0.74
N PHE C 513 21.23 10.25 0.89
CA PHE C 513 20.59 11.55 0.72
C PHE C 513 21.01 12.47 1.85
N ILE C 514 20.98 11.92 3.06
CA ILE C 514 21.32 12.67 4.25
C ILE C 514 22.78 13.07 4.21
N ALA C 515 23.66 12.09 4.03
CA ALA C 515 25.09 12.38 4.08
C ALA C 515 25.33 13.39 2.97
N LEU C 516 24.73 13.16 1.82
CA LEU C 516 24.68 14.17 0.79
C LEU C 516 23.86 15.33 1.33
N ILE C 517 22.76 15.00 1.99
CA ILE C 517 21.87 16.03 2.51
C ILE C 517 22.65 16.84 3.52
N THR C 518 23.42 16.15 4.36
CA THR C 518 24.34 16.84 5.22
C THR C 518 25.32 17.51 4.29
N GLY C 519 25.71 16.77 3.24
CA GLY C 519 26.64 17.29 2.27
C GLY C 519 25.99 18.49 1.63
N ALA C 520 24.70 18.38 1.35
CA ALA C 520 23.98 19.51 0.80
C ALA C 520 24.07 20.58 1.86
N TYR C 521 23.91 20.17 3.11
CA TYR C 521 24.12 21.07 4.22
C TYR C 521 25.57 21.46 4.14
N ASP C 522 26.41 20.48 3.84
CA ASP C 522 27.82 20.77 3.64
C ASP C 522 27.87 21.70 2.45
N THR C 523 27.06 21.39 1.45
CA THR C 523 26.87 22.30 0.34
C THR C 523 26.23 23.54 0.95
N ILE C 524 25.30 23.30 1.86
CA ILE C 524 24.64 24.37 2.59
C ILE C 524 25.58 25.19 3.48
N LYS C 525 26.49 24.51 4.17
CA LYS C 525 27.31 25.20 5.15
C LYS C 525 28.11 26.27 4.44
N HIS C 526 28.71 25.90 3.31
CA HIS C 526 29.28 26.89 2.42
C HIS C 526 28.13 27.71 1.90
N PRO C 527 27.04 27.00 1.59
CA PRO C 527 25.83 27.59 1.02
C PRO C 527 25.14 28.56 1.96
N GLY C 528 25.11 28.26 3.24
CA GLY C 528 24.28 28.99 4.17
C GLY C 528 24.64 30.46 4.23
N GLY C 529 25.95 30.75 4.21
CA GLY C 529 26.42 32.12 4.26
C GLY C 529 25.61 33.08 3.40
N GLU C 536 37.84 32.23 -15.58
CA GLU C 536 36.67 33.07 -15.35
C GLU C 536 36.93 34.05 -14.21
N LEU C 537 37.47 33.50 -13.14
CA LEU C 537 37.82 34.26 -11.93
C LEU C 537 38.79 35.39 -12.29
N GLN C 538 39.80 35.01 -13.05
CA GLN C 538 40.85 35.94 -13.49
C GLN C 538 40.23 37.09 -14.28
N ALA C 539 39.34 36.72 -15.18
CA ALA C 539 38.62 37.67 -16.04
C ALA C 539 37.85 38.68 -15.18
N TYR C 540 37.15 38.12 -14.21
CA TYR C 540 36.35 38.90 -13.26
C TYR C 540 37.22 39.93 -12.54
N ILE C 541 38.35 39.44 -12.07
CA ILE C 541 39.34 40.25 -11.35
C ILE C 541 39.79 41.42 -12.22
N GLU C 542 40.09 41.09 -13.46
CA GLU C 542 40.56 42.06 -14.46
C GLU C 542 39.50 43.15 -14.64
N GLN C 543 38.27 42.71 -14.78
CA GLN C 543 37.11 43.59 -14.96
C GLN C 543 37.01 44.57 -13.79
N THR D 36 61.14 -6.75 7.06
CA THR D 36 59.72 -6.58 7.31
C THR D 36 59.14 -5.49 6.41
N GLU D 37 60.00 -4.68 5.83
CA GLU D 37 59.58 -3.57 4.99
C GLU D 37 58.79 -4.13 3.81
N GLU D 38 59.28 -5.25 3.29
CA GLU D 38 58.62 -5.90 2.18
C GLU D 38 57.23 -6.33 2.62
N GLU D 39 57.13 -6.82 3.84
CA GLU D 39 55.85 -7.25 4.38
C GLU D 39 54.86 -6.09 4.48
N ASP D 40 55.37 -4.93 4.91
CA ASP D 40 54.56 -3.74 5.01
C ASP D 40 54.09 -3.34 3.62
N LEU D 41 54.98 -3.46 2.65
CA LEU D 41 54.66 -3.14 1.27
C LEU D 41 53.54 -4.05 0.77
N ARG D 42 53.63 -5.32 1.15
CA ARG D 42 52.62 -6.31 0.80
C ARG D 42 51.29 -5.94 1.40
N ARG D 43 51.30 -5.49 2.65
CA ARG D 43 50.07 -5.09 3.31
C ARG D 43 49.48 -3.91 2.55
N ARG D 44 50.34 -3.01 2.11
CA ARG D 44 49.93 -1.83 1.36
C ARG D 44 49.30 -2.21 0.03
N LEU D 45 49.86 -3.20 -0.64
CA LEU D 45 49.37 -3.63 -1.95
C LEU D 45 49.10 -2.43 -2.84
N PRO D 52 47.19 -0.49 -7.59
CA PRO D 52 48.22 0.56 -7.51
C PRO D 52 49.62 -0.04 -7.44
N CYS D 53 49.77 -1.08 -6.63
CA CYS D 53 51.08 -1.70 -6.44
C CYS D 53 51.59 -2.27 -7.75
N ASP D 54 50.68 -2.86 -8.53
CA ASP D 54 51.05 -3.42 -9.81
C ASP D 54 51.56 -2.31 -10.72
N LYS D 55 50.91 -1.16 -10.62
CA LYS D 55 51.29 0.02 -11.40
C LYS D 55 52.70 0.40 -11.02
N PHE D 56 53.02 0.24 -9.75
CA PHE D 56 54.36 0.48 -9.24
C PHE D 56 55.30 -0.52 -9.89
N ARG D 57 54.74 -1.59 -10.44
CA ARG D 57 55.48 -2.74 -10.91
C ARG D 57 56.51 -2.40 -11.98
N ARG D 61 48.01 -9.70 -13.47
CA ARG D 61 48.72 -10.89 -13.02
C ARG D 61 47.95 -11.56 -11.89
N LYS D 62 48.43 -11.39 -10.66
CA LYS D 62 47.77 -11.99 -9.51
C LYS D 62 46.39 -11.35 -9.50
N PRO D 63 46.36 -10.06 -9.82
CA PRO D 63 45.11 -9.31 -9.90
C PRO D 63 44.24 -9.91 -11.00
N CYS D 64 44.89 -10.30 -12.10
CA CYS D 64 44.17 -10.86 -13.23
C CYS D 64 43.45 -12.12 -12.78
N LYS D 65 44.12 -12.94 -11.97
CA LYS D 65 43.51 -14.15 -11.45
C LYS D 65 42.30 -13.65 -10.67
N LEU D 66 42.58 -12.87 -9.64
CA LEU D 66 41.51 -12.27 -8.85
C LEU D 66 40.53 -11.66 -9.82
N MET D 67 41.06 -10.98 -10.83
CA MET D 67 40.24 -10.37 -11.86
C MET D 67 39.48 -11.43 -12.64
N LEU D 68 40.18 -12.51 -12.97
CA LEU D 68 39.56 -13.58 -13.75
C LEU D 68 38.42 -14.20 -12.98
N GLN D 69 38.61 -14.38 -11.68
CA GLN D 69 37.65 -15.09 -10.88
C GLN D 69 36.30 -14.40 -10.88
N VAL D 70 36.30 -13.07 -10.74
CA VAL D 70 35.03 -12.36 -10.76
C VAL D 70 34.42 -12.57 -12.14
N VAL D 71 35.23 -12.40 -13.17
CA VAL D 71 34.82 -12.74 -14.51
C VAL D 71 34.62 -14.24 -14.57
N LYS D 72 35.57 -14.96 -13.97
CA LYS D 72 35.46 -16.39 -13.89
C LYS D 72 34.28 -16.59 -12.96
N ILE D 73 34.36 -15.95 -11.80
CA ILE D 73 33.27 -16.02 -10.86
C ILE D 73 32.04 -15.35 -11.47
N LEU D 74 32.27 -14.22 -12.13
CA LEU D 74 31.16 -13.50 -12.76
C LEU D 74 30.53 -14.39 -13.83
N VAL D 75 31.38 -15.08 -14.59
CA VAL D 75 30.90 -15.97 -15.64
C VAL D 75 30.08 -17.12 -15.07
N VAL D 76 30.56 -17.69 -13.97
CA VAL D 76 29.85 -18.82 -13.36
C VAL D 76 28.50 -18.29 -12.92
N THR D 77 28.51 -17.08 -12.38
CA THR D 77 27.28 -16.40 -12.02
C THR D 77 26.46 -16.33 -13.29
N VAL D 78 27.08 -15.86 -14.37
CA VAL D 78 26.37 -15.80 -15.62
C VAL D 78 25.80 -17.17 -15.94
N GLN D 79 26.60 -18.21 -15.70
CA GLN D 79 26.15 -19.56 -15.97
C GLN D 79 24.96 -19.89 -15.08
N LEU D 80 25.03 -19.46 -13.83
CA LEU D 80 23.95 -19.71 -12.90
C LEU D 80 22.68 -19.02 -13.37
N ILE D 81 22.81 -17.78 -13.82
CA ILE D 81 21.65 -17.02 -14.28
C ILE D 81 21.08 -17.74 -15.49
N LEU D 82 21.96 -18.19 -16.36
CA LEU D 82 21.60 -18.96 -17.52
C LEU D 82 20.99 -20.24 -17.04
N PHE D 83 21.56 -20.83 -16.00
CA PHE D 83 20.97 -22.03 -15.48
C PHE D 83 19.68 -21.60 -14.83
N GLY D 84 19.75 -20.47 -14.13
CA GLY D 84 18.61 -19.94 -13.42
C GLY D 84 17.50 -19.57 -14.38
N LEU D 85 17.84 -18.95 -15.51
CA LEU D 85 16.80 -18.61 -16.47
C LEU D 85 16.13 -19.86 -17.03
N SER D 86 16.94 -20.87 -17.34
CA SER D 86 16.37 -22.09 -17.91
C SER D 86 15.45 -22.72 -16.87
N ASN D 87 15.91 -22.69 -15.63
CA ASN D 87 15.20 -23.30 -14.53
C ASN D 87 13.88 -22.59 -14.34
N GLN D 88 13.91 -21.27 -14.46
CA GLN D 88 12.73 -20.45 -14.29
C GLN D 88 11.73 -20.78 -15.36
N LEU D 89 12.19 -20.94 -16.59
CA LEU D 89 11.25 -21.27 -17.67
C LEU D 89 10.60 -22.62 -17.36
N VAL D 90 11.53 -23.55 -17.11
CA VAL D 90 11.27 -24.88 -16.63
C VAL D 90 10.61 -24.69 -15.30
N VAL D 91 11.05 -23.68 -14.55
CA VAL D 91 10.33 -23.26 -13.37
C VAL D 91 8.98 -22.81 -13.90
N THR D 92 8.99 -22.14 -15.06
CA THR D 92 7.75 -21.70 -15.67
C THR D 92 6.94 -22.93 -16.03
N PHE D 93 7.63 -23.96 -16.53
CA PHE D 93 6.91 -25.15 -16.96
C PHE D 93 6.22 -25.75 -15.75
N ARG D 94 6.92 -25.79 -14.63
CA ARG D 94 6.42 -26.38 -13.42
C ARG D 94 5.21 -25.60 -12.93
N GLU D 95 5.28 -24.28 -12.99
CA GLU D 95 4.16 -23.48 -12.53
C GLU D 95 2.94 -23.74 -13.39
N GLU D 96 3.15 -23.82 -14.69
CA GLU D 96 2.03 -24.04 -15.58
C GLU D 96 1.42 -25.38 -15.24
N ASN D 97 2.29 -26.35 -15.03
CA ASN D 97 1.84 -27.70 -14.78
C ASN D 97 1.02 -27.72 -13.51
N THR D 98 1.48 -27.01 -12.49
CA THR D 98 0.78 -26.99 -11.22
C THR D 98 -0.60 -26.38 -11.35
N ILE D 99 -0.69 -25.26 -12.07
CA ILE D 99 -1.98 -24.62 -12.18
C ILE D 99 -2.90 -25.62 -12.87
N ALA D 100 -2.37 -26.24 -13.91
CA ALA D 100 -3.19 -27.14 -14.70
C ALA D 100 -3.67 -28.31 -13.88
N PHE D 101 -2.79 -28.86 -13.07
CA PHE D 101 -3.10 -30.03 -12.28
C PHE D 101 -4.19 -29.67 -11.32
N ARG D 102 -4.08 -28.50 -10.72
CA ARG D 102 -5.07 -28.11 -9.74
C ARG D 102 -6.40 -28.04 -10.45
N HIS D 103 -6.43 -27.33 -11.57
CA HIS D 103 -7.67 -27.20 -12.31
C HIS D 103 -8.13 -28.56 -12.79
N LEU D 104 -7.19 -29.36 -13.29
CA LEU D 104 -7.54 -30.66 -13.83
C LEU D 104 -8.12 -31.66 -12.82
N PHE D 105 -7.50 -31.75 -11.66
CA PHE D 105 -7.91 -32.72 -10.64
C PHE D 105 -8.84 -32.16 -9.57
N LEU D 106 -9.14 -30.88 -9.65
CA LEU D 106 -9.88 -30.20 -8.61
C LEU D 106 -11.29 -29.86 -9.07
N LEU D 107 -12.27 -30.12 -8.22
CA LEU D 107 -13.66 -29.82 -8.57
C LEU D 107 -14.16 -28.66 -7.73
N GLY D 108 -14.71 -27.67 -8.39
CA GLY D 108 -15.21 -26.49 -7.72
C GLY D 108 -14.06 -25.55 -7.40
N TYR D 109 -12.87 -25.89 -7.88
CA TYR D 109 -11.69 -25.08 -7.62
C TYR D 109 -11.83 -23.71 -8.24
N SER D 110 -11.36 -22.70 -7.53
CA SER D 110 -11.39 -21.34 -8.04
C SER D 110 -10.04 -20.68 -7.78
N ASP D 111 -9.65 -19.74 -8.63
CA ASP D 111 -8.39 -19.03 -8.43
C ASP D 111 -8.47 -18.21 -7.16
N GLY D 112 -7.43 -18.26 -6.35
CA GLY D 112 -7.40 -17.54 -5.10
C GLY D 112 -8.24 -18.26 -4.06
N SER D 113 -8.73 -19.43 -4.44
CA SER D 113 -9.53 -20.27 -3.53
C SER D 113 -8.63 -21.25 -2.79
N ASP D 114 -7.35 -21.22 -3.12
CA ASP D 114 -6.40 -22.13 -2.52
C ASP D 114 -6.40 -21.86 -1.03
N ASP D 115 -6.49 -20.59 -0.66
CA ASP D 115 -6.43 -20.25 0.74
C ASP D 115 -7.59 -20.95 1.43
N THR D 116 -8.75 -20.96 0.77
CA THR D 116 -9.92 -21.58 1.39
C THR D 116 -10.47 -22.88 0.81
N PHE D 117 -9.82 -23.50 -0.16
CA PHE D 117 -10.51 -24.63 -0.78
C PHE D 117 -10.68 -25.78 0.24
N ALA D 118 -11.94 -26.14 0.52
CA ALA D 118 -12.21 -27.20 1.50
C ALA D 118 -13.61 -27.80 1.37
N ALA D 119 -13.81 -28.96 2.00
CA ALA D 119 -15.11 -29.62 2.00
C ALA D 119 -15.74 -29.41 3.38
N TYR D 120 -17.06 -29.25 3.42
CA TYR D 120 -17.76 -29.03 4.69
C TYR D 120 -18.85 -30.03 5.00
N THR D 121 -19.22 -30.83 4.01
CA THR D 121 -20.28 -31.81 4.17
C THR D 121 -19.86 -33.13 3.57
N GLN D 122 -20.40 -34.21 4.11
CA GLN D 122 -20.05 -35.53 3.62
C GLN D 122 -20.47 -35.54 2.17
N GLU D 123 -21.62 -34.95 1.89
CA GLU D 123 -22.06 -34.82 0.51
C GLU D 123 -21.00 -33.97 -0.15
N GLN D 124 -20.56 -32.94 0.55
CA GLN D 124 -19.48 -32.10 0.02
C GLN D 124 -18.19 -32.89 -0.13
N LEU D 125 -17.86 -33.68 0.88
CA LEU D 125 -16.59 -34.39 0.87
C LEU D 125 -16.49 -35.38 -0.27
N TYR D 126 -17.57 -36.11 -0.49
CA TYR D 126 -17.56 -37.18 -1.48
C TYR D 126 -17.34 -36.69 -2.91
N GLN D 127 -17.97 -35.56 -3.25
CA GLN D 127 -18.07 -35.15 -4.64
C GLN D 127 -16.71 -34.90 -5.26
N ALA D 128 -15.82 -34.23 -4.54
CA ALA D 128 -14.50 -33.96 -5.08
C ALA D 128 -13.77 -35.28 -5.29
N ILE D 129 -13.89 -36.18 -4.31
CA ILE D 129 -13.15 -37.42 -4.37
C ILE D 129 -13.63 -38.16 -5.58
N PHE D 130 -14.94 -38.16 -5.80
CA PHE D 130 -15.47 -38.77 -7.00
C PHE D 130 -14.92 -37.96 -8.15
N TYR D 131 -14.91 -36.64 -7.99
CA TYR D 131 -14.50 -35.77 -9.08
C TYR D 131 -13.05 -36.06 -9.40
N ALA D 132 -12.24 -36.20 -8.38
CA ALA D 132 -10.84 -36.51 -8.60
C ALA D 132 -10.77 -37.87 -9.27
N VAL D 133 -11.62 -38.78 -8.81
CA VAL D 133 -11.58 -40.14 -9.30
C VAL D 133 -11.86 -40.11 -10.79
N ASP D 134 -12.78 -39.25 -11.19
CA ASP D 134 -13.19 -39.21 -12.57
C ASP D 134 -12.00 -38.88 -13.45
N GLN D 135 -11.17 -37.97 -12.99
CA GLN D 135 -10.07 -37.49 -13.82
C GLN D 135 -9.12 -38.63 -14.19
N TYR D 136 -8.83 -39.49 -13.22
CA TYR D 136 -7.90 -40.58 -13.48
C TYR D 136 -8.52 -41.45 -14.57
N LEU D 137 -9.82 -41.68 -14.46
CA LEU D 137 -10.52 -42.55 -15.40
C LEU D 137 -10.56 -42.03 -16.84
N ILE D 138 -10.74 -40.73 -16.98
CA ILE D 138 -11.13 -40.10 -18.25
C ILE D 138 -10.09 -39.14 -18.84
N LEU D 139 -8.94 -39.02 -18.18
CA LEU D 139 -7.89 -38.10 -18.62
C LEU D 139 -7.54 -38.07 -20.12
N PRO D 140 -7.27 -39.24 -20.73
CA PRO D 140 -6.93 -39.26 -22.16
C PRO D 140 -7.99 -38.65 -23.05
N GLU D 141 -9.24 -38.68 -22.60
CA GLU D 141 -10.36 -38.15 -23.37
C GLU D 141 -10.73 -36.69 -23.12
N ILE D 142 -10.18 -36.07 -22.06
CA ILE D 142 -10.54 -34.69 -21.78
C ILE D 142 -9.42 -33.67 -21.66
N SER D 143 -8.23 -34.12 -21.27
CA SER D 143 -7.11 -33.21 -21.09
C SER D 143 -6.54 -32.60 -22.37
N LEU D 144 -6.02 -31.38 -22.25
CA LEU D 144 -5.43 -30.67 -23.38
C LEU D 144 -3.96 -31.04 -23.48
N GLY D 145 -3.52 -31.93 -22.60
CA GLY D 145 -2.14 -32.36 -22.62
C GLY D 145 -2.09 -33.83 -22.99
N ARG D 146 -0.89 -34.37 -23.13
CA ARG D 146 -0.74 -35.78 -23.43
C ARG D 146 0.03 -36.43 -22.31
N TYR D 147 -0.68 -37.11 -21.42
CA TYR D 147 -0.04 -37.75 -20.29
C TYR D 147 -0.12 -39.26 -20.36
N ALA D 148 0.97 -39.89 -19.92
CA ALA D 148 1.07 -41.34 -19.86
C ALA D 148 1.54 -41.73 -18.45
N TYR D 149 0.84 -42.67 -17.82
CA TYR D 149 1.22 -43.14 -16.49
C TYR D 149 1.27 -44.67 -16.43
N VAL D 150 2.37 -45.23 -15.95
CA VAL D 150 2.49 -46.69 -15.84
C VAL D 150 3.32 -47.11 -14.64
N ARG D 151 3.00 -48.25 -14.05
CA ARG D 151 3.77 -48.74 -12.90
C ARG D 151 3.79 -47.64 -11.84
N GLY D 152 4.99 -47.31 -11.36
CA GLY D 152 5.18 -46.25 -10.38
C GLY D 152 4.46 -46.26 -9.05
N GLY D 153 4.42 -47.43 -8.41
CA GLY D 153 3.74 -47.62 -7.14
C GLY D 153 4.31 -46.89 -5.94
N GLY D 154 3.42 -46.44 -5.07
CA GLY D 154 3.80 -45.73 -3.87
C GLY D 154 2.71 -45.83 -2.83
N GLY D 155 3.01 -45.46 -1.58
CA GLY D 155 4.33 -45.02 -1.17
C GLY D 155 4.87 -46.05 -0.18
N PRO D 156 3.95 -46.83 0.36
CA PRO D 156 4.28 -48.00 1.17
C PRO D 156 4.76 -49.03 0.11
N TRP D 157 5.52 -50.06 0.49
CA TRP D 157 6.03 -50.98 -0.53
C TRP D 157 4.94 -51.67 -1.36
N ALA D 158 5.10 -51.56 -2.68
CA ALA D 158 4.20 -52.16 -3.67
C ALA D 158 3.00 -51.26 -3.94
N ASN D 159 2.40 -51.32 -5.13
CA ASN D 159 2.89 -52.10 -6.26
C ASN D 159 2.69 -51.24 -7.52
N GLY D 160 1.41 -51.10 -7.86
CA GLY D 160 0.91 -50.35 -9.01
C GLY D 160 -0.39 -49.68 -8.64
N SER D 161 -0.81 -48.67 -9.41
CA SER D 161 -2.06 -47.99 -9.08
C SER D 161 -2.87 -47.62 -10.32
N ALA D 162 -2.40 -46.62 -11.07
CA ALA D 162 -1.19 -45.87 -10.76
C ALA D 162 -1.28 -45.13 -9.44
N LEU D 163 -2.46 -44.59 -9.15
CA LEU D 163 -2.69 -43.84 -7.92
C LEU D 163 -3.52 -44.64 -6.90
N ALA D 164 -3.10 -44.58 -5.65
CA ALA D 164 -3.80 -45.31 -4.58
C ALA D 164 -4.64 -44.38 -3.70
N LEU D 165 -5.91 -44.74 -3.56
CA LEU D 165 -6.85 -43.94 -2.78
C LEU D 165 -6.69 -44.46 -1.34
N CYS D 166 -5.96 -43.71 -0.53
CA CYS D 166 -5.71 -44.14 0.85
C CYS D 166 -6.52 -43.47 1.94
N GLN D 167 -6.77 -44.23 3.00
CA GLN D 167 -7.55 -43.77 4.14
C GLN D 167 -6.77 -44.00 5.43
N ARG D 168 -6.59 -42.94 6.22
CA ARG D 168 -5.89 -43.07 7.50
C ARG D 168 -6.83 -42.71 8.64
N TYR D 169 -6.92 -43.60 9.63
CA TYR D 169 -7.79 -43.39 10.77
C TYR D 169 -7.23 -44.07 12.01
N TYR D 170 -7.70 -43.65 13.17
CA TYR D 170 -7.24 -44.22 14.44
C TYR D 170 -7.65 -45.68 14.56
N HIS D 171 -6.71 -46.54 14.91
CA HIS D 171 -7.02 -47.98 15.07
C HIS D 171 -8.28 -48.13 15.91
N ARG D 172 -8.40 -47.32 16.95
CA ARG D 172 -9.57 -47.33 17.81
C ARG D 172 -9.97 -45.89 18.10
N GLY D 173 -11.22 -45.55 17.78
CA GLY D 173 -11.67 -44.20 18.01
C GLY D 173 -13.10 -44.06 18.49
N HIS D 174 -13.35 -44.43 19.74
CA HIS D 174 -14.67 -44.27 20.31
C HIS D 174 -14.70 -42.81 20.73
N VAL D 175 -15.58 -42.02 20.09
CA VAL D 175 -15.68 -40.59 20.35
C VAL D 175 -17.13 -40.25 20.65
N ASP D 176 -17.39 -39.89 21.91
CA ASP D 176 -18.75 -39.59 22.33
C ASP D 176 -18.88 -38.28 23.09
N PRO D 177 -18.93 -37.16 22.35
CA PRO D 177 -19.05 -35.84 22.98
C PRO D 177 -20.32 -35.67 23.81
N ALA D 178 -21.39 -36.36 23.43
CA ALA D 178 -22.63 -36.25 24.18
C ALA D 178 -22.41 -36.63 25.66
N ASN D 179 -21.52 -37.59 25.93
CA ASN D 179 -21.25 -37.98 27.33
C ASN D 179 -19.87 -37.58 27.80
N ASP D 180 -19.30 -36.63 27.07
CA ASP D 180 -17.99 -36.09 27.31
C ASP D 180 -16.86 -37.11 27.40
N THR D 181 -16.98 -38.21 26.68
CA THR D 181 -15.92 -39.19 26.69
C THR D 181 -15.46 -39.71 25.38
N PHE D 182 -14.29 -40.30 25.46
CA PHE D 182 -13.75 -40.90 24.30
C PHE D 182 -12.80 -41.97 24.76
N ASP D 183 -12.49 -42.86 23.84
CA ASP D 183 -11.56 -43.91 24.13
C ASP D 183 -10.84 -44.15 22.84
N ILE D 184 -9.56 -43.85 22.90
CA ILE D 184 -8.75 -43.86 21.74
C ILE D 184 -7.44 -44.56 21.70
N ASP D 185 -7.25 -45.26 20.59
CA ASP D 185 -5.98 -45.86 20.37
C ASP D 185 -5.54 -45.06 19.18
N PRO D 186 -4.62 -44.13 19.40
CA PRO D 186 -4.15 -43.30 18.30
C PRO D 186 -3.25 -43.85 17.21
N ARG D 187 -2.99 -45.15 17.23
CA ARG D 187 -2.16 -45.73 16.21
C ARG D 187 -2.94 -45.51 14.90
N VAL D 188 -2.26 -45.04 13.87
CA VAL D 188 -2.91 -44.79 12.60
C VAL D 188 -2.89 -45.98 11.67
N VAL D 189 -4.06 -46.30 11.13
CA VAL D 189 -4.19 -47.41 10.22
C VAL D 189 -4.38 -46.83 8.83
N THR D 190 -3.72 -47.39 7.82
CA THR D 190 -3.86 -46.90 6.46
C THR D 190 -4.48 -47.93 5.52
N ASP D 191 -5.70 -47.66 5.07
CA ASP D 191 -6.36 -48.56 4.12
C ASP D 191 -6.28 -47.89 2.75
N CYS D 192 -5.68 -48.57 1.78
CA CYS D 192 -5.57 -48.00 0.44
C CYS D 192 -6.26 -48.87 -0.60
N ILE D 193 -6.96 -48.22 -1.51
CA ILE D 193 -7.61 -48.93 -2.59
C ILE D 193 -6.78 -48.68 -3.83
N GLN D 194 -6.54 -49.72 -4.61
CA GLN D 194 -5.74 -49.57 -5.82
C GLN D 194 -6.65 -49.43 -7.03
N VAL D 195 -6.32 -48.50 -7.90
CA VAL D 195 -7.09 -48.27 -9.11
C VAL D 195 -6.12 -48.38 -10.28
N ASP D 196 -6.43 -49.26 -11.23
CA ASP D 196 -5.58 -49.42 -12.39
C ASP D 196 -6.11 -48.59 -13.53
N PRO D 197 -5.26 -47.78 -14.17
CA PRO D 197 -5.76 -46.97 -15.28
C PRO D 197 -6.31 -47.93 -16.33
N PRO D 198 -7.31 -47.47 -17.10
CA PRO D 198 -7.95 -48.28 -18.15
C PRO D 198 -6.96 -48.93 -19.13
N ASN D 220 -16.52 -46.25 -5.17
CA ASN D 220 -17.25 -45.60 -4.08
C ASN D 220 -16.93 -46.20 -2.72
N LEU D 221 -15.99 -45.57 -2.01
CA LEU D 221 -15.60 -46.01 -0.68
C LEU D 221 -15.82 -44.92 0.36
N THR D 222 -16.43 -45.28 1.48
CA THR D 222 -16.77 -44.30 2.51
C THR D 222 -16.12 -44.56 3.87
N LEU D 223 -15.54 -43.51 4.44
CA LEU D 223 -14.91 -43.60 5.76
C LEU D 223 -15.64 -42.69 6.73
N LYS D 224 -15.85 -43.17 7.95
CA LYS D 224 -16.64 -42.42 8.93
C LYS D 224 -15.97 -41.09 9.26
N PHE D 225 -16.77 -40.04 9.34
CA PHE D 225 -16.26 -38.69 9.46
C PHE D 225 -15.48 -38.48 10.75
N HIS D 226 -16.00 -39.03 11.84
CA HIS D 226 -15.30 -38.95 13.10
C HIS D 226 -14.01 -39.69 12.88
N LYS D 227 -14.11 -40.79 12.14
CA LYS D 227 -12.99 -41.67 11.86
C LYS D 227 -11.82 -41.05 11.10
N LEU D 228 -12.14 -40.18 10.13
CA LEU D 228 -11.11 -39.69 9.21
C LEU D 228 -9.99 -38.93 9.91
N ILE D 229 -8.76 -39.20 9.46
CA ILE D 229 -7.57 -38.49 9.90
C ILE D 229 -7.06 -37.75 8.68
N ASN D 230 -6.89 -38.50 7.59
CA ASN D 230 -6.86 -37.92 6.26
C ASN D 230 -7.05 -38.94 5.13
N VAL D 231 -7.43 -38.44 3.97
CA VAL D 231 -7.60 -39.24 2.77
C VAL D 231 -6.63 -38.65 1.75
N THR D 232 -5.87 -39.51 1.07
CA THR D 232 -4.95 -39.07 0.03
C THR D 232 -5.20 -39.82 -1.26
N ILE D 233 -4.80 -39.19 -2.34
CA ILE D 233 -4.90 -39.78 -3.64
C ILE D 233 -3.56 -39.56 -4.27
N HIS D 234 -2.91 -40.67 -4.60
CA HIS D 234 -1.58 -40.65 -5.16
C HIS D 234 -1.53 -41.25 -6.55
N PHE D 235 -0.95 -40.55 -7.52
CA PHE D 235 -0.78 -41.11 -8.86
C PHE D 235 0.33 -40.38 -9.64
N GLN D 236 0.90 -41.06 -10.63
CA GLN D 236 1.97 -40.45 -11.42
C GLN D 236 1.59 -40.34 -12.88
N LEU D 237 2.00 -39.24 -13.50
CA LEU D 237 1.72 -38.98 -14.90
C LEU D 237 3.02 -38.55 -15.58
N LYS D 238 3.26 -39.07 -16.79
CA LYS D 238 4.46 -38.73 -17.54
C LYS D 238 4.07 -37.87 -18.73
N THR D 239 4.94 -36.94 -19.11
CA THR D 239 4.68 -36.07 -20.23
C THR D 239 6.00 -35.56 -20.78
N ILE D 240 6.01 -35.15 -22.05
CA ILE D 240 7.21 -34.63 -22.71
C ILE D 240 7.16 -33.11 -22.63
N ASN D 241 8.30 -32.50 -22.31
CA ASN D 241 8.37 -31.05 -22.23
C ASN D 241 8.75 -30.48 -23.60
N LEU D 242 7.73 -30.32 -24.45
CA LEU D 242 7.93 -29.82 -25.82
C LEU D 242 8.36 -28.37 -25.96
N GLN D 243 7.93 -27.54 -25.02
CA GLN D 243 8.30 -26.13 -25.07
C GLN D 243 9.80 -25.93 -25.30
N SER D 244 10.61 -26.87 -24.83
CA SER D 244 12.05 -26.77 -25.02
C SER D 244 12.48 -26.39 -26.44
N LEU D 245 11.71 -26.83 -27.43
CA LEU D 245 12.03 -26.56 -28.82
C LEU D 245 12.21 -25.07 -29.11
N ILE D 246 11.46 -24.22 -28.41
CA ILE D 246 11.55 -22.78 -28.61
C ILE D 246 12.91 -22.25 -28.21
N ASN D 247 13.50 -22.85 -27.19
CA ASN D 247 14.81 -22.43 -26.71
C ASN D 247 15.85 -23.33 -27.36
N ASN D 248 15.50 -23.87 -28.52
CA ASN D 248 16.37 -24.76 -29.28
C ASN D 248 16.98 -25.89 -28.46
N GLU D 249 16.17 -26.55 -27.65
CA GLU D 249 16.64 -27.65 -26.83
C GLU D 249 15.81 -28.89 -27.06
N ILE D 250 16.40 -30.04 -26.78
CA ILE D 250 15.69 -31.30 -26.97
C ILE D 250 14.66 -31.46 -25.86
N PRO D 251 13.41 -31.77 -26.23
CA PRO D 251 12.37 -31.96 -25.22
C PRO D 251 12.79 -32.93 -24.13
N ASP D 252 12.40 -32.60 -22.91
CA ASP D 252 12.68 -33.35 -21.68
C ASP D 252 11.59 -34.35 -21.40
N CYS D 253 11.88 -35.30 -20.51
CA CYS D 253 10.91 -36.31 -20.10
C CYS D 253 10.59 -36.12 -18.61
N TYR D 254 9.37 -35.69 -18.34
CA TYR D 254 8.90 -35.44 -16.98
C TYR D 254 7.95 -36.50 -16.44
N THR D 255 8.09 -36.77 -15.15
CA THR D 255 7.20 -37.69 -14.45
C THR D 255 6.71 -36.86 -13.27
N PHE D 256 5.41 -36.58 -13.27
CA PHE D 256 4.79 -35.81 -12.21
C PHE D 256 4.16 -36.74 -11.19
N SER D 257 4.54 -36.56 -9.93
CA SER D 257 3.96 -37.36 -8.87
C SER D 257 2.92 -36.43 -8.27
N ILE D 258 1.66 -36.85 -8.36
CA ILE D 258 0.54 -36.06 -7.87
C ILE D 258 -0.02 -36.58 -6.55
N LEU D 259 -0.14 -35.69 -5.57
CA LEU D 259 -0.70 -36.03 -4.27
C LEU D 259 -1.82 -35.08 -3.91
N ILE D 260 -3.03 -35.62 -3.76
CA ILE D 260 -4.18 -34.83 -3.39
C ILE D 260 -4.46 -35.23 -1.94
N THR D 261 -4.58 -34.24 -1.06
CA THR D 261 -4.84 -34.51 0.35
C THR D 261 -6.11 -33.85 0.84
N PHE D 262 -6.95 -34.64 1.50
CA PHE D 262 -8.19 -34.16 2.10
C PHE D 262 -7.81 -34.30 3.58
N ASP D 263 -7.32 -33.21 4.18
CA ASP D 263 -6.83 -33.21 5.55
C ASP D 263 -7.82 -32.97 6.69
N ASN D 264 -8.04 -34.01 7.50
CA ASN D 264 -8.97 -33.93 8.63
C ASN D 264 -8.26 -34.00 9.97
N LYS D 265 -6.96 -33.73 9.98
CA LYS D 265 -6.20 -33.79 11.21
C LYS D 265 -6.68 -32.86 12.31
N ALA D 266 -7.38 -31.78 11.96
CA ALA D 266 -7.89 -30.86 12.97
C ALA D 266 -9.24 -31.30 13.51
N HIS D 267 -9.89 -32.23 12.81
CA HIS D 267 -11.19 -32.72 13.27
C HIS D 267 -12.06 -31.52 13.65
N SER D 268 -12.06 -30.52 12.77
CA SER D 268 -12.78 -29.27 12.97
C SER D 268 -14.09 -29.11 12.22
N GLY D 269 -14.43 -30.08 11.38
CA GLY D 269 -15.66 -29.97 10.60
C GLY D 269 -15.34 -29.35 9.24
N ARG D 270 -14.10 -28.92 9.11
CA ARG D 270 -13.61 -28.31 7.88
C ARG D 270 -12.46 -29.17 7.36
N ILE D 271 -12.56 -29.61 6.10
CA ILE D 271 -11.49 -30.41 5.54
C ILE D 271 -10.85 -29.72 4.33
N PRO D 272 -9.68 -29.10 4.54
CA PRO D 272 -8.99 -28.42 3.43
C PRO D 272 -8.50 -29.48 2.46
N ILE D 273 -8.58 -29.16 1.17
CA ILE D 273 -8.19 -30.07 0.10
C ILE D 273 -7.08 -29.40 -0.71
N ARG D 274 -5.99 -30.11 -0.94
CA ARG D 274 -4.87 -29.55 -1.69
C ARG D 274 -4.29 -30.57 -2.65
N LEU D 275 -3.58 -30.06 -3.65
CA LEU D 275 -2.94 -30.90 -4.64
C LEU D 275 -1.52 -30.43 -4.80
N GLU D 276 -0.58 -31.35 -4.69
CA GLU D 276 0.82 -30.99 -4.81
C GLU D 276 1.49 -31.91 -5.79
N THR D 277 2.60 -31.45 -6.36
CA THR D 277 3.31 -32.26 -7.33
C THR D 277 4.81 -32.22 -7.11
N LYS D 278 5.45 -33.33 -7.44
CA LYS D 278 6.89 -33.43 -7.38
C LYS D 278 7.22 -33.77 -8.83
N THR D 279 8.32 -33.24 -9.33
CA THR D 279 8.68 -33.49 -10.71
C THR D 279 10.05 -34.13 -10.84
N HIS D 280 10.07 -35.28 -11.52
CA HIS D 280 11.32 -35.98 -11.77
C HIS D 280 11.62 -35.74 -13.25
N ILE D 281 12.78 -35.16 -13.53
CA ILE D 281 13.16 -34.81 -14.89
C ILE D 281 14.38 -35.56 -15.40
N GLN D 282 14.28 -36.12 -16.61
CA GLN D 282 15.37 -36.86 -17.22
C GLN D 282 15.28 -36.81 -18.74
N GLU D 283 16.34 -37.25 -19.41
CA GLU D 283 16.38 -37.30 -20.87
C GLU D 283 15.42 -38.38 -21.31
N CYS D 284 14.85 -38.19 -22.50
CA CYS D 284 13.93 -39.16 -23.08
C CYS D 284 14.70 -40.48 -23.27
N LYS D 285 14.00 -41.51 -23.71
CA LYS D 285 14.61 -42.82 -23.91
C LYS D 285 15.71 -42.90 -24.98
N HIS D 286 15.51 -42.24 -26.11
CA HIS D 286 16.49 -42.27 -27.19
C HIS D 286 17.12 -40.91 -27.48
N PRO D 287 18.45 -40.88 -27.52
CA PRO D 287 19.18 -39.65 -27.79
C PRO D 287 20.63 -39.92 -28.15
N SER D 296 26.58 -32.86 -25.27
CA SER D 296 27.36 -32.57 -24.07
C SER D 296 27.62 -31.08 -23.95
N PHE D 297 28.09 -30.49 -25.07
CA PHE D 297 28.30 -29.06 -25.26
C PHE D 297 28.20 -28.18 -24.04
N ARG D 298 26.97 -27.83 -23.68
CA ARG D 298 26.68 -27.02 -22.51
C ARG D 298 27.12 -27.71 -21.22
N LEU D 299 26.91 -29.02 -21.14
CA LEU D 299 27.33 -29.76 -19.97
C LEU D 299 28.84 -29.68 -19.84
N LEU D 300 29.52 -29.82 -20.98
CA LEU D 300 30.97 -29.75 -20.99
C LEU D 300 31.43 -28.38 -20.54
N PHE D 301 30.72 -27.35 -20.99
CA PHE D 301 31.02 -25.97 -20.61
C PHE D 301 30.84 -25.76 -19.12
N ASP D 302 29.79 -26.36 -18.56
CA ASP D 302 29.51 -26.26 -17.14
C ASP D 302 30.66 -26.92 -16.41
N VAL D 303 31.13 -28.04 -16.93
CA VAL D 303 32.25 -28.75 -16.31
C VAL D 303 33.51 -27.90 -16.33
N VAL D 304 33.74 -27.21 -17.43
CA VAL D 304 34.91 -26.35 -17.55
C VAL D 304 34.80 -25.24 -16.53
N VAL D 305 33.59 -24.71 -16.37
CA VAL D 305 33.35 -23.63 -15.42
C VAL D 305 33.64 -24.12 -14.02
N ILE D 306 33.22 -25.34 -13.74
CA ILE D 306 33.44 -25.93 -12.42
C ILE D 306 34.92 -26.08 -12.17
N LEU D 307 35.66 -26.50 -13.17
CA LEU D 307 37.11 -26.64 -13.04
C LEU D 307 37.74 -25.28 -12.76
N THR D 308 37.26 -24.25 -13.43
CA THR D 308 37.84 -22.93 -13.25
C THR D 308 37.65 -22.53 -11.80
N CYS D 309 36.49 -22.87 -11.26
CA CYS D 309 36.15 -22.50 -9.90
C CYS D 309 37.16 -23.15 -8.96
N SER D 310 37.53 -24.38 -9.26
CA SER D 310 38.48 -25.09 -8.43
C SER D 310 39.80 -24.32 -8.43
N LEU D 311 40.19 -23.83 -9.60
CA LEU D 311 41.43 -23.09 -9.72
C LEU D 311 41.38 -21.82 -8.88
N SER D 312 40.23 -21.16 -8.91
CA SER D 312 40.03 -19.95 -8.12
C SER D 312 40.13 -20.24 -6.63
N PHE D 313 39.55 -21.37 -6.22
CA PHE D 313 39.59 -21.77 -4.83
C PHE D 313 41.04 -22.01 -4.42
N LEU D 314 41.80 -22.63 -5.31
CA LEU D 314 43.21 -22.91 -5.05
C LEU D 314 43.98 -21.60 -4.90
N LEU D 315 43.66 -20.64 -5.75
CA LEU D 315 44.32 -19.35 -5.70
C LEU D 315 44.01 -18.71 -4.35
N CYS D 316 42.76 -18.83 -3.91
CA CYS D 316 42.34 -18.28 -2.64
C CYS D 316 43.08 -18.93 -1.47
N ALA D 317 43.26 -20.24 -1.56
CA ALA D 317 43.97 -20.95 -0.52
C ALA D 317 45.40 -20.44 -0.47
N ARG D 318 45.98 -20.23 -1.64
CA ARG D 318 47.35 -19.73 -1.71
C ARG D 318 47.43 -18.35 -1.07
N SER D 319 46.49 -17.49 -1.41
CA SER D 319 46.48 -16.15 -0.87
C SER D 319 46.33 -16.25 0.64
N LEU D 320 45.48 -17.17 1.05
CA LEU D 320 45.19 -17.35 2.47
C LEU D 320 46.46 -17.75 3.17
N LEU D 321 47.24 -18.62 2.53
CA LEU D 321 48.49 -19.07 3.12
C LEU D 321 49.44 -17.90 3.30
N ARG D 322 49.48 -17.01 2.31
CA ARG D 322 50.35 -15.85 2.37
C ARG D 322 49.92 -14.97 3.54
N GLY D 323 48.61 -14.83 3.69
CA GLY D 323 48.06 -14.03 4.76
C GLY D 323 48.43 -14.62 6.10
N PHE D 324 48.39 -15.94 6.19
CA PHE D 324 48.77 -16.67 7.39
C PHE D 324 50.24 -16.48 7.73
N LEU D 325 51.08 -16.49 6.70
CA LEU D 325 52.51 -16.28 6.90
C LEU D 325 52.69 -14.88 7.45
N LEU D 326 51.93 -13.95 6.91
CA LEU D 326 52.01 -12.57 7.35
C LEU D 326 51.59 -12.46 8.81
N GLN D 327 50.56 -13.21 9.16
CA GLN D 327 50.05 -13.25 10.53
C GLN D 327 51.09 -13.82 11.48
N ASN D 328 51.80 -14.84 11.03
CA ASN D 328 52.88 -15.44 11.81
C ASN D 328 53.99 -14.43 12.02
N GLU D 329 54.26 -13.67 10.97
CA GLU D 329 55.27 -12.64 11.03
C GLU D 329 54.84 -11.61 12.06
N PHE D 330 53.57 -11.20 11.92
CA PHE D 330 52.94 -10.25 12.83
C PHE D 330 52.81 -10.83 14.23
N VAL D 331 52.38 -12.08 14.31
CA VAL D 331 52.30 -12.72 15.61
C VAL D 331 53.70 -12.81 16.16
N VAL D 332 54.63 -13.24 15.31
CA VAL D 332 56.04 -13.26 15.66
C VAL D 332 56.58 -11.85 15.84
N PHE D 333 56.18 -10.97 14.92
CA PHE D 333 56.69 -9.61 14.93
C PHE D 333 56.28 -8.79 16.16
N MET D 334 55.02 -8.86 16.56
CA MET D 334 54.59 -8.07 17.70
C MET D 334 55.30 -8.56 18.94
N TRP D 335 55.33 -9.88 19.11
CA TRP D 335 56.10 -10.51 20.17
C TRP D 335 57.60 -10.43 19.99
N ARG D 336 58.05 -10.66 18.76
CA ARG D 336 59.45 -10.91 18.49
C ARG D 336 60.45 -9.80 18.79
N ARG D 337 60.12 -8.57 18.40
CA ARG D 337 61.08 -7.48 18.49
C ARG D 337 61.53 -7.14 19.91
N ARG D 338 60.57 -7.08 20.83
CA ARG D 338 60.86 -6.74 22.22
C ARG D 338 60.42 -7.83 23.18
N GLY D 339 60.25 -9.05 22.68
CA GLY D 339 59.47 -10.04 23.39
C GLY D 339 58.08 -9.43 23.52
N ARG D 340 57.68 -8.76 22.45
CA ARG D 340 56.61 -7.77 22.45
C ARG D 340 55.22 -8.25 22.79
N GLU D 341 54.51 -7.39 23.51
CA GLU D 341 53.11 -7.56 23.86
C GLU D 341 52.49 -6.21 23.52
N ILE D 342 51.18 -6.16 23.33
CA ILE D 342 50.28 -7.28 23.55
C ILE D 342 49.30 -7.35 22.40
N SER D 343 48.64 -8.50 22.25
CA SER D 343 47.76 -8.71 21.12
C SER D 343 46.57 -7.75 21.08
N LEU D 344 46.27 -7.29 19.87
CA LEU D 344 45.17 -6.38 19.58
C LEU D 344 44.11 -7.05 18.74
N TRP D 345 42.86 -6.93 19.18
CA TRP D 345 41.72 -7.49 18.46
C TRP D 345 41.65 -6.80 17.10
N GLU D 346 41.93 -5.50 17.11
CA GLU D 346 41.91 -4.70 15.89
C GLU D 346 40.51 -4.20 15.57
N ARG D 347 39.56 -4.48 16.45
CA ARG D 347 38.20 -4.04 16.23
C ARG D 347 37.74 -4.54 14.88
N LEU D 348 37.14 -3.65 14.09
CA LEU D 348 36.67 -4.03 12.76
C LEU D 348 37.84 -4.45 11.88
N GLU D 349 38.92 -3.68 11.92
CA GLU D 349 40.12 -3.99 11.14
C GLU D 349 39.85 -4.16 9.65
N PHE D 350 38.97 -3.35 9.08
CA PHE D 350 38.65 -3.47 7.66
C PHE D 350 38.49 -2.12 6.94
N VAL D 351 38.77 -2.09 5.64
CA VAL D 351 39.24 -3.24 4.88
C VAL D 351 38.28 -4.43 5.00
N ASN D 352 38.85 -5.58 5.37
CA ASN D 352 38.09 -6.80 5.53
C ASN D 352 37.40 -7.29 4.28
N GLY D 353 37.95 -8.35 3.70
CA GLY D 353 37.40 -8.97 2.51
C GLY D 353 38.52 -9.66 1.79
N TRP D 354 39.72 -9.13 1.95
CA TRP D 354 40.89 -9.68 1.30
C TRP D 354 40.96 -11.14 1.73
N TYR D 355 40.60 -11.40 2.97
CA TYR D 355 40.63 -12.78 3.46
C TYR D 355 39.22 -13.31 3.67
N ILE D 356 38.35 -12.49 4.24
CA ILE D 356 37.00 -12.95 4.52
C ILE D 356 36.31 -13.27 3.21
N LEU D 357 36.47 -12.39 2.23
CA LEU D 357 35.80 -12.59 0.96
C LEU D 357 36.21 -13.85 0.24
N LEU D 358 37.50 -14.17 0.25
CA LEU D 358 37.97 -15.35 -0.45
C LEU D 358 37.35 -16.61 0.11
N VAL D 359 37.26 -16.70 1.44
CA VAL D 359 36.70 -17.89 2.05
C VAL D 359 35.26 -18.08 1.63
N THR D 360 34.50 -16.98 1.63
CA THR D 360 33.10 -17.07 1.24
C THR D 360 33.07 -17.53 -0.20
N SER D 361 33.98 -16.99 -1.00
CA SER D 361 34.05 -17.35 -2.41
C SER D 361 34.34 -18.83 -2.46
N ASP D 362 35.21 -19.29 -1.57
CA ASP D 362 35.55 -20.69 -1.55
C ASP D 362 34.29 -21.49 -1.24
N VAL D 363 33.49 -20.98 -0.30
CA VAL D 363 32.27 -21.68 0.05
C VAL D 363 31.36 -21.71 -1.16
N LEU D 364 31.26 -20.59 -1.86
CA LEU D 364 30.43 -20.55 -3.04
C LEU D 364 31.00 -21.49 -4.08
N THR D 365 32.32 -21.46 -4.24
CA THR D 365 32.98 -22.32 -5.21
C THR D 365 32.82 -23.79 -4.86
N ILE D 366 32.99 -24.11 -3.58
CA ILE D 366 32.86 -25.48 -3.15
C ILE D 366 31.45 -25.97 -3.41
N SER D 367 30.48 -25.10 -3.13
CA SER D 367 29.08 -25.44 -3.31
C SER D 367 28.70 -25.75 -4.75
N GLY D 368 29.21 -24.98 -5.69
CA GLY D 368 28.85 -25.21 -7.07
C GLY D 368 29.30 -26.58 -7.53
N THR D 369 30.51 -26.96 -7.14
CA THR D 369 31.02 -28.25 -7.53
C THR D 369 30.13 -29.30 -6.89
N VAL D 370 29.78 -29.06 -5.64
CA VAL D 370 28.93 -30.00 -4.92
C VAL D 370 27.57 -30.15 -5.54
N MET D 371 26.95 -29.04 -5.94
CA MET D 371 25.64 -29.13 -6.55
C MET D 371 25.78 -29.93 -7.83
N LYS D 372 26.81 -29.60 -8.60
CA LYS D 372 27.08 -30.31 -9.85
C LYS D 372 27.48 -31.74 -9.56
N ILE D 373 28.25 -31.92 -8.51
CA ILE D 373 28.77 -33.25 -8.13
C ILE D 373 28.17 -34.31 -7.16
N GLY D 374 28.80 -34.54 -6.00
CA GLY D 374 28.41 -35.62 -5.07
C GLY D 374 27.05 -35.77 -4.40
N ILE D 375 26.51 -34.71 -3.80
CA ILE D 375 25.14 -34.74 -3.30
C ILE D 375 24.18 -34.31 -4.45
N GLU D 376 24.63 -33.92 -5.67
CA GLU D 376 23.67 -33.89 -6.78
C GLU D 376 23.15 -35.27 -7.16
N ALA D 377 23.93 -36.32 -6.93
CA ALA D 377 23.32 -37.67 -6.97
C ALA D 377 22.27 -37.98 -5.87
N LYS D 378 21.93 -37.01 -4.99
CA LYS D 378 20.70 -37.04 -4.14
C LYS D 378 19.80 -35.76 -4.27
N ASN D 379 19.56 -35.36 -5.52
CA ASN D 379 19.06 -34.06 -6.00
C ASN D 379 18.52 -32.91 -5.09
N LEU D 380 17.22 -32.83 -4.81
CA LEU D 380 16.51 -31.54 -4.92
C LEU D 380 16.80 -30.40 -3.93
N ALA D 381 16.72 -30.67 -2.63
CA ALA D 381 16.98 -29.63 -1.65
C ALA D 381 18.42 -29.14 -1.77
N SER D 382 19.32 -30.09 -1.97
CA SER D 382 20.75 -29.81 -2.01
C SER D 382 21.08 -28.86 -3.14
N TYR D 383 20.46 -29.07 -4.30
CA TYR D 383 20.74 -28.20 -5.43
C TYR D 383 20.34 -26.78 -5.09
N ASP D 384 19.14 -26.61 -4.55
CA ASP D 384 18.64 -25.28 -4.23
C ASP D 384 19.42 -24.54 -3.16
N VAL D 385 19.80 -25.25 -2.10
CA VAL D 385 20.53 -24.63 -1.01
C VAL D 385 21.89 -24.11 -1.46
N CYS D 386 22.55 -24.90 -2.29
CA CYS D 386 23.88 -24.53 -2.78
C CYS D 386 23.78 -23.24 -3.56
N SER D 387 22.70 -23.07 -4.30
CA SER D 387 22.55 -21.86 -5.09
C SER D 387 22.58 -20.66 -4.18
N ILE D 388 21.99 -20.79 -3.00
CA ILE D 388 21.95 -19.66 -2.09
C ILE D 388 23.35 -19.21 -1.75
N LEU D 389 24.26 -20.15 -1.57
CA LEU D 389 25.63 -19.80 -1.23
C LEU D 389 26.28 -18.97 -2.33
N LEU D 390 25.98 -19.31 -3.58
CA LEU D 390 26.58 -18.63 -4.72
C LEU D 390 26.26 -17.14 -4.70
N GLY D 391 25.05 -16.81 -4.29
CA GLY D 391 24.63 -15.42 -4.27
C GLY D 391 25.50 -14.56 -3.38
N THR D 392 25.94 -15.10 -2.25
CA THR D 392 26.77 -14.32 -1.35
C THR D 392 28.06 -13.90 -2.03
N SER D 393 28.65 -14.80 -2.81
CA SER D 393 29.90 -14.49 -3.49
C SER D 393 29.81 -13.36 -4.53
N THR D 394 28.75 -13.36 -5.33
CA THR D 394 28.62 -12.34 -6.36
C THR D 394 28.51 -10.92 -5.81
N LEU D 395 27.54 -10.75 -4.91
CA LEU D 395 27.36 -9.45 -4.29
C LEU D 395 28.63 -9.23 -3.52
N LEU D 396 29.06 -10.28 -2.80
CA LEU D 396 30.38 -10.29 -2.23
C LEU D 396 31.27 -10.28 -3.46
N VAL D 397 30.91 -11.11 -4.43
CA VAL D 397 31.60 -11.07 -5.70
C VAL D 397 31.33 -9.70 -6.27
N TRP D 398 30.08 -9.25 -6.19
CA TRP D 398 29.78 -7.92 -6.68
C TRP D 398 30.52 -6.90 -5.83
N VAL D 399 30.46 -7.09 -4.52
CA VAL D 399 31.01 -6.12 -3.57
C VAL D 399 32.51 -5.95 -3.65
N GLY D 400 33.21 -7.06 -3.79
CA GLY D 400 34.65 -7.00 -3.78
C GLY D 400 35.16 -6.19 -4.94
N VAL D 401 34.54 -6.38 -6.09
CA VAL D 401 35.04 -5.77 -7.30
C VAL D 401 35.02 -4.26 -7.17
N ILE D 402 33.95 -3.72 -6.63
CA ILE D 402 33.84 -2.28 -6.54
C ILE D 402 34.96 -1.75 -5.65
N ARG D 403 35.18 -2.43 -4.53
CA ARG D 403 36.26 -2.03 -3.63
C ARG D 403 37.59 -2.17 -4.35
N TYR D 404 37.77 -3.29 -5.02
CA TYR D 404 38.94 -3.46 -5.87
C TYR D 404 38.77 -2.41 -6.96
N LEU D 405 37.54 -2.32 -7.44
CA LEU D 405 37.15 -1.44 -8.52
C LEU D 405 37.38 0.02 -8.12
N THR D 406 37.10 0.33 -6.87
CA THR D 406 37.22 1.70 -6.41
C THR D 406 38.67 2.11 -6.63
N PHE D 407 39.58 1.19 -6.37
CA PHE D 407 41.01 1.48 -6.55
C PHE D 407 41.30 2.68 -5.68
N PHE D 408 40.65 2.68 -4.52
CA PHE D 408 40.64 3.83 -3.64
C PHE D 408 39.47 4.74 -4.03
N HIS D 409 38.84 4.43 -5.16
CA HIS D 409 37.63 5.11 -5.56
C HIS D 409 37.89 6.61 -5.54
N LYS D 410 39.04 7.02 -6.03
CA LYS D 410 39.45 8.41 -5.85
C LYS D 410 39.47 8.78 -4.36
N TYR D 411 40.09 7.93 -3.56
CA TYR D 411 40.19 8.16 -2.12
C TYR D 411 39.11 7.48 -1.29
N ASN D 412 38.23 6.73 -1.96
CA ASN D 412 37.33 5.81 -1.29
C ASN D 412 36.47 6.39 -0.17
N ILE D 413 35.92 7.59 -0.39
CA ILE D 413 35.14 8.26 0.64
C ILE D 413 33.89 7.48 1.06
N LEU D 414 33.19 6.90 0.10
CA LEU D 414 31.96 6.18 0.40
C LEU D 414 32.22 4.99 1.31
N ILE D 415 33.33 4.30 1.05
CA ILE D 415 33.69 3.10 1.79
C ILE D 415 33.92 3.37 3.27
N ALA D 416 34.58 4.49 3.57
CA ALA D 416 34.87 4.83 4.96
C ALA D 416 33.58 5.00 5.72
N THR D 417 32.60 5.63 5.08
CA THR D 417 31.34 5.96 5.73
C THR D 417 30.69 4.80 6.48
N LEU D 418 30.73 3.61 5.89
CA LEU D 418 30.05 2.47 6.50
C LEU D 418 30.58 2.07 7.88
N ARG D 419 31.90 2.10 8.04
CA ARG D 419 32.54 1.55 9.23
C ARG D 419 32.19 2.20 10.57
N VAL D 420 32.13 3.52 10.61
CA VAL D 420 31.92 4.21 11.87
C VAL D 420 30.58 3.84 12.50
N ALA D 421 29.56 3.74 11.67
CA ALA D 421 28.18 3.56 12.12
C ALA D 421 27.93 2.27 12.90
N LEU D 422 28.53 1.19 12.45
CA LEU D 422 28.22 -0.11 13.03
C LEU D 422 28.57 -0.07 14.51
N PRO D 423 29.68 0.59 14.82
CA PRO D 423 30.17 0.63 16.20
C PRO D 423 29.12 1.27 17.07
N SER D 424 28.46 2.30 16.56
CA SER D 424 27.44 3.00 17.34
C SER D 424 26.12 2.34 17.02
N VAL D 425 25.93 2.03 15.75
CA VAL D 425 24.71 1.41 15.27
C VAL D 425 24.46 0.04 15.88
N MET D 426 25.51 -0.75 16.04
CA MET D 426 25.32 -2.08 16.60
C MET D 426 24.75 -1.93 18.00
N ARG D 427 25.30 -0.99 18.76
CA ARG D 427 24.81 -0.76 20.11
C ARG D 427 23.38 -0.28 19.97
N PHE D 428 23.18 0.58 18.98
CA PHE D 428 21.87 1.13 18.70
C PHE D 428 20.88 0.04 18.28
N CYS D 429 21.36 -0.90 17.48
CA CYS D 429 20.49 -1.96 17.02
C CYS D 429 19.94 -2.80 18.16
N CYS D 430 20.78 -3.13 19.12
CA CYS D 430 20.32 -3.95 20.24
C CYS D 430 19.25 -3.26 21.08
N CYS D 431 19.47 -1.99 21.39
CA CYS D 431 18.49 -1.28 22.20
C CYS D 431 17.20 -1.27 21.43
N VAL D 432 17.31 -1.03 20.13
CA VAL D 432 16.14 -0.98 19.27
C VAL D 432 15.46 -2.33 19.29
N ALA D 433 16.24 -3.39 19.25
CA ALA D 433 15.67 -4.72 19.28
C ALA D 433 14.96 -4.80 20.62
N VAL D 434 15.61 -4.26 21.64
CA VAL D 434 15.02 -4.28 22.97
C VAL D 434 13.72 -3.50 22.97
N ILE D 435 13.72 -2.33 22.36
CA ILE D 435 12.50 -1.53 22.33
C ILE D 435 11.51 -2.39 21.55
N TYR D 436 12.02 -2.98 20.50
CA TYR D 436 11.22 -3.83 19.65
C TYR D 436 10.73 -5.08 20.34
N LEU D 437 11.57 -5.70 21.17
CA LEU D 437 11.11 -6.95 21.77
C LEU D 437 9.81 -6.73 22.55
N GLY D 438 9.75 -5.64 23.30
CA GLY D 438 8.56 -5.30 24.04
C GLY D 438 7.42 -5.05 23.10
N TYR D 439 7.71 -4.36 22.01
CA TYR D 439 6.66 -4.07 21.04
C TYR D 439 6.11 -5.39 20.51
N CYS D 440 7.01 -6.33 20.24
CA CYS D 440 6.63 -7.64 19.73
C CYS D 440 5.76 -8.40 20.71
N PHE D 441 6.10 -8.35 21.99
CA PHE D 441 5.29 -9.03 23.00
C PHE D 441 3.88 -8.43 23.04
N CYS D 442 3.76 -7.13 22.82
CA CYS D 442 2.44 -6.58 22.94
C CYS D 442 1.63 -7.41 21.96
N GLY D 443 2.23 -7.74 20.82
CA GLY D 443 1.51 -8.46 19.81
C GLY D 443 1.02 -9.81 20.30
N TRP D 444 1.84 -10.54 21.04
CA TRP D 444 1.43 -11.87 21.45
C TRP D 444 0.18 -11.84 22.33
N ILE D 445 0.17 -10.95 23.32
CA ILE D 445 -1.01 -10.84 24.18
C ILE D 445 -2.24 -10.28 23.49
N VAL D 446 -2.04 -9.20 22.74
CA VAL D 446 -3.13 -8.48 22.08
C VAL D 446 -3.84 -9.26 20.99
N LEU D 447 -3.06 -9.99 20.21
CA LEU D 447 -3.49 -10.54 18.94
C LEU D 447 -4.64 -11.52 18.99
N GLY D 448 -4.64 -12.39 19.99
CA GLY D 448 -5.52 -13.53 19.95
C GLY D 448 -6.96 -13.07 19.84
N PRO D 449 -7.30 -12.00 20.55
CA PRO D 449 -8.69 -11.57 20.60
C PRO D 449 -9.25 -11.17 19.24
N TYR D 450 -8.50 -10.42 18.44
CA TYR D 450 -9.02 -10.00 17.15
C TYR D 450 -8.00 -9.84 16.03
N HIS D 451 -8.43 -10.14 14.81
CA HIS D 451 -7.58 -9.98 13.64
C HIS D 451 -6.84 -11.29 13.41
N VAL D 452 -6.38 -11.52 12.18
CA VAL D 452 -5.58 -12.68 11.89
C VAL D 452 -4.12 -12.28 11.71
N LYS D 453 -3.89 -10.99 11.50
CA LYS D 453 -2.56 -10.53 11.15
C LYS D 453 -1.61 -10.85 12.28
N PHE D 454 -2.05 -10.63 13.50
CA PHE D 454 -1.24 -10.92 14.65
C PHE D 454 -1.84 -12.17 15.26
N ARG D 455 -1.01 -13.13 15.61
CA ARG D 455 -1.55 -14.39 16.15
C ARG D 455 -0.45 -15.32 16.69
N SER D 456 0.75 -15.17 16.13
CA SER D 456 1.92 -16.00 16.41
C SER D 456 3.18 -15.17 16.15
N LEU D 457 4.35 -15.71 16.48
CA LEU D 457 5.58 -14.94 16.33
C LEU D 457 5.83 -14.46 14.90
N SER D 458 5.66 -15.35 13.93
CA SER D 458 4.49 -15.56 13.14
C SER D 458 4.15 -14.23 12.47
N MET D 459 2.91 -13.82 12.65
CA MET D 459 2.45 -12.51 12.19
C MET D 459 3.25 -11.44 12.91
N VAL D 460 3.57 -11.68 14.17
CA VAL D 460 4.18 -10.68 15.02
C VAL D 460 5.44 -10.25 14.30
N SER D 461 6.10 -11.20 13.65
CA SER D 461 7.17 -10.85 12.75
C SER D 461 6.57 -9.99 11.63
N GLU D 462 5.39 -10.36 11.16
CA GLU D 462 4.77 -9.69 10.00
C GLU D 462 4.49 -8.22 10.24
N CYS D 463 4.12 -7.90 11.47
CA CYS D 463 3.80 -6.52 11.83
C CYS D 463 5.03 -5.67 11.63
N LEU D 464 6.19 -6.25 11.91
CA LEU D 464 7.44 -5.51 11.94
C LEU D 464 7.56 -4.86 10.57
N PHE D 465 7.03 -5.52 9.57
CA PHE D 465 6.93 -4.92 8.26
C PHE D 465 6.05 -3.67 8.33
N SER D 466 4.98 -3.71 9.10
CA SER D 466 4.01 -2.62 9.04
C SER D 466 4.56 -1.25 9.46
N LEU D 467 5.31 -1.20 10.54
CA LEU D 467 5.75 0.09 11.06
C LEU D 467 6.66 0.83 10.11
N ILE D 468 7.61 0.13 9.53
CA ILE D 468 8.55 0.71 8.59
C ILE D 468 7.90 1.21 7.30
N ASN D 469 6.93 0.45 6.81
CA ASN D 469 6.39 0.64 5.48
C ASN D 469 4.88 0.73 5.41
N GLY D 470 4.39 1.36 4.35
CA GLY D 470 3.00 1.71 4.19
C GLY D 470 1.95 0.63 4.12
N ASP D 471 2.23 -0.49 3.48
CA ASP D 471 1.16 -1.36 3.03
C ASP D 471 0.32 -1.84 4.19
N ASP D 472 0.96 -2.13 5.32
CA ASP D 472 0.25 -2.52 6.53
C ASP D 472 -0.64 -1.46 7.19
N MET D 473 -0.16 -0.23 7.27
CA MET D 473 -0.74 0.75 8.17
C MET D 473 -2.21 1.09 7.92
N PHE D 474 -2.59 1.30 6.67
CA PHE D 474 -3.97 1.56 6.37
C PHE D 474 -4.85 0.36 6.69
N VAL D 475 -4.41 -0.83 6.30
CA VAL D 475 -5.29 -2.00 6.40
C VAL D 475 -5.66 -2.50 7.79
N THR D 476 -4.67 -2.68 8.67
CA THR D 476 -4.95 -3.07 10.05
C THR D 476 -5.54 -2.01 10.98
N PHE D 477 -4.92 -0.83 10.92
CA PHE D 477 -5.14 0.24 11.88
C PHE D 477 -6.57 0.70 11.80
N ALA D 478 -7.07 0.76 10.58
CA ALA D 478 -8.44 1.21 10.34
C ALA D 478 -9.38 0.01 10.27
N ALA D 479 -8.93 -1.06 9.61
CA ALA D 479 -9.77 -2.21 9.46
C ALA D 479 -10.04 -2.70 10.87
N MET D 480 -9.00 -2.64 11.69
CA MET D 480 -9.11 -3.08 13.07
C MET D 480 -10.09 -2.22 13.88
N GLN D 481 -10.08 -0.92 13.65
CA GLN D 481 -10.86 -0.02 14.49
C GLN D 481 -12.36 -0.24 14.46
N ALA D 482 -12.95 -0.39 13.26
CA ALA D 482 -14.36 -0.74 13.20
C ALA D 482 -14.41 -2.12 13.80
N GLN D 483 -13.47 -2.94 13.35
CA GLN D 483 -13.02 -4.13 14.03
C GLN D 483 -13.92 -5.35 13.87
N GLN D 484 -13.35 -6.51 14.16
CA GLN D 484 -14.07 -7.64 14.72
C GLN D 484 -14.50 -7.14 16.10
N GLY D 485 -13.57 -6.43 16.76
CA GLY D 485 -13.79 -5.83 18.04
C GLY D 485 -14.16 -6.78 19.14
N HIS D 486 -15.22 -6.44 19.86
CA HIS D 486 -15.64 -7.19 21.02
C HIS D 486 -14.87 -6.53 22.16
N SER D 487 -15.35 -6.66 23.38
CA SER D 487 -14.68 -6.06 24.52
C SER D 487 -14.57 -4.55 24.36
N SER D 488 -15.39 -3.82 25.09
CA SER D 488 -15.41 -2.38 24.91
C SER D 488 -14.03 -1.83 25.23
N LEU D 489 -13.40 -2.35 26.28
CA LEU D 489 -12.07 -1.90 26.66
C LEU D 489 -11.05 -2.18 25.56
N VAL D 490 -11.13 -3.36 24.97
CA VAL D 490 -10.17 -3.75 23.95
C VAL D 490 -10.23 -2.80 22.78
N TRP D 491 -11.44 -2.42 22.39
CA TRP D 491 -11.63 -1.48 21.31
C TRP D 491 -10.97 -0.19 21.77
N LEU D 492 -11.17 0.13 23.04
CA LEU D 492 -10.42 1.19 23.67
C LEU D 492 -8.97 0.73 23.70
N PHE D 493 -8.78 -0.54 24.03
CA PHE D 493 -7.44 -1.09 24.15
C PHE D 493 -6.63 -1.12 22.86
N SER D 494 -7.27 -1.53 21.77
CA SER D 494 -6.56 -1.72 20.51
C SER D 494 -5.97 -0.43 19.94
N GLN D 495 -6.75 0.63 19.99
CA GLN D 495 -6.27 1.94 19.57
C GLN D 495 -5.17 2.42 20.50
N LEU D 496 -5.35 2.18 21.79
CA LEU D 496 -4.51 2.77 22.81
C LEU D 496 -3.09 2.35 22.57
N TYR D 497 -2.92 1.09 22.18
CA TYR D 497 -1.60 0.50 22.05
C TYR D 497 -1.07 0.56 20.63
N LEU D 498 -1.91 0.21 19.66
CA LEU D 498 -1.46 0.13 18.28
C LEU D 498 -1.04 1.53 17.89
N TYR D 499 -1.83 2.50 18.34
CA TYR D 499 -1.56 3.89 18.06
C TYR D 499 -0.23 4.21 18.71
N SER D 500 -0.02 3.67 19.89
CA SER D 500 1.22 3.93 20.58
C SER D 500 2.32 3.39 19.69
N PHE D 501 2.06 2.24 19.09
CA PHE D 501 3.09 1.53 18.35
C PHE D 501 3.64 2.25 17.13
N ILE D 502 2.78 2.88 16.33
CA ILE D 502 3.26 3.49 15.11
C ILE D 502 4.24 4.62 15.39
N SER D 503 3.93 5.44 16.37
CA SER D 503 4.72 6.63 16.65
C SER D 503 6.16 6.49 17.14
N LEU D 504 6.39 5.59 18.09
CA LEU D 504 7.67 5.60 18.79
C LEU D 504 8.88 5.31 17.91
N PHE D 505 8.77 4.28 17.08
CA PHE D 505 9.83 3.93 16.15
C PHE D 505 10.05 4.98 15.07
N ILE D 506 8.95 5.52 14.55
CA ILE D 506 9.00 6.38 13.38
C ILE D 506 9.79 7.66 13.63
N TYR D 507 9.57 8.32 14.75
CA TYR D 507 10.38 9.47 15.09
C TYR D 507 11.83 9.06 15.35
N MET D 508 11.98 7.96 16.09
CA MET D 508 13.30 7.47 16.47
C MET D 508 14.16 6.96 15.33
N VAL D 509 13.54 6.22 14.41
CA VAL D 509 14.28 5.45 13.43
C VAL D 509 15.14 6.32 12.54
N LEU D 510 14.59 7.45 12.10
CA LEU D 510 15.35 8.34 11.26
C LEU D 510 16.54 8.84 12.06
N SER D 511 16.29 9.14 13.33
CA SER D 511 17.34 9.65 14.19
C SER D 511 18.44 8.62 14.32
N LEU D 512 18.03 7.36 14.47
CA LEU D 512 19.02 6.32 14.62
C LEU D 512 19.84 6.28 13.35
N PHE D 513 19.18 6.33 12.21
CA PHE D 513 19.87 6.55 10.96
C PHE D 513 20.43 7.97 10.92
N ILE D 514 19.59 8.91 11.34
CA ILE D 514 19.95 10.31 11.35
C ILE D 514 21.06 10.54 12.34
N ALA D 515 20.86 10.12 13.58
CA ALA D 515 21.84 10.40 14.62
C ALA D 515 23.12 9.74 14.16
N LEU D 516 22.99 8.52 13.64
CA LEU D 516 24.10 7.90 12.94
C LEU D 516 24.35 8.73 11.69
N ILE D 517 23.28 9.13 11.03
CA ILE D 517 23.41 9.87 9.79
C ILE D 517 24.13 11.17 10.12
N THR D 518 23.73 11.79 11.22
CA THR D 518 24.47 12.93 11.72
C THR D 518 25.84 12.37 12.06
N GLY D 519 25.82 11.17 12.66
CA GLY D 519 27.06 10.53 13.05
C GLY D 519 27.84 10.28 11.79
N ALA D 520 27.15 9.86 10.75
CA ALA D 520 27.80 9.66 9.46
C ALA D 520 28.32 11.03 9.08
N TYR D 521 27.50 12.04 9.31
CA TYR D 521 27.93 13.41 9.11
C TYR D 521 29.06 13.60 10.11
N ASP D 522 28.87 13.06 11.31
CA ASP D 522 29.92 13.11 12.31
C ASP D 522 31.06 12.33 11.70
N THR D 523 30.71 11.20 11.08
CA THR D 523 31.68 10.45 10.30
C THR D 523 32.08 11.38 9.17
N ILE D 524 31.08 12.08 8.63
CA ILE D 524 31.30 13.06 7.59
C ILE D 524 32.13 14.25 8.02
N LYS D 525 31.89 14.76 9.23
CA LYS D 525 32.55 15.99 9.64
C LYS D 525 34.04 15.76 9.65
N HIS D 526 34.46 14.63 10.22
CA HIS D 526 35.83 14.19 10.06
C HIS D 526 36.00 13.88 8.60
N PRO D 527 34.96 13.24 8.05
CA PRO D 527 34.94 12.81 6.65
C PRO D 527 35.01 13.94 5.64
N GLY D 528 34.32 15.04 5.94
CA GLY D 528 34.12 16.08 4.96
C GLY D 528 35.43 16.67 4.47
N GLY D 529 36.38 16.86 5.39
CA GLY D 529 37.67 17.43 5.05
C GLY D 529 38.25 16.88 3.76
N GLU D 536 50.63 -0.02 12.25
CA GLU D 536 50.55 0.37 10.83
C GLU D 536 51.07 1.80 10.65
N LEU D 537 50.59 2.66 11.53
CA LEU D 537 50.95 4.08 11.54
C LEU D 537 52.46 4.24 11.69
N GLN D 538 52.98 3.49 12.65
CA GLN D 538 54.42 3.47 12.98
C GLN D 538 55.23 3.09 11.74
N ALA D 539 54.76 2.03 11.11
CA ALA D 539 55.38 1.48 9.89
C ALA D 539 55.45 2.55 8.81
N TYR D 540 54.32 3.21 8.64
CA TYR D 540 54.15 4.28 7.64
C TYR D 540 55.18 5.39 7.90
N ILE D 541 55.27 5.76 9.16
CA ILE D 541 56.19 6.81 9.63
C ILE D 541 57.62 6.44 9.26
N GLU D 542 57.96 5.20 9.56
CA GLU D 542 59.28 4.63 9.30
C GLU D 542 59.61 4.74 7.81
N GLN D 543 58.64 4.35 7.02
CA GLN D 543 58.75 4.37 5.55
C GLN D 543 59.05 5.78 5.07
#